data_6YCA
#
_entry.id   6YCA
#
_cell.length_a   118.390
_cell.length_b   150.690
_cell.length_c   166.740
_cell.angle_alpha   90.000
_cell.angle_beta   90.000
_cell.angle_gamma   90.000
#
_symmetry.space_group_name_H-M   'P 21 21 21'
#
loop_
_entity.id
_entity.type
_entity.pdbx_description
1 polymer 'Uncharacterized N-acetyltransferase D2E76_00625'
2 non-polymer 'ACETYL COENZYME *A'
3 non-polymer 'SULFATE ION'
#
_entity_poly.entity_id   1
_entity_poly.type   'polypeptide(L)'
_entity_poly.pdbx_seq_one_letter_code
;GAFTAQPQWPGASRRNNTGQEAVTDIRFLQSRAEHERAFTVFWRAMVGLPALGAVAADELLELGRYLGAFVQGELIGGAD
SYTSWLTVPGGSRVPHAAVTHIGVLPTHTRRGILTALVTRQLTDIAGRGEIVASLRASEAVIYRRFGYGIATSSATYRIQ
RRRAAPLRPIDTGAIALLDAAASPEGLAAIYERAAWTGSVARPPQWWRLHELFDAADPVKPYVVTHPDGYVRYRPQDTAE
WFSSSARTISVDDLVAHSDEAYRALVGHLLDLDLVDVIELGPRPIDDPLPHLVTDPRAVAVAGIRDETWLRLVDVEAALA
ARTYTDGAPVVIEVQDTLLPHNAARFSVSSDKVRRTQHTPDISVDVAALGSVYLGGNTWTRLERAGLVSAQSPGAIRAAD
ALFSTGTQPFAGTNF
;
_entity_poly.pdbx_strand_id   A,B,C,D,E,F
#
loop_
_chem_comp.id
_chem_comp.type
_chem_comp.name
_chem_comp.formula
ACO non-polymer 'ACETYL COENZYME *A' 'C23 H38 N7 O17 P3 S'
SO4 non-polymer 'SULFATE ION' 'O4 S -2'
#
# COMPACT_ATOMS: atom_id res chain seq x y z
N THR A 24 0.81 -24.26 45.04
CA THR A 24 -0.19 -23.83 44.08
C THR A 24 -1.48 -24.66 44.17
N ASP A 25 -2.61 -23.98 44.32
CA ASP A 25 -3.90 -24.61 44.52
C ASP A 25 -4.83 -24.30 43.35
N ILE A 26 -5.51 -25.32 42.85
CA ILE A 26 -6.46 -25.19 41.74
C ILE A 26 -7.84 -25.55 42.29
N ARG A 27 -8.69 -24.54 42.44
CA ARG A 27 -10.05 -24.75 42.94
C ARG A 27 -11.03 -23.87 42.19
N PHE A 28 -12.31 -24.22 42.30
CA PHE A 28 -13.36 -23.42 41.68
C PHE A 28 -13.60 -22.16 42.49
N LEU A 29 -13.83 -21.05 41.78
CA LEU A 29 -14.15 -19.80 42.45
C LEU A 29 -15.55 -19.88 43.04
N GLN A 30 -15.73 -19.26 44.20
CA GLN A 30 -17.02 -19.33 44.88
C GLN A 30 -17.40 -18.00 45.56
N SER A 31 -17.12 -16.88 44.90
CA SER A 31 -17.50 -15.58 45.43
C SER A 31 -17.48 -14.57 44.29
N ARG A 32 -18.25 -13.48 44.47
CA ARG A 32 -18.26 -12.41 43.47
C ARG A 32 -16.90 -11.70 43.41
N ALA A 33 -16.20 -11.60 44.55
CA ALA A 33 -14.88 -10.99 44.53
C ALA A 33 -13.89 -11.82 43.71
N GLU A 34 -13.95 -13.14 43.83
CA GLU A 34 -13.06 -14.00 43.07
C GLU A 34 -13.39 -13.96 41.57
N HIS A 35 -14.69 -13.97 41.22
CA HIS A 35 -15.06 -13.93 39.81
C HIS A 35 -14.57 -12.65 39.15
N GLU A 36 -14.66 -11.52 39.85
CA GLU A 36 -14.20 -10.26 39.27
C GLU A 36 -12.69 -10.25 39.07
N ARG A 37 -11.95 -10.87 40.00
CA ARG A 37 -10.50 -10.93 39.85
C ARG A 37 -10.10 -11.85 38.71
N ALA A 38 -10.78 -12.97 38.54
CA ALA A 38 -10.49 -13.86 37.44
C ALA A 38 -10.73 -13.20 36.08
N PHE A 39 -11.72 -12.31 36.00
CA PHE A 39 -11.96 -11.58 34.76
C PHE A 39 -10.80 -10.65 34.45
N THR A 40 -10.32 -9.91 35.45
CA THR A 40 -9.18 -9.03 35.24
C THR A 40 -7.92 -9.82 34.91
N VAL A 41 -7.77 -11.01 35.50
CA VAL A 41 -6.62 -11.86 35.21
C VAL A 41 -6.67 -12.36 33.77
N PHE A 42 -7.85 -12.79 33.32
CA PHE A 42 -7.98 -13.24 31.94
C PHE A 42 -7.76 -12.11 30.95
N TRP A 43 -8.34 -10.93 31.23
CA TRP A 43 -8.14 -9.79 30.33
C TRP A 43 -6.67 -9.40 30.28
N ARG A 44 -5.98 -9.50 31.41
CA ARG A 44 -4.56 -9.16 31.46
C ARG A 44 -3.75 -10.15 30.62
N ALA A 45 -4.11 -11.43 30.69
CA ALA A 45 -3.40 -12.44 29.91
C ALA A 45 -3.62 -12.24 28.41
N MET A 46 -4.84 -11.87 28.00
CA MET A 46 -5.14 -11.58 26.60
C MET A 46 -4.46 -10.31 26.11
N VAL A 47 -4.00 -9.45 27.01
CA VAL A 47 -3.26 -8.24 26.68
C VAL A 47 -4.12 -7.23 25.93
N GLY A 48 -4.51 -7.58 24.70
CA GLY A 48 -5.15 -6.61 23.84
C GLY A 48 -6.60 -6.87 23.53
N LEU A 49 -7.30 -7.46 24.47
CA LEU A 49 -8.73 -7.70 24.30
C LEU A 49 -9.48 -6.40 24.60
N PRO A 50 -10.56 -6.10 23.86
CA PRO A 50 -11.26 -4.82 24.04
C PRO A 50 -11.82 -4.54 25.44
N ALA A 51 -12.42 -3.36 25.59
CA ALA A 51 -12.66 -2.77 26.91
C ALA A 51 -13.67 -3.54 27.75
N LEU A 52 -14.62 -4.22 27.10
CA LEU A 52 -15.65 -4.95 27.84
C LEU A 52 -15.04 -5.96 28.81
N VAL A 55 -20.93 -2.96 33.80
CA VAL A 55 -20.85 -4.35 33.37
C VAL A 55 -20.29 -5.23 34.50
N ALA A 56 -21.11 -6.16 34.99
CA ALA A 56 -20.74 -7.04 36.09
C ALA A 56 -20.36 -8.42 35.55
N ALA A 57 -19.47 -9.10 36.29
CA ALA A 57 -19.09 -10.45 35.87
C ALA A 57 -20.24 -11.44 36.07
N ASP A 58 -21.11 -11.17 37.03
CA ASP A 58 -22.23 -12.07 37.32
C ASP A 58 -23.19 -12.18 36.13
N GLU A 59 -23.28 -11.15 35.28
CA GLU A 59 -24.23 -11.20 34.18
C GLU A 59 -23.68 -11.94 32.98
N LEU A 60 -22.36 -11.98 32.81
CA LEU A 60 -21.75 -12.65 31.68
C LEU A 60 -21.20 -14.03 32.00
N LEU A 61 -21.37 -14.50 33.22
CA LEU A 61 -20.79 -15.77 33.65
C LEU A 61 -21.88 -16.73 34.13
N GLU A 62 -21.55 -18.02 34.08
CA GLU A 62 -22.37 -19.06 34.68
C GLU A 62 -21.63 -19.52 35.93
N LEU A 63 -22.26 -19.32 37.09
CA LEU A 63 -21.59 -19.57 38.35
C LEU A 63 -21.39 -21.05 38.60
N GLY A 64 -20.16 -21.41 38.98
CA GLY A 64 -19.86 -22.78 39.35
C GLY A 64 -19.07 -23.56 38.33
N ARG A 65 -18.44 -22.87 37.39
CA ARG A 65 -17.71 -23.52 36.31
C ARG A 65 -16.36 -22.85 36.11
N TYR A 66 -15.99 -21.92 36.98
CA TYR A 66 -14.79 -21.13 36.81
C TYR A 66 -13.75 -21.65 37.77
N LEU A 67 -12.67 -22.18 37.20
CA LEU A 67 -11.54 -22.67 37.99
C LEU A 67 -10.52 -21.56 38.14
N GLY A 68 -9.88 -21.52 39.29
CA GLY A 68 -8.88 -20.52 39.57
C GLY A 68 -7.58 -21.17 39.99
N ALA A 69 -6.48 -20.51 39.65
CA ALA A 69 -5.15 -20.94 40.02
C ALA A 69 -4.61 -19.94 41.03
N PHE A 70 -4.34 -20.41 42.24
CA PHE A 70 -3.90 -19.56 43.34
C PHE A 70 -2.47 -19.94 43.69
N VAL A 71 -1.57 -18.96 43.69
CA VAL A 71 -0.22 -19.12 44.22
C VAL A 71 -0.04 -18.15 45.38
N GLN A 72 0.29 -18.68 46.54
CA GLN A 72 0.38 -17.91 47.78
C GLN A 72 -0.91 -17.12 48.00
N GLY A 73 -2.01 -17.87 48.11
CA GLY A 73 -3.33 -17.26 48.32
C GLY A 73 -3.67 -16.11 47.41
N GLU A 74 -3.31 -16.20 46.14
CA GLU A 74 -3.48 -15.11 45.20
C GLU A 74 -3.90 -15.66 43.84
N LEU A 75 -5.02 -15.18 43.31
CA LEU A 75 -5.52 -15.69 42.04
C LEU A 75 -4.67 -15.16 40.90
N ILE A 76 -4.02 -16.06 40.16
CA ILE A 76 -3.08 -15.69 39.13
C ILE A 76 -3.36 -16.32 37.78
N GLY A 77 -4.44 -17.09 37.65
CA GLY A 77 -4.82 -17.70 36.39
C GLY A 77 -6.15 -18.39 36.55
N GLY A 78 -6.71 -18.82 35.42
CA GLY A 78 -8.01 -19.47 35.49
C GLY A 78 -8.46 -20.03 34.16
N ALA A 79 -9.56 -20.78 34.22
CA ALA A 79 -10.18 -21.39 33.06
C ALA A 79 -11.65 -21.60 33.38
N ASP A 80 -12.53 -21.19 32.45
CA ASP A 80 -13.97 -21.20 32.63
C ASP A 80 -14.62 -21.99 31.51
N SER A 81 -15.91 -22.27 31.68
CA SER A 81 -16.68 -22.97 30.66
C SER A 81 -18.15 -22.67 30.86
N TYR A 82 -18.95 -22.98 29.84
CA TYR A 82 -20.39 -22.80 29.87
C TYR A 82 -21.08 -24.12 29.55
N THR A 83 -22.23 -24.32 30.16
CA THR A 83 -23.08 -25.47 29.83
C THR A 83 -23.68 -25.24 28.45
N SER A 84 -23.36 -26.13 27.52
CA SER A 84 -23.74 -25.93 26.13
C SER A 84 -24.06 -27.27 25.49
N TRP A 85 -24.43 -27.22 24.21
CA TRP A 85 -24.58 -28.43 23.40
C TRP A 85 -23.83 -28.23 22.09
N LEU A 86 -23.59 -29.35 21.39
CA LEU A 86 -22.89 -29.33 20.12
C LEU A 86 -23.55 -30.34 19.19
N THR A 87 -23.84 -29.91 17.96
CA THR A 87 -24.50 -30.76 16.97
C THR A 87 -23.46 -31.60 16.24
N VAL A 88 -23.56 -32.92 16.37
CA VAL A 88 -22.66 -33.88 15.74
C VAL A 88 -23.30 -34.40 14.46
N PRO A 89 -22.56 -35.03 13.55
CA PRO A 89 -23.17 -35.55 12.31
C PRO A 89 -24.37 -36.43 12.59
N GLY A 90 -25.47 -36.14 11.89
CA GLY A 90 -26.74 -36.78 12.12
C GLY A 90 -27.74 -35.92 12.86
N GLY A 91 -27.32 -34.77 13.37
CA GLY A 91 -28.21 -33.83 14.01
C GLY A 91 -28.31 -33.93 15.51
N SER A 92 -27.78 -35.00 16.11
CA SER A 92 -27.87 -35.17 17.55
C SER A 92 -27.10 -34.06 18.27
N ARG A 93 -27.63 -33.64 19.42
CA ARG A 93 -27.11 -32.53 20.21
C ARG A 93 -26.49 -33.10 21.49
N VAL A 94 -25.16 -33.11 21.54
CA VAL A 94 -24.44 -33.77 22.63
C VAL A 94 -24.13 -32.76 23.73
N PRO A 95 -23.98 -33.19 24.98
CA PRO A 95 -23.56 -32.26 26.03
C PRO A 95 -22.16 -31.74 25.76
N HIS A 96 -22.03 -30.42 25.73
CA HIS A 96 -20.81 -29.78 25.28
C HIS A 96 -20.40 -28.70 26.28
N ALA A 97 -19.11 -28.66 26.59
CA ALA A 97 -18.55 -27.67 27.50
C ALA A 97 -17.80 -26.62 26.68
N ALA A 98 -18.36 -25.41 26.63
CA ALA A 98 -17.76 -24.31 25.90
C ALA A 98 -16.70 -23.65 26.78
N VAL A 99 -15.45 -24.08 26.61
CA VAL A 99 -14.34 -23.61 27.42
C VAL A 99 -13.89 -22.24 26.93
N THR A 100 -13.61 -21.35 27.87
CA THR A 100 -13.14 -20.00 27.55
C THR A 100 -12.51 -19.41 28.81
N HIS A 101 -12.08 -18.15 28.71
CA HIS A 101 -11.50 -17.41 29.82
C HIS A 101 -10.19 -18.01 30.34
N ILE A 102 -9.52 -18.81 29.52
CA ILE A 102 -8.25 -19.42 29.92
C ILE A 102 -7.16 -18.37 29.84
N GLY A 103 -6.37 -18.24 30.90
CA GLY A 103 -5.28 -17.29 30.92
C GLY A 103 -4.48 -17.30 32.21
N VAL A 104 -3.17 -17.03 32.11
CA VAL A 104 -2.30 -16.93 33.27
C VAL A 104 -1.48 -15.64 33.14
N LEU A 105 -1.29 -14.94 34.25
CA LEU A 105 -0.49 -13.72 34.21
C LEU A 105 0.94 -14.04 33.77
N PRO A 106 1.58 -13.12 33.04
CA PRO A 106 2.95 -13.39 32.57
C PRO A 106 3.95 -13.60 33.69
N THR A 107 3.64 -13.17 34.91
CA THR A 107 4.52 -13.40 36.05
C THR A 107 4.44 -14.82 36.60
N HIS A 108 3.59 -15.68 36.02
CA HIS A 108 3.44 -17.04 36.54
C HIS A 108 3.30 -18.06 35.42
N THR A 109 3.85 -17.76 34.25
CA THR A 109 3.78 -18.65 33.11
C THR A 109 4.94 -19.63 33.11
N ARG A 110 4.81 -20.67 32.29
CA ARG A 110 5.84 -21.70 32.09
C ARG A 110 6.15 -22.41 33.40
N ARG A 111 5.11 -22.64 34.20
CA ARG A 111 5.23 -23.34 35.48
C ARG A 111 4.28 -24.52 35.59
N GLY A 112 3.65 -24.93 34.48
CA GLY A 112 2.71 -26.03 34.53
C GLY A 112 1.33 -25.69 35.03
N ILE A 113 1.00 -24.40 35.13
CA ILE A 113 -0.29 -24.01 35.72
C ILE A 113 -1.45 -24.29 34.77
N LEU A 114 -1.28 -23.97 33.49
CA LEU A 114 -2.33 -24.29 32.52
C LEU A 114 -2.59 -25.79 32.45
N THR A 115 -1.52 -26.59 32.47
CA THR A 115 -1.70 -28.04 32.48
C THR A 115 -2.52 -28.47 33.69
N ALA A 116 -2.28 -27.86 34.85
CA ALA A 116 -3.10 -28.15 36.01
C ALA A 116 -4.55 -27.71 35.80
N LEU A 117 -4.73 -26.56 35.15
CA LEU A 117 -6.09 -26.07 34.90
C LEU A 117 -6.82 -26.98 33.91
N VAL A 118 -6.17 -27.31 32.80
CA VAL A 118 -6.82 -28.13 31.78
C VAL A 118 -7.12 -29.53 32.31
N THR A 119 -6.17 -30.11 33.06
CA THR A 119 -6.39 -31.44 33.63
C THR A 119 -7.57 -31.44 34.58
N ARG A 120 -7.63 -30.44 35.46
CA ARG A 120 -8.76 -30.33 36.39
C ARG A 120 -10.07 -30.03 35.66
N GLN A 121 -10.01 -29.18 34.63
CA GLN A 121 -11.21 -28.79 33.91
C GLN A 121 -11.81 -29.98 33.18
N LEU A 122 -10.98 -30.72 32.43
CA LEU A 122 -11.49 -31.85 31.65
C LEU A 122 -12.06 -32.95 32.55
N THR A 123 -11.41 -33.23 33.68
CA THR A 123 -11.97 -34.22 34.60
C THR A 123 -13.31 -33.76 35.17
N ASP A 124 -13.45 -32.47 35.44
CA ASP A 124 -14.72 -31.96 35.94
C ASP A 124 -15.81 -32.03 34.87
N ILE A 125 -15.44 -31.72 33.63
CA ILE A 125 -16.38 -31.84 32.51
C ILE A 125 -16.85 -33.29 32.36
N ALA A 126 -15.93 -34.24 32.51
CA ALA A 126 -16.31 -35.65 32.45
C ALA A 126 -17.29 -36.01 33.56
N GLY A 127 -17.02 -35.54 34.77
CA GLY A 127 -17.90 -35.83 35.90
C GLY A 127 -19.28 -35.25 35.76
N ARG A 128 -19.43 -34.18 34.98
CA ARG A 128 -20.75 -33.61 34.72
C ARG A 128 -21.54 -34.39 33.69
N GLY A 129 -20.96 -35.43 33.10
CA GLY A 129 -21.63 -36.18 32.06
C GLY A 129 -21.52 -35.59 30.66
N GLU A 130 -20.72 -34.56 30.47
CA GLU A 130 -20.53 -33.96 29.15
C GLU A 130 -19.44 -34.69 28.38
N ILE A 131 -19.64 -34.86 27.08
CA ILE A 131 -18.80 -35.77 26.31
C ILE A 131 -17.76 -35.06 25.44
N VAL A 132 -17.99 -33.79 25.09
CA VAL A 132 -17.04 -33.03 24.30
C VAL A 132 -16.87 -31.65 24.91
N ALA A 133 -15.71 -31.04 24.64
CA ALA A 133 -15.43 -29.66 25.00
C ALA A 133 -14.77 -28.99 23.80
N SER A 134 -15.08 -27.72 23.58
CA SER A 134 -14.53 -26.97 22.46
C SER A 134 -14.20 -25.55 22.92
N LEU A 135 -13.29 -24.91 22.19
CA LEU A 135 -12.90 -23.55 22.50
C LEU A 135 -12.47 -22.85 21.22
N ARG A 136 -12.17 -21.56 21.33
CA ARG A 136 -11.58 -20.79 20.25
C ARG A 136 -10.19 -20.39 20.71
N ALA A 137 -9.17 -20.93 20.05
CA ALA A 137 -7.80 -20.78 20.53
C ALA A 137 -7.21 -19.43 20.12
N SER A 138 -6.59 -18.75 21.08
CA SER A 138 -5.87 -17.53 20.76
C SER A 138 -4.57 -17.82 20.03
N GLU A 139 -3.94 -18.97 20.33
CA GLU A 139 -2.77 -19.44 19.64
C GLU A 139 -2.97 -20.90 19.25
N ALA A 140 -2.47 -21.27 18.07
CA ALA A 140 -2.65 -22.63 17.58
C ALA A 140 -1.61 -23.61 18.13
N VAL A 141 -0.81 -23.20 19.12
CA VAL A 141 0.27 -24.01 19.64
C VAL A 141 0.06 -24.38 21.11
N ILE A 142 -1.16 -24.24 21.60
CA ILE A 142 -1.44 -24.36 23.03
C ILE A 142 -2.12 -25.69 23.36
N TYR A 143 -3.23 -25.99 22.70
CA TYR A 143 -4.18 -26.95 23.24
C TYR A 143 -4.08 -28.36 22.66
N ARG A 144 -3.32 -28.57 21.59
CA ARG A 144 -3.27 -29.92 21.02
C ARG A 144 -2.58 -30.90 21.96
N ARG A 145 -1.64 -30.43 22.77
CA ARG A 145 -0.99 -31.32 23.74
C ARG A 145 -1.97 -31.84 24.79
N PHE A 146 -3.16 -31.26 24.90
CA PHE A 146 -4.16 -31.71 25.86
C PHE A 146 -5.28 -32.52 25.21
N GLY A 147 -5.13 -32.88 23.94
CA GLY A 147 -6.13 -33.66 23.23
C GLY A 147 -7.08 -32.88 22.35
N TYR A 148 -6.93 -31.55 22.28
CA TYR A 148 -7.78 -30.73 21.42
C TYR A 148 -7.32 -30.82 19.97
N GLY A 149 -8.26 -31.03 19.07
CA GLY A 149 -7.97 -31.07 17.65
C GLY A 149 -8.84 -30.08 16.90
N ILE A 150 -8.30 -29.55 15.81
CA ILE A 150 -9.05 -28.61 14.99
C ILE A 150 -10.15 -29.38 14.25
N ALA A 151 -11.40 -29.16 14.64
CA ALA A 151 -12.50 -29.95 14.09
C ALA A 151 -13.31 -29.21 13.03
N THR A 152 -13.39 -27.89 13.08
CA THR A 152 -14.08 -27.11 12.05
C THR A 152 -13.23 -25.91 11.69
N SER A 153 -13.42 -25.42 10.46
CA SER A 153 -12.78 -24.20 10.01
C SER A 153 -13.84 -23.29 9.40
N SER A 154 -13.52 -22.01 9.34
CA SER A 154 -14.42 -20.99 8.81
C SER A 154 -13.72 -20.21 7.71
N ALA A 155 -14.53 -19.64 6.81
CA ALA A 155 -14.01 -18.90 5.67
C ALA A 155 -14.65 -17.51 5.62
N THR A 156 -13.99 -16.62 4.89
CA THR A 156 -14.45 -15.25 4.66
C THR A 156 -14.56 -15.00 3.17
N TYR A 157 -15.73 -14.56 2.73
CA TYR A 157 -16.00 -14.32 1.32
C TYR A 157 -16.18 -12.84 1.05
N ARG A 158 -15.62 -12.38 -0.07
CA ARG A 158 -15.89 -11.06 -0.61
C ARG A 158 -16.60 -11.24 -1.96
N ILE A 159 -17.81 -10.72 -2.06
CA ILE A 159 -18.62 -10.82 -3.26
C ILE A 159 -18.65 -9.45 -3.92
N GLN A 160 -18.29 -9.39 -5.20
CA GLN A 160 -18.44 -8.16 -5.98
C GLN A 160 -19.86 -8.18 -6.54
N ARG A 161 -20.75 -7.40 -5.90
CA ARG A 161 -22.19 -7.55 -6.15
C ARG A 161 -22.57 -7.32 -7.61
N ARG A 162 -21.87 -6.41 -8.30
CA ARG A 162 -22.21 -6.14 -9.70
C ARG A 162 -22.04 -7.38 -10.57
N ARG A 163 -21.09 -8.25 -10.21
CA ARG A 163 -20.83 -9.48 -10.94
C ARG A 163 -21.64 -10.67 -10.43
N ALA A 164 -22.46 -10.48 -9.39
CA ALA A 164 -23.13 -11.61 -8.74
C ALA A 164 -24.60 -11.69 -9.11
N ALA A 165 -24.87 -11.88 -10.40
CA ALA A 165 -26.23 -12.17 -10.82
C ALA A 165 -26.53 -13.65 -10.62
N PRO A 166 -27.74 -13.98 -10.14
CA PRO A 166 -28.04 -15.38 -9.81
C PRO A 166 -28.05 -16.29 -11.03
N LEU A 167 -27.52 -17.50 -10.85
CA LEU A 167 -27.53 -18.49 -11.92
C LEU A 167 -28.95 -18.95 -12.23
N ARG A 168 -29.71 -19.25 -11.20
CA ARG A 168 -31.12 -19.56 -11.30
C ARG A 168 -31.89 -18.47 -10.57
N PRO A 169 -33.14 -18.20 -10.96
CA PRO A 169 -33.90 -17.14 -10.27
C PRO A 169 -34.05 -17.44 -8.79
N ILE A 170 -33.89 -16.40 -7.98
CA ILE A 170 -33.97 -16.51 -6.52
C ILE A 170 -35.18 -15.72 -6.06
N ASP A 171 -36.08 -16.38 -5.33
CA ASP A 171 -37.24 -15.69 -4.80
C ASP A 171 -36.84 -14.91 -3.54
N THR A 172 -37.70 -13.96 -3.17
CA THR A 172 -37.40 -13.08 -2.03
C THR A 172 -38.65 -12.34 -1.57
N GLY A 173 -39.85 -12.78 -1.97
CA GLY A 173 -41.06 -12.13 -1.50
C GLY A 173 -41.27 -12.32 -0.02
N ALA A 174 -40.81 -13.46 0.53
CA ALA A 174 -40.93 -13.72 1.96
C ALA A 174 -39.91 -12.97 2.79
N ILE A 175 -39.03 -12.19 2.16
CA ILE A 175 -38.06 -11.39 2.90
C ILE A 175 -38.77 -10.21 3.55
N ALA A 176 -38.45 -9.95 4.80
CA ALA A 176 -39.04 -8.84 5.54
C ALA A 176 -37.95 -8.06 6.25
N LEU A 177 -37.99 -6.74 6.13
CA LEU A 177 -37.04 -5.89 6.83
C LEU A 177 -37.51 -5.72 8.26
N LEU A 178 -36.63 -5.98 9.22
CA LEU A 178 -37.01 -5.98 10.63
C LEU A 178 -35.98 -5.23 11.47
N ASP A 179 -35.27 -4.29 10.85
CA ASP A 179 -34.06 -3.69 11.41
C ASP A 179 -34.20 -3.25 12.85
N ALA A 180 -34.97 -2.20 13.11
CA ALA A 180 -35.04 -1.69 14.48
C ALA A 180 -36.05 -2.47 15.31
N ALA A 181 -36.95 -3.20 14.68
CA ALA A 181 -37.90 -4.05 15.40
C ALA A 181 -37.31 -5.40 15.79
N ALA A 182 -36.05 -5.67 15.43
CA ALA A 182 -35.41 -6.92 15.78
C ALA A 182 -34.97 -6.91 17.24
N SER A 183 -35.07 -8.06 17.89
CA SER A 183 -34.66 -8.21 19.27
C SER A 183 -33.66 -9.35 19.43
N PRO A 184 -32.77 -9.27 20.43
CA PRO A 184 -31.92 -10.44 20.73
C PRO A 184 -32.73 -11.66 21.12
N GLU A 185 -33.87 -11.46 21.79
CA GLU A 185 -34.71 -12.58 22.18
C GLU A 185 -35.42 -13.20 20.99
N GLY A 186 -35.82 -12.37 20.02
CA GLY A 186 -36.48 -12.90 18.83
C GLY A 186 -35.51 -13.60 17.91
N LEU A 187 -34.31 -13.04 17.75
CA LEU A 187 -33.29 -13.69 16.92
C LEU A 187 -32.79 -14.97 17.56
N ALA A 188 -32.72 -15.01 18.90
CA ALA A 188 -32.31 -16.23 19.58
C ALA A 188 -33.32 -17.35 19.34
N ALA A 189 -34.60 -17.01 19.26
CA ALA A 189 -35.62 -18.02 18.98
C ALA A 189 -35.46 -18.59 17.57
N ILE A 190 -35.05 -17.76 16.61
CA ILE A 190 -34.80 -18.28 15.28
C ILE A 190 -33.56 -19.16 15.29
N TYR A 191 -32.50 -18.74 16.00
CA TYR A 191 -31.28 -19.54 16.05
C TYR A 191 -31.50 -20.87 16.75
N GLU A 192 -32.43 -20.92 17.71
CA GLU A 192 -32.59 -22.11 18.53
C GLU A 192 -32.82 -23.37 17.71
N ARG A 193 -33.46 -23.25 16.55
CA ARG A 193 -33.68 -24.41 15.70
C ARG A 193 -32.51 -24.74 14.77
N ALA A 194 -31.31 -24.29 15.12
CA ALA A 194 -30.13 -24.55 14.30
C ALA A 194 -29.85 -26.05 14.29
N ALA A 195 -29.68 -26.61 13.08
CA ALA A 195 -29.48 -28.04 12.93
C ALA A 195 -28.22 -28.41 12.16
N TRP A 196 -27.42 -27.45 11.72
CA TRP A 196 -26.23 -27.76 10.93
C TRP A 196 -25.13 -28.31 11.83
N THR A 197 -24.34 -29.22 11.26
CA THR A 197 -23.28 -29.88 12.03
C THR A 197 -22.21 -28.87 12.44
N GLY A 198 -21.84 -28.89 13.71
CA GLY A 198 -20.90 -27.96 14.28
C GLY A 198 -21.54 -26.86 15.09
N SER A 199 -22.84 -26.65 14.97
CA SER A 199 -23.53 -25.61 15.71
C SER A 199 -23.47 -25.88 17.21
N VAL A 200 -23.38 -24.79 17.98
CA VAL A 200 -23.31 -24.87 19.43
C VAL A 200 -24.39 -23.97 20.02
N ALA A 201 -24.73 -24.23 21.28
CA ALA A 201 -25.74 -23.43 21.95
C ALA A 201 -25.27 -22.00 22.11
N ARG A 202 -26.21 -21.05 21.99
CA ARG A 202 -25.98 -19.65 22.28
C ARG A 202 -26.78 -19.30 23.53
N PRO A 203 -26.20 -19.43 24.71
CA PRO A 203 -26.94 -19.19 25.96
C PRO A 203 -27.32 -17.71 26.07
N PRO A 204 -28.21 -17.37 27.00
CA PRO A 204 -28.53 -15.95 27.20
C PRO A 204 -27.31 -15.08 27.48
N GLN A 205 -26.29 -15.62 28.17
CA GLN A 205 -25.08 -14.84 28.42
C GLN A 205 -24.38 -14.45 27.13
N TRP A 206 -24.46 -15.31 26.10
CA TRP A 206 -23.85 -14.97 24.82
C TRP A 206 -24.57 -13.80 24.17
N TRP A 207 -25.91 -13.77 24.26
CA TRP A 207 -26.66 -12.67 23.68
C TRP A 207 -26.51 -11.41 24.53
N ARG A 208 -26.41 -11.59 25.86
CA ARG A 208 -26.13 -10.48 26.77
C ARG A 208 -24.79 -9.83 26.42
N LEU A 209 -23.79 -10.65 26.05
CA LEU A 209 -22.51 -10.11 25.65
C LEU A 209 -22.61 -9.31 24.36
N HIS A 210 -23.39 -9.81 23.38
CA HIS A 210 -23.52 -9.12 22.12
C HIS A 210 -24.47 -7.94 22.18
N GLU A 211 -25.36 -7.89 23.18
CA GLU A 211 -26.14 -6.67 23.42
C GLU A 211 -25.22 -5.50 23.74
N LEU A 212 -24.15 -5.74 24.50
CA LEU A 212 -23.20 -4.66 24.80
C LEU A 212 -22.37 -4.29 23.58
N PHE A 213 -21.94 -5.28 22.80
CA PHE A 213 -21.15 -4.97 21.61
C PHE A 213 -21.93 -4.07 20.66
N ASP A 214 -23.23 -4.33 20.51
CA ASP A 214 -24.06 -3.53 19.61
C ASP A 214 -24.24 -2.11 20.14
N ALA A 215 -24.36 -1.96 21.46
CA ALA A 215 -24.58 -0.62 22.02
C ALA A 215 -23.35 0.26 21.89
N ALA A 216 -22.15 -0.33 21.95
CA ALA A 216 -20.93 0.47 21.86
C ALA A 216 -20.71 0.98 20.44
N ASP A 217 -21.18 0.24 19.44
CA ASP A 217 -21.00 0.63 18.04
C ASP A 217 -22.11 1.59 17.63
N PRO A 218 -21.78 2.81 17.20
CA PRO A 218 -22.85 3.72 16.76
C PRO A 218 -23.56 3.26 15.51
N VAL A 219 -22.90 2.47 14.66
CA VAL A 219 -23.52 1.94 13.45
C VAL A 219 -24.40 0.77 13.87
N LYS A 220 -25.70 0.92 13.73
CA LYS A 220 -26.59 -0.16 14.11
C LYS A 220 -26.75 -1.15 12.96
N PRO A 221 -26.92 -2.43 13.26
CA PRO A 221 -26.97 -3.43 12.19
C PRO A 221 -28.37 -3.57 11.62
N TYR A 222 -28.41 -3.81 10.32
CA TYR A 222 -29.66 -4.17 9.67
C TYR A 222 -29.96 -5.63 9.96
N VAL A 223 -31.24 -5.93 10.17
CA VAL A 223 -31.69 -7.28 10.45
C VAL A 223 -32.80 -7.60 9.46
N VAL A 224 -32.53 -8.52 8.54
CA VAL A 224 -33.49 -8.95 7.54
C VAL A 224 -33.85 -10.40 7.83
N THR A 225 -35.14 -10.70 7.77
CA THR A 225 -35.65 -11.99 8.20
C THR A 225 -36.28 -12.74 7.04
N HIS A 226 -36.37 -14.05 7.22
CA HIS A 226 -37.08 -15.01 6.40
C HIS A 226 -37.86 -15.91 7.33
N PRO A 227 -38.95 -16.53 6.87
CA PRO A 227 -39.67 -17.48 7.74
C PRO A 227 -38.79 -18.55 8.36
N ASP A 228 -37.64 -18.86 7.74
CA ASP A 228 -36.76 -19.91 8.24
C ASP A 228 -35.32 -19.43 8.40
N GLY A 229 -35.12 -18.16 8.71
CA GLY A 229 -33.78 -17.67 8.97
C GLY A 229 -33.74 -16.15 8.98
N TYR A 230 -32.53 -15.63 9.18
CA TYR A 230 -32.31 -14.19 9.21
C TYR A 230 -30.89 -13.87 8.76
N VAL A 231 -30.61 -12.58 8.59
CA VAL A 231 -29.28 -12.11 8.22
C VAL A 231 -29.06 -10.72 8.81
N ARG A 232 -27.92 -10.54 9.47
CA ARG A 232 -27.48 -9.25 10.01
C ARG A 232 -26.33 -8.73 9.18
N TYR A 233 -26.38 -7.45 8.82
CA TYR A 233 -25.29 -6.83 8.06
C TYR A 233 -25.14 -5.37 8.45
N ARG A 234 -23.90 -4.88 8.34
CA ARG A 234 -23.55 -3.52 8.76
C ARG A 234 -22.75 -2.82 7.68
N PRO A 235 -23.04 -1.54 7.42
CA PRO A 235 -22.20 -0.79 6.47
C PRO A 235 -20.88 -0.42 7.12
N GLN A 236 -19.83 -0.35 6.30
CA GLN A 236 -18.49 -0.08 6.81
C GLN A 236 -18.13 1.39 6.92
N ASP A 237 -17.41 1.92 5.94
CA ASP A 237 -16.87 3.28 6.05
C ASP A 237 -17.96 4.29 5.71
N THR A 238 -18.89 4.45 6.67
CA THR A 238 -20.05 5.29 6.45
C THR A 238 -19.67 6.76 6.27
N ALA A 239 -18.53 7.16 6.84
CA ALA A 239 -18.09 8.55 6.67
C ALA A 239 -17.79 8.87 5.21
N GLU A 240 -17.44 7.86 4.41
CA GLU A 240 -17.14 8.03 2.99
C GLU A 240 -18.01 7.14 2.12
N TRP A 241 -19.30 7.08 2.43
CA TRP A 241 -20.18 6.15 1.73
C TRP A 241 -20.43 6.56 0.29
N PHE A 242 -20.83 7.81 0.06
CA PHE A 242 -21.23 8.21 -1.28
C PHE A 242 -20.05 8.41 -2.20
N SER A 243 -19.02 9.07 -1.72
CA SER A 243 -17.90 9.35 -2.60
C SER A 243 -16.90 8.20 -2.49
N SER A 244 -15.72 8.40 -3.10
CA SER A 244 -14.68 7.39 -3.13
C SER A 244 -15.15 6.24 -4.03
N SER A 245 -15.15 5.02 -3.51
CA SER A 245 -15.61 3.86 -4.27
C SER A 245 -15.77 2.70 -3.29
N ALA A 246 -16.03 1.52 -3.86
CA ALA A 246 -16.31 0.28 -3.15
C ALA A 246 -17.06 0.46 -1.84
N ARG A 247 -18.37 0.65 -1.91
CA ARG A 247 -19.22 0.64 -0.73
C ARG A 247 -19.38 -0.79 -0.22
N THR A 248 -18.93 -1.06 1.00
CA THR A 248 -18.91 -2.41 1.53
C THR A 248 -19.85 -2.54 2.73
N ILE A 249 -20.56 -3.66 2.78
CA ILE A 249 -21.30 -4.09 3.97
C ILE A 249 -20.65 -5.35 4.51
N SER A 250 -20.87 -5.60 5.80
CA SER A 250 -20.29 -6.75 6.49
C SER A 250 -21.41 -7.56 7.13
N VAL A 251 -21.50 -8.83 6.75
CA VAL A 251 -22.51 -9.74 7.29
C VAL A 251 -21.86 -10.52 8.43
N ASP A 252 -22.32 -10.28 9.67
CA ASP A 252 -21.75 -10.97 10.82
C ASP A 252 -22.50 -12.25 11.22
N ASP A 253 -23.74 -12.42 10.78
CA ASP A 253 -24.50 -13.62 11.14
C ASP A 253 -25.48 -13.93 10.03
N LEU A 254 -25.41 -15.15 9.49
CA LEU A 254 -26.35 -15.64 8.49
C LEU A 254 -26.84 -17.00 8.98
N VAL A 255 -28.05 -17.04 9.52
CA VAL A 255 -28.65 -18.28 10.02
C VAL A 255 -29.76 -18.66 9.07
N ALA A 256 -29.66 -19.85 8.48
CA ALA A 256 -30.66 -20.33 7.52
C ALA A 256 -30.91 -21.80 7.78
N HIS A 257 -32.13 -22.14 8.20
CA HIS A 257 -32.51 -23.50 8.54
C HIS A 257 -33.14 -24.25 7.37
N SER A 258 -33.09 -23.65 6.19
CA SER A 258 -33.73 -24.23 5.01
C SER A 258 -32.93 -23.77 3.79
N ASP A 259 -32.93 -24.59 2.75
CA ASP A 259 -32.27 -24.19 1.51
C ASP A 259 -32.92 -22.92 0.94
N GLU A 260 -34.25 -22.84 1.02
CA GLU A 260 -34.94 -21.65 0.52
C GLU A 260 -34.57 -20.42 1.33
N ALA A 261 -34.44 -20.57 2.65
CA ALA A 261 -34.02 -19.44 3.48
C ALA A 261 -32.62 -18.98 3.11
N TYR A 262 -31.72 -19.92 2.81
CA TYR A 262 -30.35 -19.57 2.45
C TYR A 262 -30.33 -18.75 1.16
N ARG A 263 -31.00 -19.24 0.12
CA ARG A 263 -31.00 -18.52 -1.16
C ARG A 263 -31.72 -17.18 -1.05
N ALA A 264 -32.86 -17.15 -0.34
CA ALA A 264 -33.59 -15.91 -0.21
C ALA A 264 -32.77 -14.85 0.54
N LEU A 265 -32.11 -15.26 1.64
CA LEU A 265 -31.31 -14.32 2.40
C LEU A 265 -30.09 -13.84 1.62
N VAL A 266 -29.38 -14.77 0.97
CA VAL A 266 -28.25 -14.38 0.14
C VAL A 266 -28.71 -13.52 -1.04
N GLY A 267 -29.84 -13.91 -1.65
CA GLY A 267 -30.38 -13.12 -2.75
C GLY A 267 -30.76 -11.71 -2.34
N HIS A 268 -31.23 -11.53 -1.11
CA HIS A 268 -31.52 -10.19 -0.61
C HIS A 268 -30.27 -9.33 -0.66
N LEU A 269 -29.13 -9.88 -0.24
CA LEU A 269 -27.87 -9.14 -0.26
C LEU A 269 -27.43 -8.84 -1.67
N LEU A 270 -27.57 -9.81 -2.58
CA LEU A 270 -27.13 -9.58 -3.96
C LEU A 270 -27.96 -8.52 -4.66
N ASP A 271 -29.17 -8.24 -4.19
CA ASP A 271 -30.08 -7.31 -4.81
C ASP A 271 -30.14 -5.98 -4.08
N LEU A 272 -29.29 -5.77 -3.08
CA LEU A 272 -29.29 -4.54 -2.30
C LEU A 272 -28.64 -3.41 -3.07
N ASP A 273 -29.39 -2.34 -3.30
CA ASP A 273 -28.91 -1.23 -4.12
C ASP A 273 -27.86 -0.44 -3.35
N LEU A 274 -26.96 0.19 -4.11
CA LEU A 274 -25.85 0.99 -3.60
C LEU A 274 -24.72 0.19 -2.98
N VAL A 275 -24.88 -1.12 -2.82
CA VAL A 275 -23.83 -1.94 -2.23
C VAL A 275 -22.93 -2.45 -3.33
N ASP A 276 -21.62 -2.26 -3.16
CA ASP A 276 -20.61 -2.70 -4.11
C ASP A 276 -19.93 -4.00 -3.71
N VAL A 277 -19.61 -4.18 -2.44
CA VAL A 277 -18.90 -5.37 -1.96
C VAL A 277 -19.66 -5.95 -0.78
N ILE A 278 -19.88 -7.26 -0.80
CA ILE A 278 -20.53 -7.96 0.30
C ILE A 278 -19.49 -8.88 0.93
N GLU A 279 -19.23 -8.69 2.22
CA GLU A 279 -18.28 -9.53 2.93
C GLU A 279 -19.01 -10.38 3.95
N LEU A 280 -18.91 -11.70 3.78
CA LEU A 280 -19.52 -12.67 4.67
C LEU A 280 -18.40 -13.30 5.49
N GLY A 281 -18.59 -13.37 6.81
CA GLY A 281 -17.62 -14.01 7.66
C GLY A 281 -17.97 -13.93 9.13
N PRO A 282 -17.74 -15.04 9.86
CA PRO A 282 -17.25 -16.32 9.34
C PRO A 282 -18.38 -17.13 8.71
N ARG A 283 -18.06 -17.91 7.69
CA ARG A 283 -19.01 -18.76 6.98
C ARG A 283 -18.38 -20.14 6.81
N PRO A 284 -19.19 -21.16 6.48
CA PRO A 284 -18.63 -22.48 6.22
C PRO A 284 -17.65 -22.48 5.06
N ILE A 285 -16.64 -23.34 5.16
CA ILE A 285 -15.64 -23.43 4.09
C ILE A 285 -16.22 -24.02 2.81
N ASP A 286 -17.38 -24.66 2.87
CA ASP A 286 -18.04 -25.20 1.70
C ASP A 286 -19.36 -24.49 1.40
N ASP A 287 -19.45 -23.22 1.79
CA ASP A 287 -20.66 -22.45 1.53
C ASP A 287 -20.88 -22.37 0.02
N PRO A 288 -22.05 -22.77 -0.47
CA PRO A 288 -22.25 -22.81 -1.93
C PRO A 288 -22.48 -21.46 -2.58
N LEU A 289 -21.85 -20.40 -2.06
CA LEU A 289 -21.92 -19.09 -2.73
C LEU A 289 -21.45 -19.12 -4.18
N PRO A 290 -20.31 -19.73 -4.53
CA PRO A 290 -19.90 -19.75 -5.93
C PRO A 290 -20.91 -20.40 -6.86
N HIS A 291 -21.77 -21.27 -6.34
CA HIS A 291 -22.73 -21.96 -7.18
C HIS A 291 -24.05 -21.22 -7.34
N LEU A 292 -24.21 -20.08 -6.66
CA LEU A 292 -25.43 -19.30 -6.78
C LEU A 292 -25.39 -18.30 -7.93
N VAL A 293 -24.22 -17.99 -8.46
CA VAL A 293 -24.07 -16.90 -9.41
C VAL A 293 -23.50 -17.43 -10.72
N THR A 294 -23.85 -16.74 -11.82
CA THR A 294 -23.34 -17.12 -13.13
C THR A 294 -21.84 -16.91 -13.23
N ASP A 295 -21.27 -16.01 -12.43
CA ASP A 295 -19.84 -15.72 -12.40
C ASP A 295 -19.27 -16.15 -11.05
N PRO A 296 -18.87 -17.42 -10.90
CA PRO A 296 -18.33 -17.86 -9.61
C PRO A 296 -17.16 -17.04 -9.11
N ARG A 297 -16.41 -16.40 -9.99
CA ARG A 297 -15.27 -15.58 -9.58
C ARG A 297 -15.70 -14.24 -8.98
N ALA A 298 -17.00 -13.92 -9.00
CA ALA A 298 -17.49 -12.80 -8.22
C ALA A 298 -17.41 -13.06 -6.73
N VAL A 299 -17.22 -14.31 -6.33
CA VAL A 299 -17.12 -14.69 -4.93
C VAL A 299 -15.68 -15.10 -4.68
N ALA A 300 -14.98 -14.35 -3.84
CA ALA A 300 -13.58 -14.59 -3.55
C ALA A 300 -13.43 -14.96 -2.09
N VAL A 301 -12.59 -15.96 -1.82
CA VAL A 301 -12.26 -16.34 -0.45
C VAL A 301 -11.18 -15.39 0.05
N ALA A 302 -11.53 -14.53 1.00
CA ALA A 302 -10.59 -13.56 1.56
C ALA A 302 -9.78 -14.12 2.72
N GLY A 303 -10.03 -15.36 3.13
CA GLY A 303 -9.27 -15.96 4.21
C GLY A 303 -9.92 -17.20 4.78
N ILE A 304 -9.10 -18.10 5.34
CA ILE A 304 -9.58 -19.32 5.99
C ILE A 304 -8.79 -19.51 7.27
N ARG A 305 -9.48 -19.77 8.37
CA ARG A 305 -8.86 -19.87 9.69
C ARG A 305 -9.46 -21.05 10.44
N ASP A 306 -8.67 -21.64 11.33
CA ASP A 306 -9.18 -22.68 12.20
C ASP A 306 -10.26 -22.12 13.11
N GLU A 307 -11.25 -22.95 13.42
CA GLU A 307 -12.37 -22.51 14.23
C GLU A 307 -12.53 -23.33 15.50
N THR A 308 -13.14 -24.51 15.38
CA THR A 308 -13.44 -25.33 16.54
C THR A 308 -12.22 -26.16 16.92
N TRP A 309 -11.70 -25.94 18.12
CA TRP A 309 -10.72 -26.83 18.72
C TRP A 309 -11.51 -27.79 19.62
N LEU A 310 -11.72 -29.00 19.13
CA LEU A 310 -12.59 -29.98 19.77
C LEU A 310 -11.77 -30.95 20.60
N ARG A 311 -12.25 -31.24 21.81
CA ARG A 311 -11.63 -32.19 22.72
C ARG A 311 -12.68 -33.23 23.13
N LEU A 312 -12.47 -34.48 22.73
CA LEU A 312 -13.38 -35.57 23.08
C LEU A 312 -13.13 -35.98 24.53
N VAL A 313 -14.11 -35.73 25.39
CA VAL A 313 -13.97 -36.06 26.81
C VAL A 313 -14.34 -37.50 27.09
N ASP A 314 -15.47 -37.98 26.53
CA ASP A 314 -15.84 -39.38 26.59
C ASP A 314 -15.89 -39.89 25.15
N VAL A 315 -14.82 -40.56 24.72
CA VAL A 315 -14.70 -40.95 23.32
C VAL A 315 -15.80 -41.93 22.92
N GLU A 316 -16.08 -42.92 23.76
CA GLU A 316 -17.07 -43.93 23.39
C GLU A 316 -18.45 -43.31 23.21
N ALA A 317 -18.86 -42.47 24.15
CA ALA A 317 -20.18 -41.84 24.05
C ALA A 317 -20.25 -40.87 22.88
N ALA A 318 -19.14 -40.20 22.55
CA ALA A 318 -19.14 -39.32 21.39
C ALA A 318 -19.31 -40.12 20.10
N LEU A 319 -18.55 -41.20 19.95
CA LEU A 319 -18.65 -42.04 18.76
C LEU A 319 -20.04 -42.64 18.62
N ALA A 320 -20.72 -42.87 19.73
CA ALA A 320 -22.05 -43.46 19.66
C ALA A 320 -23.12 -42.42 19.33
N ALA A 321 -22.88 -41.15 19.64
CA ALA A 321 -23.88 -40.12 19.43
C ALA A 321 -24.01 -39.69 17.97
N ARG A 322 -22.99 -39.93 17.15
CA ARG A 322 -23.02 -39.58 15.73
C ARG A 322 -23.46 -40.78 14.91
N THR A 323 -23.87 -40.50 13.68
CA THR A 323 -24.29 -41.50 12.72
C THR A 323 -23.19 -41.83 11.71
N TYR A 324 -23.33 -43.00 11.09
CA TYR A 324 -22.38 -43.50 10.11
C TYR A 324 -23.15 -44.10 8.93
N THR A 325 -22.41 -44.47 7.89
CA THR A 325 -23.03 -45.11 6.73
C THR A 325 -23.11 -46.62 6.94
N ASP A 326 -23.92 -47.27 6.09
CA ASP A 326 -24.15 -48.71 6.22
C ASP A 326 -22.93 -49.48 5.70
N GLY A 327 -21.84 -49.37 6.45
CA GLY A 327 -20.62 -50.07 6.16
C GLY A 327 -20.28 -51.12 7.19
N ALA A 328 -19.19 -51.83 6.93
CA ALA A 328 -18.72 -52.82 7.88
C ALA A 328 -17.98 -52.14 9.03
N PRO A 329 -18.05 -52.71 10.23
CA PRO A 329 -17.41 -52.07 11.39
C PRO A 329 -15.90 -51.95 11.23
N VAL A 330 -15.36 -50.89 11.81
CA VAL A 330 -13.92 -50.65 11.88
C VAL A 330 -13.55 -50.49 13.35
N VAL A 331 -12.40 -51.06 13.73
CA VAL A 331 -11.92 -51.00 15.09
C VAL A 331 -10.83 -49.92 15.16
N ILE A 332 -11.05 -48.92 16.01
CA ILE A 332 -10.13 -47.79 16.17
C ILE A 332 -9.50 -47.86 17.55
N GLU A 333 -8.17 -47.91 17.59
CA GLU A 333 -7.44 -47.83 18.85
C GLU A 333 -7.08 -46.38 19.11
N VAL A 334 -7.59 -45.83 20.21
CA VAL A 334 -7.44 -44.43 20.55
C VAL A 334 -6.45 -44.30 21.69
N GLN A 335 -5.52 -43.36 21.57
CA GLN A 335 -4.57 -43.03 22.62
C GLN A 335 -4.96 -41.72 23.27
N ASP A 336 -5.05 -41.71 24.60
CA ASP A 336 -5.44 -40.54 25.36
C ASP A 336 -4.65 -40.50 26.64
N THR A 337 -3.80 -39.48 26.79
CA THR A 337 -2.95 -39.40 27.97
C THR A 337 -3.66 -38.74 29.14
N LEU A 338 -4.37 -37.65 28.91
CA LEU A 338 -5.02 -36.95 30.01
C LEU A 338 -6.17 -37.77 30.59
N LEU A 339 -6.95 -38.42 29.73
CA LEU A 339 -8.10 -39.20 30.16
C LEU A 339 -7.86 -40.65 29.76
N PRO A 340 -7.17 -41.44 30.59
CA PRO A 340 -6.88 -42.84 30.24
C PRO A 340 -8.13 -43.69 30.09
N HIS A 341 -9.28 -43.21 30.57
CA HIS A 341 -10.53 -43.93 30.35
C HIS A 341 -10.82 -44.10 28.86
N ASN A 342 -10.33 -43.19 28.03
CA ASN A 342 -10.53 -43.26 26.58
C ASN A 342 -9.52 -44.12 25.86
N ALA A 343 -8.40 -44.46 26.51
CA ALA A 343 -7.38 -45.29 25.87
C ALA A 343 -7.87 -46.73 25.76
N ALA A 344 -8.49 -47.06 24.63
CA ALA A 344 -9.06 -48.39 24.42
C ALA A 344 -9.28 -48.57 22.92
N ARG A 345 -9.92 -49.68 22.55
CA ARG A 345 -10.27 -49.97 21.17
C ARG A 345 -11.78 -49.97 21.04
N PHE A 346 -12.30 -49.26 20.04
CA PHE A 346 -13.74 -49.12 19.84
C PHE A 346 -14.11 -49.62 18.45
N SER A 347 -15.07 -50.54 18.40
CA SER A 347 -15.66 -50.98 17.14
C SER A 347 -16.82 -50.06 16.82
N VAL A 348 -16.68 -49.25 15.77
CA VAL A 348 -17.69 -48.27 15.39
C VAL A 348 -18.40 -48.76 14.14
N SER A 349 -19.72 -48.75 14.17
CA SER A 349 -20.53 -49.14 13.02
C SER A 349 -21.87 -48.43 13.14
N SER A 350 -22.62 -48.44 12.04
CA SER A 350 -23.93 -47.82 12.03
C SER A 350 -24.91 -48.45 13.02
N ASP A 351 -24.64 -49.68 13.46
CA ASP A 351 -25.56 -50.37 14.39
C ASP A 351 -25.16 -50.25 15.85
N LYS A 352 -23.87 -50.32 16.16
CA LYS A 352 -23.45 -50.39 17.55
C LYS A 352 -22.03 -49.87 17.66
N VAL A 353 -21.73 -49.23 18.80
CA VAL A 353 -20.40 -48.78 19.15
C VAL A 353 -20.06 -49.38 20.50
N ARG A 354 -19.04 -50.22 20.54
CA ARG A 354 -18.67 -50.94 21.74
C ARG A 354 -17.16 -50.94 21.89
N ARG A 355 -16.71 -51.12 23.13
CA ARG A 355 -15.30 -51.34 23.40
C ARG A 355 -14.95 -52.76 22.98
N THR A 356 -13.78 -52.92 22.38
CA THR A 356 -13.39 -54.20 21.82
C THR A 356 -11.94 -54.49 22.15
N GLN A 357 -11.60 -55.77 22.11
CA GLN A 357 -10.22 -56.21 22.17
C GLN A 357 -9.72 -56.80 20.85
N HIS A 358 -10.54 -56.78 19.80
CA HIS A 358 -10.08 -57.25 18.50
C HIS A 358 -8.91 -56.39 18.03
N THR A 359 -8.07 -56.97 17.18
CA THR A 359 -6.94 -56.22 16.65
C THR A 359 -7.47 -55.00 15.91
N PRO A 360 -6.92 -53.81 16.16
CA PRO A 360 -7.50 -52.60 15.58
C PRO A 360 -7.18 -52.47 14.09
N ASP A 361 -8.05 -51.74 13.40
CA ASP A 361 -7.80 -51.36 12.02
C ASP A 361 -7.07 -50.03 11.91
N ILE A 362 -7.19 -49.17 12.92
CA ILE A 362 -6.64 -47.82 12.86
C ILE A 362 -6.19 -47.42 14.27
N SER A 363 -5.05 -46.73 14.34
CA SER A 363 -4.54 -46.17 15.58
C SER A 363 -4.40 -44.67 15.41
N VAL A 364 -4.91 -43.91 16.38
CA VAL A 364 -4.90 -42.46 16.30
C VAL A 364 -4.96 -41.92 17.72
N ASP A 365 -4.35 -40.75 17.94
CA ASP A 365 -4.47 -40.08 19.23
C ASP A 365 -5.79 -39.29 19.29
N VAL A 366 -6.22 -39.01 20.53
CA VAL A 366 -7.54 -38.42 20.74
C VAL A 366 -7.67 -37.06 20.07
N ALA A 367 -6.57 -36.32 19.94
CA ALA A 367 -6.63 -35.02 19.28
C ALA A 367 -6.99 -35.17 17.80
N ALA A 368 -6.35 -36.12 17.11
CA ALA A 368 -6.63 -36.31 15.69
C ALA A 368 -8.01 -36.92 15.45
N LEU A 369 -8.46 -37.78 16.37
CA LEU A 369 -9.82 -38.32 16.25
C LEU A 369 -10.86 -37.20 16.33
N GLY A 370 -10.60 -36.21 17.17
CA GLY A 370 -11.49 -35.05 17.21
C GLY A 370 -11.51 -34.28 15.90
N SER A 371 -10.36 -34.20 15.21
CA SER A 371 -10.32 -33.49 13.94
C SER A 371 -11.23 -34.15 12.91
N VAL A 372 -11.34 -35.48 12.96
CA VAL A 372 -12.21 -36.21 12.03
C VAL A 372 -13.65 -36.24 12.53
N TYR A 373 -13.87 -36.08 13.83
CA TYR A 373 -15.14 -36.48 14.44
C TYR A 373 -16.33 -35.74 13.82
N LEU A 374 -16.16 -34.46 13.47
CA LEU A 374 -17.25 -33.66 12.98
C LEU A 374 -17.39 -33.68 11.45
N GLY A 375 -16.53 -34.44 10.77
CA GLY A 375 -16.56 -34.48 9.32
C GLY A 375 -15.70 -33.44 8.65
N GLY A 376 -14.97 -32.64 9.41
CA GLY A 376 -14.11 -31.61 8.86
C GLY A 376 -12.77 -32.09 8.36
N ASN A 377 -12.45 -33.36 8.57
CA ASN A 377 -11.23 -33.96 8.05
C ASN A 377 -11.53 -35.42 7.76
N THR A 378 -10.73 -36.00 6.87
CA THR A 378 -10.87 -37.40 6.55
C THR A 378 -9.66 -38.18 7.06
N TRP A 379 -9.83 -39.50 7.12
CA TRP A 379 -8.74 -40.34 7.59
C TRP A 379 -7.57 -40.36 6.60
N THR A 380 -7.86 -40.23 5.30
CA THR A 380 -6.78 -40.27 4.32
C THR A 380 -5.84 -39.10 4.49
N ARG A 381 -6.38 -37.90 4.69
CA ARG A 381 -5.51 -36.73 4.78
C ARG A 381 -4.75 -36.71 6.10
N LEU A 382 -5.38 -37.17 7.19
CA LEU A 382 -4.65 -37.23 8.46
C LEU A 382 -3.59 -38.33 8.42
N GLU A 383 -3.89 -39.44 7.73
CA GLU A 383 -2.86 -40.47 7.53
C GLU A 383 -1.69 -39.91 6.72
N ARG A 384 -1.99 -39.04 5.76
CA ARG A 384 -0.93 -38.42 4.96
C ARG A 384 -0.05 -37.53 5.82
N ALA A 385 -0.63 -36.85 6.80
CA ALA A 385 0.12 -36.00 7.71
C ALA A 385 0.86 -36.80 8.77
N GLY A 386 0.68 -38.11 8.82
CA GLY A 386 1.38 -38.92 9.79
C GLY A 386 0.73 -38.99 11.15
N LEU A 387 -0.57 -38.70 11.24
CA LEU A 387 -1.28 -38.75 12.50
C LEU A 387 -2.20 -39.94 12.61
N VAL A 388 -2.21 -40.83 11.61
CA VAL A 388 -3.05 -42.02 11.61
C VAL A 388 -2.22 -43.20 11.11
N SER A 389 -2.30 -44.32 11.82
CA SER A 389 -1.62 -45.55 11.47
C SER A 389 -2.65 -46.60 11.10
N ALA A 390 -2.51 -47.18 9.90
CA ALA A 390 -3.46 -48.18 9.43
C ALA A 390 -2.84 -49.57 9.54
N GLN A 391 -3.64 -50.55 9.93
CA GLN A 391 -3.18 -51.92 10.12
C GLN A 391 -3.64 -52.90 9.06
N SER A 392 -4.61 -52.53 8.23
CA SER A 392 -5.16 -53.44 7.23
C SER A 392 -5.28 -52.74 5.88
N PRO A 393 -5.13 -53.49 4.79
CA PRO A 393 -5.33 -52.91 3.46
C PRO A 393 -6.76 -52.44 3.30
N GLY A 394 -6.93 -51.16 2.97
CA GLY A 394 -8.26 -50.61 2.80
C GLY A 394 -8.91 -50.12 4.08
N ALA A 395 -8.23 -50.28 5.22
CA ALA A 395 -8.78 -49.80 6.49
C ALA A 395 -9.04 -48.30 6.47
N ILE A 396 -8.14 -47.54 5.84
CA ILE A 396 -8.33 -46.10 5.74
C ILE A 396 -9.57 -45.77 4.91
N ARG A 397 -9.72 -46.42 3.75
CA ARG A 397 -10.90 -46.13 2.94
C ARG A 397 -12.19 -46.61 3.60
N ALA A 398 -12.15 -47.76 4.27
CA ALA A 398 -13.34 -48.26 4.97
C ALA A 398 -13.75 -47.31 6.10
N ALA A 399 -12.78 -46.75 6.82
CA ALA A 399 -13.11 -45.79 7.86
C ALA A 399 -13.69 -44.53 7.25
N ASP A 400 -13.10 -44.05 6.14
CA ASP A 400 -13.62 -42.88 5.47
C ASP A 400 -15.03 -43.11 4.91
N ALA A 401 -15.31 -44.34 4.47
CA ALA A 401 -16.66 -44.65 4.00
C ALA A 401 -17.68 -44.51 5.12
N LEU A 402 -17.30 -44.90 6.34
CA LEU A 402 -18.20 -44.81 7.48
C LEU A 402 -18.39 -43.37 7.93
N PHE A 403 -17.29 -42.62 8.05
CA PHE A 403 -17.30 -41.29 8.66
C PHE A 403 -17.68 -40.17 7.70
N SER A 404 -17.82 -40.44 6.40
CA SER A 404 -18.04 -39.39 5.42
C SER A 404 -19.30 -38.61 5.72
N THR A 405 -19.26 -37.30 5.46
CA THR A 405 -20.40 -36.40 5.60
C THR A 405 -20.51 -35.53 4.35
N GLY A 406 -21.71 -34.99 4.12
CA GLY A 406 -21.96 -34.19 2.94
C GLY A 406 -21.60 -32.73 3.08
N THR A 407 -21.57 -32.22 4.31
CA THR A 407 -21.29 -30.82 4.57
C THR A 407 -20.11 -30.70 5.52
N GLN A 408 -19.28 -29.68 5.29
CA GLN A 408 -18.22 -29.38 6.22
C GLN A 408 -18.81 -28.81 7.50
N PRO A 409 -18.35 -29.24 8.66
CA PRO A 409 -18.88 -28.72 9.92
C PRO A 409 -18.48 -27.27 10.11
N PHE A 410 -19.30 -26.55 10.86
CA PHE A 410 -19.13 -25.12 11.00
C PHE A 410 -19.94 -24.64 12.20
N ALA A 411 -19.32 -23.84 13.06
CA ALA A 411 -19.97 -23.25 14.21
C ALA A 411 -20.07 -21.74 13.95
N GLY A 412 -21.24 -21.27 13.54
CA GLY A 412 -21.37 -19.86 13.22
C GLY A 412 -21.24 -18.90 14.39
N THR A 413 -20.74 -19.39 15.52
CA THR A 413 -20.71 -18.63 16.77
C THR A 413 -19.36 -18.81 17.46
N ASN A 414 -18.88 -17.73 18.09
CA ASN A 414 -17.63 -17.74 18.83
C ASN A 414 -17.90 -17.44 20.30
N PHE A 415 -16.96 -17.89 21.14
CA PHE A 415 -17.06 -17.68 22.58
C PHE A 415 -15.69 -17.73 23.24
N THR B 24 -50.79 0.64 -5.41
CA THR B 24 -49.76 1.62 -5.11
C THR B 24 -50.25 3.06 -5.24
N ASP B 25 -50.08 3.83 -4.17
CA ASP B 25 -50.55 5.22 -4.09
C ASP B 25 -49.36 6.16 -3.93
N ILE B 26 -49.32 7.19 -4.75
CA ILE B 26 -48.27 8.21 -4.72
C ILE B 26 -48.93 9.52 -4.31
N ARG B 27 -48.67 9.96 -3.08
CA ARG B 27 -49.24 11.19 -2.59
C ARG B 27 -48.19 11.93 -1.76
N PHE B 28 -48.48 13.21 -1.51
CA PHE B 28 -47.62 14.04 -0.67
C PHE B 28 -47.82 13.69 0.79
N LEU B 29 -46.71 13.71 1.54
CA LEU B 29 -46.77 13.49 2.98
C LEU B 29 -47.43 14.69 3.66
N GLN B 30 -48.09 14.42 4.79
CA GLN B 30 -48.88 15.45 5.45
C GLN B 30 -48.65 15.47 6.95
N SER B 31 -48.81 14.32 7.62
CA SER B 31 -48.59 14.27 9.06
C SER B 31 -47.11 14.19 9.38
N ARG B 32 -46.76 14.67 10.58
CA ARG B 32 -45.37 14.61 11.01
C ARG B 32 -44.89 13.18 11.21
N ALA B 33 -45.80 12.28 11.59
CA ALA B 33 -45.42 10.87 11.70
C ALA B 33 -44.96 10.34 10.35
N GLU B 34 -45.64 10.76 9.27
CA GLU B 34 -45.23 10.32 7.95
C GLU B 34 -43.87 10.88 7.58
N HIS B 35 -43.61 12.14 7.94
CA HIS B 35 -42.30 12.74 7.68
C HIS B 35 -41.20 12.00 8.44
N GLU B 36 -41.46 11.60 9.69
CA GLU B 36 -40.45 10.85 10.43
C GLU B 36 -40.22 9.48 9.81
N ARG B 37 -41.29 8.83 9.34
CA ARG B 37 -41.12 7.51 8.74
C ARG B 37 -40.39 7.58 7.41
N ALA B 38 -40.66 8.62 6.62
CA ALA B 38 -39.98 8.78 5.33
C ALA B 38 -38.47 8.96 5.50
N PHE B 39 -38.03 9.58 6.60
CA PHE B 39 -36.60 9.70 6.85
C PHE B 39 -35.96 8.35 7.10
N THR B 40 -36.61 7.50 7.91
CA THR B 40 -36.07 6.16 8.11
C THR B 40 -36.08 5.35 6.83
N VAL B 41 -37.10 5.54 5.98
CA VAL B 41 -37.15 4.83 4.71
C VAL B 41 -36.04 5.29 3.78
N PHE B 42 -35.76 6.59 3.76
CA PHE B 42 -34.67 7.09 2.94
C PHE B 42 -33.33 6.56 3.46
N TRP B 43 -33.14 6.53 4.78
CA TRP B 43 -31.92 6.00 5.35
C TRP B 43 -31.73 4.52 5.00
N ARG B 44 -32.83 3.76 4.93
CA ARG B 44 -32.74 2.35 4.54
C ARG B 44 -32.26 2.22 3.11
N ALA B 45 -32.77 3.07 2.22
CA ALA B 45 -32.37 2.97 0.82
C ALA B 45 -30.90 3.33 0.65
N MET B 46 -30.41 4.34 1.38
CA MET B 46 -29.01 4.72 1.26
C MET B 46 -28.08 3.72 1.92
N VAL B 47 -28.60 2.87 2.81
CA VAL B 47 -27.83 1.83 3.48
C VAL B 47 -26.77 2.41 4.42
N GLY B 48 -25.79 3.11 3.88
CA GLY B 48 -24.62 3.49 4.66
C GLY B 48 -24.43 4.96 4.99
N LEU B 49 -25.54 5.70 5.17
CA LEU B 49 -25.47 7.08 5.61
C LEU B 49 -25.30 7.15 7.13
N PRO B 50 -24.50 8.12 7.62
CA PRO B 50 -24.36 8.31 9.08
C PRO B 50 -25.68 8.72 9.72
N ALA B 54 -29.71 12.29 15.97
CA ALA B 54 -31.02 12.40 16.61
C ALA B 54 -31.56 13.82 16.57
N VAL B 55 -32.37 14.13 15.56
CA VAL B 55 -32.93 15.46 15.37
C VAL B 55 -34.31 15.33 14.74
N ALA B 56 -35.22 16.21 15.14
CA ALA B 56 -36.57 16.21 14.60
C ALA B 56 -36.55 16.51 13.10
N ALA B 57 -37.40 15.80 12.36
CA ALA B 57 -37.41 15.94 10.91
C ALA B 57 -37.85 17.32 10.45
N ASP B 58 -38.67 18.01 11.25
CA ASP B 58 -39.20 19.31 10.83
C ASP B 58 -38.10 20.35 10.68
N GLU B 59 -36.99 20.20 11.41
CA GLU B 59 -35.91 21.18 11.31
C GLU B 59 -35.16 21.07 9.99
N LEU B 60 -35.14 19.88 9.38
CA LEU B 60 -34.44 19.64 8.12
C LEU B 60 -35.35 19.55 6.90
N LEU B 61 -36.66 19.73 7.04
CA LEU B 61 -37.59 19.50 5.96
C LEU B 61 -38.42 20.74 5.63
N GLU B 62 -38.97 20.73 4.41
CA GLU B 62 -39.98 21.67 3.95
C GLU B 62 -41.33 20.96 3.98
N LEU B 63 -42.31 21.58 4.63
CA LEU B 63 -43.54 20.88 5.00
C LEU B 63 -44.35 20.42 3.79
N GLY B 64 -44.50 21.28 2.80
CA GLY B 64 -45.31 20.94 1.64
C GLY B 64 -44.63 20.37 0.42
N ARG B 65 -43.49 19.70 0.57
CA ARG B 65 -42.71 19.35 -0.61
C ARG B 65 -42.22 17.90 -0.68
N TYR B 66 -42.64 17.04 0.24
CA TYR B 66 -42.14 15.67 0.31
C TYR B 66 -43.18 14.73 -0.29
N LEU B 67 -42.78 14.03 -1.34
CA LEU B 67 -43.65 13.06 -2.01
C LEU B 67 -43.42 11.68 -1.42
N GLY B 68 -44.49 10.91 -1.28
CA GLY B 68 -44.41 9.59 -0.69
C GLY B 68 -45.02 8.51 -1.57
N ALA B 69 -44.44 7.31 -1.46
CA ALA B 69 -44.89 6.13 -2.20
C ALA B 69 -45.47 5.10 -1.23
N PHE B 70 -46.75 4.81 -1.37
CA PHE B 70 -47.45 3.91 -0.45
C PHE B 70 -47.94 2.67 -1.20
N VAL B 71 -47.57 1.50 -0.68
CA VAL B 71 -48.13 0.21 -1.10
C VAL B 71 -48.83 -0.39 0.11
N GLN B 72 -50.10 -0.75 -0.06
CA GLN B 72 -50.99 -1.09 1.07
C GLN B 72 -50.96 0.15 1.97
N GLY B 73 -51.02 0.00 3.29
CA GLY B 73 -50.93 1.20 4.09
C GLY B 73 -49.52 1.72 4.28
N GLU B 74 -48.53 0.93 3.86
CA GLU B 74 -47.14 1.12 4.26
C GLU B 74 -46.41 2.08 3.32
N LEU B 75 -45.76 3.08 3.90
CA LEU B 75 -44.89 3.96 3.14
C LEU B 75 -43.56 3.24 2.90
N ILE B 76 -43.20 3.06 1.63
CA ILE B 76 -42.04 2.28 1.26
C ILE B 76 -41.06 3.02 0.37
N GLY B 77 -41.32 4.29 0.07
CA GLY B 77 -40.42 5.08 -0.73
C GLY B 77 -40.89 6.52 -0.79
N GLY B 78 -40.02 7.37 -1.31
CA GLY B 78 -40.37 8.79 -1.38
C GLY B 78 -39.33 9.57 -2.14
N ALA B 79 -39.67 10.84 -2.38
CA ALA B 79 -38.81 11.78 -3.08
C ALA B 79 -39.19 13.17 -2.57
N ASP B 80 -38.18 13.98 -2.25
CA ASP B 80 -38.37 15.28 -1.62
C ASP B 80 -37.68 16.36 -2.45
N SER B 81 -37.95 17.61 -2.10
CA SER B 81 -37.31 18.74 -2.76
C SER B 81 -37.35 19.95 -1.83
N TYR B 82 -36.56 20.96 -2.18
CA TYR B 82 -36.53 22.22 -1.44
C TYR B 82 -36.76 23.38 -2.42
N THR B 83 -37.43 24.42 -1.95
CA THR B 83 -37.56 25.64 -2.74
C THR B 83 -36.20 26.34 -2.77
N SER B 84 -35.65 26.52 -3.97
CA SER B 84 -34.28 26.99 -4.11
C SER B 84 -34.17 27.87 -5.34
N TRP B 85 -32.96 28.37 -5.58
CA TRP B 85 -32.62 29.05 -6.82
C TRP B 85 -31.33 28.49 -7.38
N LEU B 86 -31.09 28.75 -8.67
CA LEU B 86 -29.89 28.29 -9.35
C LEU B 86 -29.42 29.41 -10.27
N THR B 87 -28.12 29.73 -10.22
CA THR B 87 -27.54 30.78 -11.04
C THR B 87 -27.16 30.22 -12.40
N VAL B 88 -27.80 30.70 -13.45
CA VAL B 88 -27.57 30.25 -14.82
C VAL B 88 -26.60 31.21 -15.48
N PRO B 89 -25.99 30.85 -16.61
CA PRO B 89 -25.07 31.77 -17.29
C PRO B 89 -25.71 33.14 -17.55
N GLY B 90 -24.97 34.19 -17.19
CA GLY B 90 -25.48 35.55 -17.23
C GLY B 90 -25.80 36.12 -15.87
N GLY B 91 -25.80 35.30 -14.83
CA GLY B 91 -26.00 35.75 -13.46
C GLY B 91 -27.42 35.65 -12.98
N SER B 92 -28.38 35.38 -13.86
CA SER B 92 -29.78 35.31 -13.46
C SER B 92 -29.97 34.16 -12.49
N ARG B 93 -30.86 34.37 -11.52
CA ARG B 93 -31.10 33.42 -10.43
C ARG B 93 -32.47 32.82 -10.69
N VAL B 94 -32.49 31.57 -11.15
CA VAL B 94 -33.69 30.94 -11.68
C VAL B 94 -34.40 30.12 -10.61
N PRO B 95 -35.73 29.98 -10.67
CA PRO B 95 -36.42 29.11 -9.69
C PRO B 95 -35.98 27.67 -9.85
N HIS B 96 -35.50 27.08 -8.76
CA HIS B 96 -34.84 25.79 -8.80
C HIS B 96 -35.40 24.90 -7.71
N ALA B 97 -35.61 23.63 -8.04
CA ALA B 97 -36.10 22.64 -7.08
C ALA B 97 -34.93 21.74 -6.70
N ALA B 98 -34.46 21.87 -5.46
CA ALA B 98 -33.34 21.07 -4.97
C ALA B 98 -33.89 19.71 -4.56
N VAL B 99 -33.80 18.75 -5.49
CA VAL B 99 -34.36 17.40 -5.28
C VAL B 99 -33.42 16.59 -4.41
N THR B 100 -33.98 15.86 -3.44
CA THR B 100 -33.20 15.01 -2.56
C THR B 100 -34.11 14.03 -1.85
N HIS B 101 -33.52 13.21 -0.97
CA HIS B 101 -34.23 12.23 -0.15
C HIS B 101 -34.91 11.15 -0.99
N ILE B 102 -34.48 10.96 -2.23
CA ILE B 102 -35.09 9.96 -3.10
C ILE B 102 -34.61 8.58 -2.72
N GLY B 103 -35.55 7.64 -2.56
CA GLY B 103 -35.19 6.29 -2.21
C GLY B 103 -36.37 5.36 -2.09
N VAL B 104 -36.17 4.09 -2.44
CA VAL B 104 -37.20 3.06 -2.33
C VAL B 104 -36.62 1.88 -1.56
N LEU B 105 -37.42 1.29 -0.68
CA LEU B 105 -36.96 0.16 0.11
C LEU B 105 -36.57 -0.99 -0.81
N PRO B 106 -35.56 -1.77 -0.45
CA PRO B 106 -35.15 -2.89 -1.33
C PRO B 106 -36.23 -3.93 -1.54
N THR B 107 -37.25 -3.97 -0.68
CA THR B 107 -38.37 -4.89 -0.83
C THR B 107 -39.40 -4.43 -1.86
N HIS B 108 -39.18 -3.28 -2.51
CA HIS B 108 -40.15 -2.77 -3.47
C HIS B 108 -39.47 -2.15 -4.68
N THR B 109 -38.26 -2.60 -5.01
CA THR B 109 -37.53 -2.05 -6.14
C THR B 109 -37.88 -2.76 -7.44
N ARG B 110 -37.53 -2.11 -8.55
CA ARG B 110 -37.75 -2.64 -9.89
C ARG B 110 -39.23 -2.91 -10.14
N ARG B 111 -40.08 -2.02 -9.62
CA ARG B 111 -41.52 -2.11 -9.80
C ARG B 111 -42.12 -0.83 -10.33
N GLY B 112 -41.30 0.11 -10.81
CA GLY B 112 -41.77 1.36 -11.35
C GLY B 112 -42.08 2.42 -10.33
N ILE B 113 -41.69 2.22 -9.06
CA ILE B 113 -42.07 3.15 -8.01
C ILE B 113 -41.28 4.45 -8.11
N LEU B 114 -39.97 4.35 -8.36
CA LEU B 114 -39.17 5.56 -8.55
C LEU B 114 -39.65 6.36 -9.75
N THR B 115 -39.94 5.66 -10.87
CA THR B 115 -40.46 6.34 -12.05
C THR B 115 -41.77 7.06 -11.76
N ALA B 116 -42.65 6.43 -10.96
CA ALA B 116 -43.87 7.10 -10.55
C ALA B 116 -43.58 8.31 -9.68
N LEU B 117 -42.58 8.21 -8.80
CA LEU B 117 -42.22 9.33 -7.95
C LEU B 117 -41.64 10.48 -8.76
N VAL B 118 -40.70 10.17 -9.66
CA VAL B 118 -40.03 11.22 -10.45
C VAL B 118 -41.03 11.89 -11.40
N THR B 119 -41.90 11.10 -12.04
CA THR B 119 -42.89 11.68 -12.93
C THR B 119 -43.81 12.64 -12.19
N ARG B 120 -44.30 12.22 -11.02
CA ARG B 120 -45.16 13.09 -10.22
C ARG B 120 -44.38 14.29 -9.71
N GLN B 121 -43.13 14.07 -9.30
CA GLN B 121 -42.32 15.16 -8.75
C GLN B 121 -42.04 16.23 -9.80
N LEU B 122 -41.61 15.82 -11.00
CA LEU B 122 -41.30 16.77 -12.05
C LEU B 122 -42.54 17.54 -12.50
N THR B 123 -43.68 16.86 -12.60
CA THR B 123 -44.93 17.55 -12.96
C THR B 123 -45.31 18.57 -11.89
N ASP B 124 -45.13 18.21 -10.62
CA ASP B 124 -45.42 19.14 -9.53
C ASP B 124 -44.45 20.32 -9.52
N ILE B 125 -43.17 20.07 -9.79
CA ILE B 125 -42.21 21.17 -9.87
C ILE B 125 -42.60 22.16 -10.96
N ALA B 126 -43.10 21.65 -12.10
CA ALA B 126 -43.53 22.54 -13.17
C ALA B 126 -44.69 23.42 -12.72
N GLY B 127 -45.68 22.83 -12.05
CA GLY B 127 -46.83 23.57 -11.60
C GLY B 127 -46.52 24.65 -10.58
N ARG B 128 -45.43 24.49 -9.85
CA ARG B 128 -44.99 25.51 -8.90
C ARG B 128 -44.31 26.68 -9.58
N GLY B 129 -44.14 26.63 -10.90
CA GLY B 129 -43.45 27.68 -11.62
C GLY B 129 -41.95 27.57 -11.61
N GLU B 130 -41.40 26.49 -11.09
CA GLU B 130 -39.96 26.30 -11.09
C GLU B 130 -39.55 25.65 -12.40
N ILE B 131 -38.43 26.11 -12.96
CA ILE B 131 -38.04 25.73 -14.31
C ILE B 131 -36.91 24.71 -14.38
N VAL B 132 -36.13 24.55 -13.31
CA VAL B 132 -35.06 23.56 -13.28
C VAL B 132 -35.13 22.78 -11.98
N ALA B 133 -34.59 21.56 -12.02
CA ALA B 133 -34.42 20.72 -10.85
C ALA B 133 -33.04 20.11 -10.92
N SER B 134 -32.39 19.94 -9.76
CA SER B 134 -31.06 19.37 -9.71
C SER B 134 -30.96 18.45 -8.50
N LEU B 135 -30.00 17.53 -8.57
CA LEU B 135 -29.78 16.59 -7.48
C LEU B 135 -28.31 16.17 -7.48
N ARG B 136 -27.94 15.40 -6.45
CA ARG B 136 -26.64 14.75 -6.35
C ARG B 136 -26.88 13.25 -6.39
N ALA B 137 -26.41 12.60 -7.45
CA ALA B 137 -26.72 11.19 -7.68
C ALA B 137 -25.81 10.28 -6.86
N SER B 138 -26.42 9.32 -6.16
CA SER B 138 -25.67 8.28 -5.46
C SER B 138 -25.09 7.26 -6.43
N GLU B 139 -25.79 7.00 -7.53
CA GLU B 139 -25.31 6.18 -8.63
C GLU B 139 -25.52 6.94 -9.92
N ALA B 140 -24.54 6.85 -10.82
CA ALA B 140 -24.58 7.61 -12.06
C ALA B 140 -25.40 6.93 -13.15
N VAL B 141 -26.15 5.89 -12.82
CA VAL B 141 -26.87 5.08 -13.79
C VAL B 141 -28.37 5.16 -13.58
N ILE B 142 -28.84 6.15 -12.82
CA ILE B 142 -30.23 6.20 -12.36
C ILE B 142 -31.05 7.23 -13.13
N TYR B 143 -30.58 8.48 -13.18
CA TYR B 143 -31.46 9.62 -13.46
C TYR B 143 -31.45 10.13 -14.90
N ARG B 144 -30.55 9.64 -15.76
CA ARG B 144 -30.56 10.17 -17.12
C ARG B 144 -31.82 9.77 -17.88
N ARG B 145 -32.41 8.62 -17.54
CA ARG B 145 -33.64 8.20 -18.20
C ARG B 145 -34.81 9.16 -17.93
N PHE B 146 -34.68 10.04 -16.95
CA PHE B 146 -35.75 10.99 -16.64
C PHE B 146 -35.45 12.39 -17.15
N GLY B 147 -34.39 12.57 -17.93
CA GLY B 147 -34.05 13.86 -18.47
C GLY B 147 -32.99 14.63 -17.72
N TYR B 148 -32.44 14.07 -16.63
CA TYR B 148 -31.37 14.72 -15.88
C TYR B 148 -30.05 14.50 -16.61
N GLY B 149 -29.28 15.57 -16.77
CA GLY B 149 -27.97 15.47 -17.38
C GLY B 149 -26.90 16.05 -16.48
N ILE B 150 -25.70 15.48 -16.57
CA ILE B 150 -24.58 15.98 -15.78
C ILE B 150 -24.21 17.35 -16.33
N ALA B 151 -24.53 18.40 -15.57
CA ALA B 151 -24.35 19.77 -16.04
C ALA B 151 -23.12 20.46 -15.44
N THR B 152 -22.69 20.04 -14.25
CA THR B 152 -21.48 20.56 -13.63
C THR B 152 -20.69 19.40 -13.05
N SER B 153 -19.38 19.61 -12.91
CA SER B 153 -18.49 18.68 -12.25
C SER B 153 -17.65 19.44 -11.22
N SER B 154 -17.10 18.70 -10.28
CA SER B 154 -16.25 19.26 -9.22
C SER B 154 -14.91 18.55 -9.23
N ALA B 155 -13.89 19.24 -8.72
CA ALA B 155 -12.53 18.72 -8.71
C ALA B 155 -11.95 18.74 -7.30
N THR B 156 -10.90 17.95 -7.11
CA THR B 156 -10.17 17.87 -5.85
C THR B 156 -8.70 18.16 -6.14
N TYR B 157 -8.15 19.17 -5.46
CA TYR B 157 -6.77 19.59 -5.65
C TYR B 157 -5.97 19.29 -4.39
N ARG B 158 -4.74 18.81 -4.57
CA ARG B 158 -3.79 18.69 -3.47
C ARG B 158 -2.60 19.60 -3.76
N ILE B 159 -2.38 20.57 -2.89
CA ILE B 159 -1.33 21.57 -3.06
C ILE B 159 -0.17 21.26 -2.14
N GLN B 160 1.04 21.20 -2.71
CA GLN B 160 2.26 21.03 -1.93
C GLN B 160 2.72 22.42 -1.51
N ARG B 161 2.41 22.80 -0.27
CA ARG B 161 2.51 24.21 0.12
C ARG B 161 3.91 24.76 -0.03
N ARG B 162 4.93 23.96 0.25
CA ARG B 162 6.30 24.44 0.13
C ARG B 162 6.64 24.84 -1.30
N ARG B 163 6.05 24.18 -2.29
CA ARG B 163 6.31 24.51 -3.68
C ARG B 163 5.38 25.59 -4.20
N ALA B 164 4.44 26.06 -3.39
CA ALA B 164 3.38 26.96 -3.85
C ALA B 164 3.67 28.40 -3.41
N ALA B 165 4.78 28.91 -3.85
CA ALA B 165 5.00 30.33 -3.66
C ALA B 165 4.25 31.10 -4.76
N PRO B 166 3.64 32.22 -4.41
CA PRO B 166 2.80 32.93 -5.40
C PRO B 166 3.61 33.47 -6.57
N LEU B 167 3.01 33.38 -7.76
CA LEU B 167 3.63 33.95 -8.96
C LEU B 167 3.67 35.47 -8.86
N ARG B 168 2.57 36.08 -8.44
CA ARG B 168 2.47 37.50 -8.18
C ARG B 168 2.20 37.69 -6.69
N PRO B 169 2.59 38.82 -6.11
CA PRO B 169 2.33 39.05 -4.68
C PRO B 169 0.84 39.04 -4.38
N ILE B 170 0.47 38.42 -3.26
CA ILE B 170 -0.93 38.28 -2.86
C ILE B 170 -1.17 39.08 -1.58
N ASP B 171 -2.11 40.02 -1.64
CA ASP B 171 -2.42 40.88 -0.51
C ASP B 171 -3.33 40.15 0.48
N THR B 172 -2.84 39.93 1.69
CA THR B 172 -3.58 39.22 2.73
C THR B 172 -3.87 40.09 3.95
N GLY B 173 -3.77 41.42 3.80
CA GLY B 173 -4.00 42.31 4.92
C GLY B 173 -5.43 42.34 5.43
N ALA B 174 -6.41 42.16 4.53
CA ALA B 174 -7.81 42.15 4.92
C ALA B 174 -8.26 40.83 5.53
N ILE B 175 -7.35 39.85 5.63
CA ILE B 175 -7.70 38.56 6.20
C ILE B 175 -7.88 38.68 7.70
N ALA B 176 -8.93 38.04 8.22
CA ALA B 176 -9.24 38.07 9.65
C ALA B 176 -9.51 36.65 10.12
N LEU B 177 -8.93 36.27 11.25
CA LEU B 177 -9.19 34.98 11.86
C LEU B 177 -10.49 35.04 12.65
N LEU B 178 -11.38 34.08 12.39
CA LEU B 178 -12.71 34.09 13.01
C LEU B 178 -13.09 32.68 13.48
N ASP B 179 -12.10 31.88 13.85
CA ASP B 179 -12.27 30.44 14.05
C ASP B 179 -13.47 30.06 14.90
N ALA B 180 -13.43 30.32 16.21
CA ALA B 180 -14.53 29.91 17.08
C ALA B 180 -15.66 30.92 17.12
N ALA B 181 -15.40 32.17 16.72
CA ALA B 181 -16.42 33.20 16.70
C ALA B 181 -17.33 33.14 15.48
N ALA B 182 -17.12 32.20 14.56
CA ALA B 182 -17.98 32.09 13.40
C ALA B 182 -19.30 31.46 13.79
N SER B 183 -20.37 31.91 13.17
CA SER B 183 -21.70 31.39 13.41
C SER B 183 -22.33 30.90 12.11
N PRO B 184 -23.22 29.92 12.17
CA PRO B 184 -23.95 29.53 10.94
C PRO B 184 -24.73 30.67 10.34
N GLU B 185 -25.26 31.58 11.16
CA GLU B 185 -26.01 32.71 10.62
C GLU B 185 -25.07 33.72 9.95
N GLY B 186 -23.87 33.90 10.50
CA GLY B 186 -22.95 34.86 9.93
C GLY B 186 -22.35 34.39 8.61
N LEU B 187 -22.01 33.10 8.53
CA LEU B 187 -21.50 32.55 7.29
C LEU B 187 -22.56 32.50 6.21
N ALA B 188 -23.82 32.28 6.60
CA ALA B 188 -24.91 32.29 5.64
C ALA B 188 -25.09 33.67 5.02
N ALA B 189 -24.82 34.73 5.78
CA ALA B 189 -24.92 36.08 5.24
C ALA B 189 -23.87 36.32 4.16
N ILE B 190 -22.66 35.77 4.35
CA ILE B 190 -21.63 35.90 3.33
C ILE B 190 -21.96 35.04 2.12
N TYR B 191 -22.47 33.82 2.33
CA TYR B 191 -22.76 32.95 1.19
C TYR B 191 -23.88 33.50 0.32
N GLU B 192 -24.84 34.22 0.91
CA GLU B 192 -26.01 34.68 0.16
C GLU B 192 -25.63 35.48 -1.08
N ARG B 193 -24.49 36.15 -1.05
CA ARG B 193 -24.04 36.98 -2.16
C ARG B 193 -23.36 36.18 -3.27
N ALA B 194 -23.58 34.87 -3.32
CA ALA B 194 -22.95 34.02 -4.33
C ALA B 194 -23.47 34.36 -5.72
N ALA B 195 -22.55 34.58 -6.66
CA ALA B 195 -22.92 34.97 -8.02
C ALA B 195 -22.34 34.08 -9.11
N TRP B 196 -21.57 33.05 -8.77
CA TRP B 196 -20.96 32.20 -9.78
C TRP B 196 -21.97 31.24 -10.39
N THR B 197 -21.76 30.93 -11.67
CA THR B 197 -22.70 30.07 -12.39
C THR B 197 -22.69 28.66 -11.80
N GLY B 198 -23.87 28.14 -11.51
CA GLY B 198 -24.02 26.87 -10.87
C GLY B 198 -24.28 26.96 -9.37
N SER B 199 -24.05 28.13 -8.78
CA SER B 199 -24.28 28.30 -7.36
C SER B 199 -25.76 28.11 -7.06
N VAL B 200 -26.05 27.50 -5.91
CA VAL B 200 -27.40 27.16 -5.51
C VAL B 200 -27.67 27.74 -4.13
N ALA B 201 -28.95 27.91 -3.83
CA ALA B 201 -29.35 28.45 -2.54
C ALA B 201 -28.98 27.51 -1.40
N ARG B 202 -28.60 28.09 -0.26
CA ARG B 202 -28.40 27.34 0.98
C ARG B 202 -29.46 27.76 1.99
N PRO B 203 -30.61 27.09 2.02
CA PRO B 203 -31.69 27.49 2.93
C PRO B 203 -31.30 27.29 4.37
N PRO B 204 -32.08 27.79 5.33
CA PRO B 204 -31.78 27.51 6.74
C PRO B 204 -31.69 26.03 7.08
N GLN B 205 -32.50 25.17 6.43
CA GLN B 205 -32.42 23.74 6.69
C GLN B 205 -31.06 23.17 6.31
N TRP B 206 -30.43 23.73 5.26
CA TRP B 206 -29.10 23.28 4.87
C TRP B 206 -28.08 23.63 5.93
N TRP B 207 -28.21 24.82 6.52
CA TRP B 207 -27.29 25.24 7.57
C TRP B 207 -27.53 24.48 8.87
N ARG B 208 -28.80 24.15 9.15
CA ARG B 208 -29.09 23.31 10.32
C ARG B 208 -28.44 21.93 10.17
N LEU B 209 -28.45 21.38 8.96
CA LEU B 209 -27.84 20.07 8.74
C LEU B 209 -26.33 20.10 8.97
N HIS B 210 -25.67 21.17 8.52
CA HIS B 210 -24.23 21.27 8.71
C HIS B 210 -23.84 21.69 10.13
N GLU B 211 -24.76 22.28 10.88
CA GLU B 211 -24.54 22.43 12.31
C GLU B 211 -24.38 21.07 12.97
N LEU B 212 -25.16 20.07 12.51
CA LEU B 212 -25.08 18.74 13.08
C LEU B 212 -23.78 18.04 12.67
N PHE B 213 -23.39 18.18 11.41
CA PHE B 213 -22.15 17.55 10.96
C PHE B 213 -20.94 18.10 11.70
N ASP B 214 -20.93 19.41 11.98
CA ASP B 214 -19.82 19.98 12.74
C ASP B 214 -19.81 19.48 14.18
N ALA B 215 -21.00 19.25 14.76
CA ALA B 215 -21.05 18.76 16.13
C ALA B 215 -20.59 17.32 16.24
N ALA B 216 -20.81 16.52 15.19
CA ALA B 216 -20.40 15.11 15.23
C ALA B 216 -18.90 14.96 15.12
N ASP B 217 -18.23 15.87 14.41
CA ASP B 217 -16.79 15.81 14.22
C ASP B 217 -16.10 16.48 15.41
N PRO B 218 -15.25 15.76 16.16
CA PRO B 218 -14.55 16.41 17.28
C PRO B 218 -13.55 17.46 16.82
N VAL B 219 -13.01 17.35 15.62
CA VAL B 219 -12.07 18.35 15.10
C VAL B 219 -12.88 19.54 14.60
N LYS B 220 -12.73 20.68 15.26
CA LYS B 220 -13.50 21.83 14.83
C LYS B 220 -12.78 22.59 13.72
N PRO B 221 -13.52 23.19 12.79
CA PRO B 221 -12.89 23.83 11.64
C PRO B 221 -12.48 25.27 11.91
N TYR B 222 -11.36 25.64 11.30
CA TYR B 222 -10.96 27.03 11.27
C TYR B 222 -11.78 27.78 10.24
N VAL B 223 -12.13 29.03 10.54
CA VAL B 223 -12.90 29.87 9.63
C VAL B 223 -12.15 31.18 9.48
N VAL B 224 -11.64 31.43 8.29
CA VAL B 224 -10.92 32.67 7.98
C VAL B 224 -11.76 33.47 6.99
N THR B 225 -11.89 34.77 7.25
CA THR B 225 -12.78 35.62 6.49
C THR B 225 -12.02 36.71 5.74
N HIS B 226 -12.69 37.24 4.72
CA HIS B 226 -12.27 38.40 3.94
C HIS B 226 -13.51 39.25 3.76
N PRO B 227 -13.35 40.55 3.53
CA PRO B 227 -14.52 41.40 3.29
C PRO B 227 -15.48 40.88 2.23
N ASP B 228 -15.00 40.02 1.32
CA ASP B 228 -15.83 39.49 0.24
C ASP B 228 -15.80 37.98 0.18
N GLY B 229 -15.60 37.30 1.31
CA GLY B 229 -15.65 35.86 1.30
C GLY B 229 -15.10 35.27 2.59
N TYR B 230 -15.07 33.94 2.62
CA TYR B 230 -14.55 33.22 3.76
C TYR B 230 -14.00 31.87 3.30
N VAL B 231 -13.34 31.17 4.22
CA VAL B 231 -12.79 29.84 3.95
C VAL B 231 -12.77 29.04 5.25
N ARG B 232 -13.29 27.82 5.19
CA ARG B 232 -13.29 26.88 6.29
C ARG B 232 -12.27 25.77 6.00
N TYR B 233 -11.42 25.46 6.98
CA TYR B 233 -10.47 24.38 6.82
C TYR B 233 -10.24 23.68 8.15
N ARG B 234 -9.94 22.39 8.06
CA ARG B 234 -9.79 21.50 9.19
C ARG B 234 -8.50 20.70 9.04
N PRO B 235 -7.73 20.56 10.12
CA PRO B 235 -6.52 19.73 10.06
C PRO B 235 -6.88 18.25 10.09
N GLN B 236 -6.11 17.45 9.35
CA GLN B 236 -6.34 16.01 9.34
C GLN B 236 -5.51 15.37 10.45
N ASP B 237 -5.29 14.05 10.36
CA ASP B 237 -4.75 13.17 11.39
C ASP B 237 -4.02 13.88 12.54
N THR B 238 -4.80 14.52 13.42
CA THR B 238 -4.21 15.34 14.49
C THR B 238 -3.46 14.49 15.52
N ALA B 239 -3.86 13.25 15.72
CA ALA B 239 -3.17 12.39 16.67
C ALA B 239 -1.73 12.15 16.24
N GLU B 240 -1.45 12.25 14.95
CA GLU B 240 -0.12 12.08 14.37
C GLU B 240 0.30 13.34 13.65
N TRP B 241 0.05 14.51 14.25
CA TRP B 241 0.35 15.77 13.59
C TRP B 241 1.86 15.98 13.45
N PHE B 242 2.59 15.77 14.54
CA PHE B 242 4.04 15.92 14.55
C PHE B 242 4.79 14.75 13.90
N SER B 243 4.07 13.85 13.24
CA SER B 243 4.65 12.69 12.55
C SER B 243 5.66 13.11 11.49
N SER B 244 6.44 12.13 11.00
CA SER B 244 7.47 12.34 9.99
C SER B 244 7.18 13.48 9.02
N SER B 245 6.04 13.45 8.32
CA SER B 245 5.68 14.52 7.39
C SER B 245 4.23 14.33 6.95
N ALA B 246 3.82 15.16 5.97
CA ALA B 246 2.48 15.16 5.38
C ALA B 246 1.38 15.68 6.31
N ARG B 247 1.64 16.81 6.98
CA ARG B 247 0.57 17.48 7.70
C ARG B 247 -0.41 18.09 6.70
N THR B 248 -1.64 17.60 6.69
CA THR B 248 -2.61 18.02 5.68
C THR B 248 -3.78 18.74 6.34
N ILE B 249 -4.25 19.79 5.67
CA ILE B 249 -5.51 20.43 6.04
C ILE B 249 -6.49 20.17 4.92
N SER B 250 -7.78 20.25 5.25
CA SER B 250 -8.85 19.99 4.29
C SER B 250 -9.77 21.20 4.26
N VAL B 251 -9.93 21.78 3.08
CA VAL B 251 -10.81 22.93 2.88
C VAL B 251 -12.15 22.40 2.37
N ASP B 252 -13.18 22.51 3.19
CA ASP B 252 -14.51 22.05 2.79
C ASP B 252 -15.36 23.14 2.16
N ASP B 253 -15.01 24.40 2.34
CA ASP B 253 -15.79 25.51 1.78
C ASP B 253 -14.85 26.68 1.51
N LEU B 254 -14.83 27.14 0.25
CA LEU B 254 -14.09 28.33 -0.13
C LEU B 254 -15.07 29.20 -0.92
N VAL B 255 -15.57 30.26 -0.29
CA VAL B 255 -16.51 31.18 -0.90
C VAL B 255 -15.78 32.49 -1.16
N ALA B 256 -15.74 32.92 -2.41
CA ALA B 256 -15.05 34.14 -2.80
C ALA B 256 -15.88 34.86 -3.85
N HIS B 257 -16.38 36.04 -3.51
CA HIS B 257 -17.21 36.83 -4.40
C HIS B 257 -16.43 37.83 -5.22
N SER B 258 -15.11 37.80 -5.16
CA SER B 258 -14.27 38.77 -5.84
C SER B 258 -12.94 38.12 -6.20
N ASP B 259 -12.31 38.61 -7.26
CA ASP B 259 -10.97 38.12 -7.58
C ASP B 259 -9.99 38.43 -6.46
N GLU B 260 -10.07 39.63 -5.88
CA GLU B 260 -9.17 39.97 -4.79
C GLU B 260 -9.44 39.09 -3.56
N ALA B 261 -10.71 38.83 -3.25
CA ALA B 261 -11.03 37.94 -2.14
C ALA B 261 -10.52 36.53 -2.41
N TYR B 262 -10.62 36.08 -3.65
CA TYR B 262 -10.15 34.74 -4.01
C TYR B 262 -8.66 34.59 -3.76
N ARG B 263 -7.87 35.55 -4.22
CA ARG B 263 -6.42 35.46 -4.04
C ARG B 263 -6.02 35.57 -2.57
N ALA B 264 -6.67 36.46 -1.82
CA ALA B 264 -6.33 36.62 -0.42
C ALA B 264 -6.62 35.36 0.38
N LEU B 265 -7.77 34.73 0.13
CA LEU B 265 -8.12 33.52 0.88
C LEU B 265 -7.17 32.38 0.54
N VAL B 266 -6.92 32.16 -0.75
CA VAL B 266 -5.96 31.13 -1.15
C VAL B 266 -4.55 31.51 -0.68
N GLY B 267 -4.19 32.79 -0.79
CA GLY B 267 -2.90 33.24 -0.28
C GLY B 267 -2.75 32.99 1.20
N HIS B 268 -3.83 33.12 1.96
CA HIS B 268 -3.77 32.77 3.38
C HIS B 268 -3.40 31.31 3.56
N LEU B 269 -3.98 30.41 2.75
CA LEU B 269 -3.65 28.99 2.84
C LEU B 269 -2.20 28.72 2.45
N LEU B 270 -1.72 29.35 1.38
CA LEU B 270 -0.37 29.10 0.91
C LEU B 270 0.69 29.58 1.91
N ASP B 271 0.32 30.46 2.84
CA ASP B 271 1.25 31.03 3.81
C ASP B 271 1.07 30.47 5.23
N LEU B 272 0.24 29.46 5.41
CA LEU B 272 -0.02 28.91 6.74
C LEU B 272 1.16 28.06 7.18
N ASP B 273 1.80 28.45 8.28
CA ASP B 273 2.97 27.73 8.75
C ASP B 273 2.56 26.40 9.37
N LEU B 274 3.44 25.40 9.23
CA LEU B 274 3.29 24.03 9.67
C LEU B 274 2.46 23.17 8.73
N VAL B 275 1.83 23.72 7.70
CA VAL B 275 1.02 22.94 6.78
C VAL B 275 1.90 22.46 5.64
N ASP B 276 1.86 21.15 5.36
CA ASP B 276 2.64 20.57 4.29
C ASP B 276 1.84 20.37 3.01
N VAL B 277 0.61 19.89 3.13
CA VAL B 277 -0.25 19.61 1.99
C VAL B 277 -1.59 20.30 2.25
N ILE B 278 -2.10 21.00 1.24
CA ILE B 278 -3.40 21.66 1.31
C ILE B 278 -4.31 20.93 0.33
N GLU B 279 -5.42 20.41 0.83
CA GLU B 279 -6.37 19.67 0.01
C GLU B 279 -7.65 20.49 -0.13
N LEU B 280 -7.97 20.86 -1.37
CA LEU B 280 -9.18 21.60 -1.69
C LEU B 280 -10.17 20.67 -2.36
N GLY B 281 -11.40 20.67 -1.89
CA GLY B 281 -12.43 19.86 -2.49
C GLY B 281 -13.76 19.98 -1.78
N PRO B 282 -14.85 20.02 -2.56
CA PRO B 282 -14.85 20.07 -4.02
C PRO B 282 -14.62 21.49 -4.52
N ARG B 283 -13.97 21.63 -5.67
CA ARG B 283 -13.69 22.93 -6.27
C ARG B 283 -14.04 22.90 -7.75
N PRO B 284 -14.18 24.06 -8.39
CA PRO B 284 -14.44 24.08 -9.83
C PRO B 284 -13.34 23.39 -10.62
N ILE B 285 -13.73 22.74 -11.72
CA ILE B 285 -12.74 22.04 -12.53
C ILE B 285 -11.78 23.01 -13.23
N ASP B 286 -12.12 24.29 -13.31
CA ASP B 286 -11.23 25.31 -13.90
C ASP B 286 -10.75 26.32 -12.86
N ASP B 287 -10.63 25.89 -11.61
CA ASP B 287 -10.12 26.76 -10.56
C ASP B 287 -8.70 27.17 -10.92
N PRO B 288 -8.39 28.47 -10.99
CA PRO B 288 -7.08 28.90 -11.49
C PRO B 288 -5.93 28.77 -10.50
N LEU B 289 -6.00 27.79 -9.60
CA LEU B 289 -4.89 27.53 -8.69
C LEU B 289 -3.56 27.33 -9.39
N PRO B 290 -3.45 26.52 -10.46
CA PRO B 290 -2.16 26.39 -11.14
C PRO B 290 -1.59 27.71 -11.64
N HIS B 291 -2.43 28.72 -11.87
CA HIS B 291 -1.96 30.02 -12.33
C HIS B 291 -1.59 30.98 -11.22
N LEU B 292 -1.84 30.62 -9.95
CA LEU B 292 -1.48 31.49 -8.84
C LEU B 292 -0.05 31.27 -8.37
N VAL B 293 0.58 30.18 -8.76
CA VAL B 293 1.85 29.77 -8.17
C VAL B 293 2.92 29.70 -9.26
N THR B 294 4.17 29.92 -8.84
CA THR B 294 5.28 29.82 -9.76
C THR B 294 5.48 28.39 -10.25
N ASP B 295 5.06 27.41 -9.44
CA ASP B 295 5.20 25.99 -9.78
C ASP B 295 3.82 25.40 -9.97
N PRO B 296 3.26 25.43 -11.18
CA PRO B 296 1.91 24.88 -11.39
C PRO B 296 1.80 23.42 -10.97
N ARG B 297 2.89 22.67 -11.01
CA ARG B 297 2.87 21.27 -10.61
C ARG B 297 2.86 21.10 -9.10
N ALA B 298 2.99 22.19 -8.33
CA ALA B 298 2.70 22.14 -6.90
C ALA B 298 1.22 21.94 -6.64
N VAL B 299 0.38 22.16 -7.64
CA VAL B 299 -1.06 21.99 -7.53
C VAL B 299 -1.41 20.79 -8.41
N ALA B 300 -1.87 19.71 -7.78
CA ALA B 300 -2.20 18.47 -8.48
C ALA B 300 -3.68 18.18 -8.37
N VAL B 301 -4.28 17.77 -9.48
CA VAL B 301 -5.68 17.36 -9.50
C VAL B 301 -5.76 15.93 -9.02
N ALA B 302 -6.28 15.72 -7.81
CA ALA B 302 -6.41 14.39 -7.22
C ALA B 302 -7.70 13.67 -7.60
N GLY B 303 -8.59 14.31 -8.37
CA GLY B 303 -9.81 13.64 -8.76
C GLY B 303 -10.88 14.54 -9.35
N ILE B 304 -11.74 13.99 -10.19
CA ILE B 304 -12.84 14.71 -10.82
C ILE B 304 -14.09 13.85 -10.75
N ARG B 305 -15.20 14.45 -10.34
CA ARG B 305 -16.45 13.74 -10.10
C ARG B 305 -17.60 14.55 -10.68
N ASP B 306 -18.65 13.85 -11.11
CA ASP B 306 -19.86 14.53 -11.51
C ASP B 306 -20.49 15.21 -10.30
N GLU B 307 -21.11 16.37 -10.54
CA GLU B 307 -21.71 17.16 -9.48
C GLU B 307 -23.20 17.38 -9.66
N THR B 308 -23.57 18.34 -10.51
CA THR B 308 -24.97 18.70 -10.69
C THR B 308 -25.60 17.80 -11.75
N TRP B 309 -26.63 17.05 -11.35
CA TRP B 309 -27.49 16.37 -12.30
C TRP B 309 -28.68 17.30 -12.52
N LEU B 310 -28.66 18.00 -13.65
CA LEU B 310 -29.63 19.05 -13.94
C LEU B 310 -30.77 18.51 -14.80
N ARG B 311 -31.99 18.89 -14.45
CA ARG B 311 -33.19 18.50 -15.19
C ARG B 311 -33.93 19.79 -15.54
N LEU B 312 -34.00 20.09 -16.84
CA LEU B 312 -34.73 21.26 -17.31
C LEU B 312 -36.22 20.96 -17.28
N VAL B 313 -36.95 21.64 -16.40
CA VAL B 313 -38.38 21.42 -16.27
C VAL B 313 -39.18 22.24 -17.27
N ASP B 314 -38.84 23.52 -17.44
CA ASP B 314 -39.42 24.36 -18.49
C ASP B 314 -38.26 24.80 -19.39
N VAL B 315 -38.08 24.08 -20.51
CA VAL B 315 -36.93 24.31 -21.38
C VAL B 315 -36.95 25.73 -21.94
N GLU B 316 -38.12 26.21 -22.38
CA GLU B 316 -38.19 27.54 -22.96
C GLU B 316 -37.83 28.62 -21.94
N ALA B 317 -38.38 28.52 -20.73
CA ALA B 317 -38.06 29.51 -19.72
C ALA B 317 -36.60 29.43 -19.29
N ALA B 318 -36.04 28.22 -19.24
CA ALA B 318 -34.64 28.08 -18.89
C ALA B 318 -33.74 28.71 -19.95
N LEU B 319 -33.97 28.38 -21.23
CA LEU B 319 -33.15 28.94 -22.29
C LEU B 319 -33.27 30.46 -22.35
N ALA B 320 -34.43 31.00 -21.96
CA ALA B 320 -34.63 32.45 -22.04
C ALA B 320 -33.99 33.19 -20.87
N ALA B 321 -33.79 32.52 -19.73
CA ALA B 321 -33.24 33.16 -18.55
C ALA B 321 -31.72 33.32 -18.62
N ARG B 322 -31.03 32.54 -19.44
CA ARG B 322 -29.58 32.65 -19.56
C ARG B 322 -29.21 33.56 -20.72
N THR B 323 -27.97 34.04 -20.70
CA THR B 323 -27.46 34.93 -21.73
C THR B 323 -26.63 34.15 -22.74
N TYR B 324 -26.49 34.73 -23.93
CA TYR B 324 -25.72 34.14 -25.03
C TYR B 324 -24.88 35.24 -25.65
N THR B 325 -24.00 34.83 -26.56
CA THR B 325 -23.14 35.78 -27.25
C THR B 325 -23.81 36.32 -28.52
N ASP B 326 -23.19 37.36 -29.09
CA ASP B 326 -23.76 38.00 -30.26
C ASP B 326 -23.56 37.11 -31.48
N GLY B 327 -24.27 35.99 -31.53
CA GLY B 327 -24.21 35.08 -32.65
C GLY B 327 -25.53 35.05 -33.42
N ALA B 328 -25.52 34.28 -34.49
CA ALA B 328 -26.73 34.09 -35.27
C ALA B 328 -27.63 33.07 -34.57
N PRO B 329 -28.95 33.21 -34.70
CA PRO B 329 -29.86 32.31 -33.99
C PRO B 329 -29.69 30.86 -34.43
N VAL B 330 -29.91 29.95 -33.50
CA VAL B 330 -29.89 28.53 -33.75
C VAL B 330 -31.22 27.93 -33.31
N VAL B 331 -31.77 27.03 -34.13
CA VAL B 331 -33.02 26.36 -33.82
C VAL B 331 -32.70 24.98 -33.28
N ILE B 332 -33.12 24.72 -32.05
CA ILE B 332 -32.84 23.46 -31.38
C ILE B 332 -34.15 22.70 -31.22
N GLU B 333 -34.19 21.46 -31.73
CA GLU B 333 -35.33 20.58 -31.52
C GLU B 333 -35.05 19.70 -30.30
N VAL B 334 -35.89 19.81 -29.28
CA VAL B 334 -35.70 19.14 -28.01
C VAL B 334 -36.67 17.96 -27.91
N GLN B 335 -36.16 16.83 -27.44
CA GLN B 335 -36.96 15.64 -27.19
C GLN B 335 -37.18 15.53 -25.69
N ASP B 336 -38.44 15.38 -25.28
CA ASP B 336 -38.77 15.26 -23.86
C ASP B 336 -39.95 14.29 -23.74
N THR B 337 -39.72 13.14 -23.12
CA THR B 337 -40.76 12.14 -22.96
C THR B 337 -41.62 12.37 -21.73
N LEU B 338 -41.01 12.70 -20.58
CA LEU B 338 -41.80 12.91 -19.37
C LEU B 338 -42.62 14.19 -19.44
N LEU B 339 -42.05 15.25 -20.00
CA LEU B 339 -42.72 16.55 -20.10
C LEU B 339 -42.87 16.95 -21.56
N PRO B 340 -43.93 16.49 -22.23
CA PRO B 340 -44.10 16.82 -23.66
C PRO B 340 -44.26 18.31 -23.94
N HIS B 341 -44.51 19.13 -22.92
CA HIS B 341 -44.55 20.58 -23.11
C HIS B 341 -43.22 21.11 -23.63
N ASN B 342 -42.11 20.44 -23.28
CA ASN B 342 -40.80 20.85 -23.75
C ASN B 342 -40.43 20.24 -25.10
N ALA B 343 -41.13 19.20 -25.54
CA ALA B 343 -40.83 18.58 -26.82
C ALA B 343 -41.27 19.48 -27.96
N ALA B 344 -40.37 20.35 -28.43
CA ALA B 344 -40.70 21.32 -29.47
C ALA B 344 -39.39 21.83 -30.08
N ARG B 345 -39.51 22.84 -30.95
CA ARG B 345 -38.37 23.50 -31.56
C ARG B 345 -38.28 24.93 -31.05
N PHE B 346 -37.09 25.32 -30.61
CA PHE B 346 -36.86 26.63 -30.02
C PHE B 346 -35.77 27.36 -30.81
N SER B 347 -36.07 28.59 -31.22
CA SER B 347 -35.08 29.45 -31.85
C SER B 347 -34.34 30.18 -30.74
N VAL B 348 -33.07 29.85 -30.55
CA VAL B 348 -32.29 30.38 -29.45
C VAL B 348 -31.33 31.43 -30.00
N SER B 349 -31.37 32.63 -29.41
CA SER B 349 -30.45 33.69 -29.77
C SER B 349 -30.32 34.65 -28.60
N SER B 350 -29.27 35.47 -28.65
CA SER B 350 -29.08 36.48 -27.62
C SER B 350 -30.20 37.50 -27.60
N ASP B 351 -31.01 37.58 -28.66
CA ASP B 351 -32.07 38.56 -28.78
C ASP B 351 -33.43 38.03 -28.33
N LYS B 352 -33.75 36.78 -28.66
CA LYS B 352 -35.07 36.26 -28.34
C LYS B 352 -35.01 34.73 -28.33
N VAL B 353 -35.83 34.14 -27.46
CA VAL B 353 -36.01 32.70 -27.39
C VAL B 353 -37.50 32.42 -27.58
N ARG B 354 -37.85 31.76 -28.68
CA ARG B 354 -39.25 31.53 -29.01
C ARG B 354 -39.41 30.13 -29.59
N ARG B 355 -40.63 29.62 -29.51
CA ARG B 355 -40.98 28.38 -30.19
C ARG B 355 -41.16 28.65 -31.68
N THR B 356 -40.71 27.70 -32.50
CA THR B 356 -40.68 27.86 -33.94
C THR B 356 -41.17 26.59 -34.60
N GLN B 357 -41.62 26.72 -35.84
CA GLN B 357 -41.91 25.57 -36.67
C GLN B 357 -40.86 25.38 -37.75
N HIS B 358 -39.85 26.25 -37.82
CA HIS B 358 -38.78 26.12 -38.79
C HIS B 358 -37.99 24.83 -38.56
N THR B 359 -37.43 24.29 -39.64
CA THR B 359 -36.62 23.09 -39.52
C THR B 359 -35.40 23.37 -38.65
N PRO B 360 -35.08 22.48 -37.72
CA PRO B 360 -34.00 22.75 -36.76
C PRO B 360 -32.61 22.62 -37.36
N ASP B 361 -31.67 23.29 -36.72
CA ASP B 361 -30.25 23.13 -37.03
C ASP B 361 -29.60 22.03 -36.21
N ILE B 362 -30.16 21.74 -35.04
CA ILE B 362 -29.59 20.78 -34.10
C ILE B 362 -30.73 20.07 -33.40
N SER B 363 -30.58 18.77 -33.20
CA SER B 363 -31.57 17.96 -32.49
C SER B 363 -30.90 17.31 -31.30
N VAL B 364 -31.55 17.38 -30.14
CA VAL B 364 -30.98 16.88 -28.90
C VAL B 364 -32.11 16.51 -27.94
N ASP B 365 -31.85 15.52 -27.08
CA ASP B 365 -32.77 15.21 -25.99
C ASP B 365 -32.53 16.14 -24.81
N VAL B 366 -33.54 16.27 -23.95
CA VAL B 366 -33.51 17.25 -22.87
C VAL B 366 -32.37 16.98 -21.89
N ALA B 367 -31.96 15.71 -21.74
CA ALA B 367 -30.88 15.40 -20.82
C ALA B 367 -29.57 16.03 -21.28
N ALA B 368 -29.25 15.88 -22.57
CA ALA B 368 -28.00 16.43 -23.07
C ALA B 368 -28.07 17.95 -23.15
N LEU B 369 -29.26 18.51 -23.41
CA LEU B 369 -29.40 19.96 -23.35
C LEU B 369 -29.12 20.48 -21.95
N GLY B 370 -29.55 19.73 -20.93
CA GLY B 370 -29.23 20.10 -19.57
C GLY B 370 -27.72 20.10 -19.32
N SER B 371 -27.00 19.17 -19.95
CA SER B 371 -25.55 19.12 -19.78
C SER B 371 -24.88 20.36 -20.34
N VAL B 372 -25.41 20.90 -21.44
CA VAL B 372 -24.80 22.09 -22.04
C VAL B 372 -25.27 23.37 -21.35
N TYR B 373 -26.42 23.31 -20.67
CA TYR B 373 -27.14 24.54 -20.31
C TYR B 373 -26.30 25.48 -19.45
N LEU B 374 -25.52 24.94 -18.52
CA LEU B 374 -24.74 25.75 -17.59
C LEU B 374 -23.33 26.06 -18.08
N GLY B 375 -22.96 25.59 -19.26
CA GLY B 375 -21.63 25.80 -19.78
C GLY B 375 -20.61 24.74 -19.43
N GLY B 376 -21.02 23.68 -18.75
CA GLY B 376 -20.15 22.59 -18.38
C GLY B 376 -19.86 21.58 -19.47
N ASN B 377 -20.49 21.75 -20.62
CA ASN B 377 -20.26 20.93 -21.80
C ASN B 377 -20.50 21.79 -23.03
N THR B 378 -19.89 21.38 -24.14
CA THR B 378 -20.06 22.06 -25.41
C THR B 378 -20.81 21.15 -26.38
N TRP B 379 -21.33 21.77 -27.45
CA TRP B 379 -22.08 21.00 -28.43
C TRP B 379 -21.19 20.04 -29.22
N THR B 380 -19.93 20.43 -29.48
CA THR B 380 -19.05 19.56 -30.26
C THR B 380 -18.78 18.26 -29.50
N ARG B 381 -18.53 18.34 -28.20
CA ARG B 381 -18.16 17.16 -27.45
C ARG B 381 -19.35 16.22 -27.28
N LEU B 382 -20.55 16.77 -27.09
CA LEU B 382 -21.73 15.92 -27.00
C LEU B 382 -22.07 15.33 -28.36
N GLU B 383 -21.90 16.12 -29.43
CA GLU B 383 -22.08 15.57 -30.77
C GLU B 383 -21.10 14.44 -31.02
N ARG B 384 -19.87 14.57 -30.51
CA ARG B 384 -18.88 13.52 -30.69
C ARG B 384 -19.31 12.23 -29.99
N ALA B 385 -19.98 12.36 -28.84
CA ALA B 385 -20.50 11.22 -28.11
C ALA B 385 -21.79 10.66 -28.71
N GLY B 386 -22.34 11.31 -29.73
CA GLY B 386 -23.55 10.84 -30.38
C GLY B 386 -24.85 11.27 -29.73
N LEU B 387 -24.82 12.35 -28.96
CA LEU B 387 -25.98 12.85 -28.24
C LEU B 387 -26.57 14.10 -28.87
N VAL B 388 -26.01 14.55 -30.00
CA VAL B 388 -26.48 15.73 -30.72
C VAL B 388 -26.45 15.40 -32.21
N SER B 389 -27.53 15.73 -32.92
CA SER B 389 -27.61 15.51 -34.36
C SER B 389 -27.65 16.87 -35.05
N ALA B 390 -26.70 17.09 -35.96
CA ALA B 390 -26.57 18.34 -36.69
C ALA B 390 -27.02 18.16 -38.14
N GLN B 391 -27.67 19.20 -38.67
CA GLN B 391 -28.11 19.21 -40.06
C GLN B 391 -27.20 20.04 -40.96
N SER B 392 -26.31 20.83 -40.38
CA SER B 392 -25.29 21.60 -41.08
C SER B 392 -23.99 21.43 -40.31
N PRO B 393 -22.84 21.47 -41.00
CA PRO B 393 -21.57 21.38 -40.26
C PRO B 393 -21.37 22.54 -39.29
N GLY B 394 -21.52 23.77 -39.76
CA GLY B 394 -21.37 24.92 -38.90
C GLY B 394 -22.48 25.13 -37.89
N ALA B 395 -23.54 24.31 -37.93
CA ALA B 395 -24.59 24.45 -36.94
C ALA B 395 -24.05 24.21 -35.53
N ILE B 396 -23.19 23.20 -35.38
CA ILE B 396 -22.57 22.91 -34.10
C ILE B 396 -21.68 24.08 -33.68
N ARG B 397 -20.88 24.59 -34.62
CA ARG B 397 -19.98 25.70 -34.33
C ARG B 397 -20.77 26.95 -33.98
N ALA B 398 -21.88 27.20 -34.69
CA ALA B 398 -22.71 28.34 -34.35
C ALA B 398 -23.31 28.19 -32.96
N ALA B 399 -23.78 26.99 -32.62
CA ALA B 399 -24.39 26.77 -31.30
C ALA B 399 -23.37 26.94 -30.19
N ASP B 400 -22.16 26.40 -30.36
CA ASP B 400 -21.14 26.59 -29.34
C ASP B 400 -20.75 28.05 -29.21
N ALA B 401 -20.78 28.81 -30.30
CA ALA B 401 -20.47 30.22 -30.21
C ALA B 401 -21.48 30.95 -29.33
N LEU B 402 -22.75 30.54 -29.40
CA LEU B 402 -23.79 31.19 -28.61
C LEU B 402 -23.71 30.79 -27.13
N PHE B 403 -23.58 29.50 -26.87
CA PHE B 403 -23.70 28.96 -25.51
C PHE B 403 -22.42 29.01 -24.71
N SER B 404 -21.28 29.33 -25.32
CA SER B 404 -19.99 29.28 -24.63
C SER B 404 -19.97 30.26 -23.47
N THR B 405 -19.31 29.86 -22.38
CA THR B 405 -19.13 30.70 -21.22
C THR B 405 -17.66 30.69 -20.81
N GLY B 406 -17.27 31.71 -20.04
CA GLY B 406 -15.89 31.86 -19.66
C GLY B 406 -15.47 31.04 -18.45
N THR B 407 -16.43 30.64 -17.61
CA THR B 407 -16.14 29.87 -16.42
C THR B 407 -16.94 28.57 -16.46
N GLN B 408 -16.33 27.50 -15.95
CA GLN B 408 -17.05 26.24 -15.82
C GLN B 408 -18.06 26.36 -14.69
N PRO B 409 -19.28 25.85 -14.88
CA PRO B 409 -20.28 25.93 -13.82
C PRO B 409 -19.89 25.04 -12.65
N PHE B 410 -20.35 25.43 -11.47
CA PHE B 410 -19.92 24.81 -10.23
C PHE B 410 -20.88 25.21 -9.13
N ALA B 411 -21.23 24.26 -8.27
CA ALA B 411 -22.14 24.53 -7.17
C ALA B 411 -21.40 24.71 -5.84
N GLY B 412 -20.60 23.73 -5.46
CA GLY B 412 -19.89 23.76 -4.20
C GLY B 412 -20.73 23.49 -2.99
N THR B 413 -21.96 23.04 -3.19
CA THR B 413 -22.89 22.75 -2.10
C THR B 413 -23.61 21.47 -2.48
N ASN B 414 -23.85 20.61 -1.49
CA ASN B 414 -24.55 19.36 -1.71
C ASN B 414 -25.83 19.32 -0.88
N PHE B 415 -26.77 18.51 -1.36
CA PHE B 415 -28.04 18.36 -0.67
C PHE B 415 -28.65 17.02 -1.05
N VAL C 23 34.01 -39.46 8.95
CA VAL C 23 32.81 -39.39 8.11
C VAL C 23 32.82 -38.09 7.30
N THR C 24 33.46 -37.05 7.83
CA THR C 24 33.55 -35.75 7.18
C THR C 24 34.99 -35.30 7.11
N ASP C 25 35.44 -34.95 5.91
CA ASP C 25 36.82 -34.57 5.64
C ASP C 25 36.89 -33.10 5.25
N ILE C 26 37.80 -32.36 5.88
CA ILE C 26 37.98 -30.93 5.63
C ILE C 26 39.38 -30.70 5.08
N ARG C 27 39.48 -30.33 3.81
CA ARG C 27 40.76 -30.03 3.18
C ARG C 27 40.61 -28.82 2.27
N PHE C 28 41.74 -28.24 1.90
CA PHE C 28 41.74 -27.13 0.94
C PHE C 28 41.53 -27.65 -0.47
N LEU C 29 40.77 -26.89 -1.25
CA LEU C 29 40.60 -27.21 -2.65
C LEU C 29 41.89 -26.92 -3.41
N GLN C 30 42.12 -27.70 -4.46
CA GLN C 30 43.35 -27.60 -5.23
C GLN C 30 43.18 -27.66 -6.74
N SER C 31 41.97 -27.94 -7.25
CA SER C 31 41.73 -28.02 -8.69
C SER C 31 40.65 -27.03 -9.10
N ARG C 32 40.68 -26.64 -10.38
CA ARG C 32 39.63 -25.77 -10.90
C ARG C 32 38.28 -26.46 -10.93
N ALA C 33 38.25 -27.78 -11.13
CA ALA C 33 37.00 -28.53 -11.07
C ALA C 33 36.39 -28.45 -9.67
N GLU C 34 37.23 -28.56 -8.63
CA GLU C 34 36.73 -28.44 -7.27
C GLU C 34 36.31 -27.00 -6.96
N HIS C 35 37.06 -26.02 -7.44
CA HIS C 35 36.68 -24.63 -7.23
C HIS C 35 35.34 -24.32 -7.88
N GLU C 36 35.11 -24.86 -9.08
CA GLU C 36 33.84 -24.58 -9.77
C GLU C 36 32.67 -25.21 -9.02
N ARG C 37 32.86 -26.41 -8.45
CA ARG C 37 31.79 -27.06 -7.69
C ARG C 37 31.57 -26.36 -6.35
N ALA C 38 32.63 -25.87 -5.72
CA ALA C 38 32.45 -25.10 -4.49
C ALA C 38 31.60 -23.86 -4.74
N PHE C 39 31.72 -23.27 -5.93
CA PHE C 39 30.83 -22.17 -6.28
C PHE C 39 29.39 -22.64 -6.43
N THR C 40 29.19 -23.80 -7.06
CA THR C 40 27.85 -24.34 -7.22
C THR C 40 27.24 -24.70 -5.86
N VAL C 41 28.06 -25.20 -4.94
CA VAL C 41 27.57 -25.51 -3.60
C VAL C 41 27.20 -24.25 -2.84
N PHE C 42 28.03 -23.21 -2.95
CA PHE C 42 27.74 -21.96 -2.26
C PHE C 42 26.47 -21.31 -2.79
N TRP C 43 26.31 -21.27 -4.12
CA TRP C 43 25.09 -20.72 -4.70
C TRP C 43 23.87 -21.53 -4.28
N ARG C 44 24.00 -22.85 -4.21
CA ARG C 44 22.87 -23.69 -3.84
C ARG C 44 22.49 -23.41 -2.38
N ALA C 45 23.49 -23.23 -1.52
CA ALA C 45 23.21 -22.94 -0.12
C ALA C 45 22.54 -21.58 0.05
N MET C 46 22.95 -20.57 -0.73
CA MET C 46 22.33 -19.26 -0.65
C MET C 46 20.91 -19.24 -1.19
N VAL C 47 20.52 -20.26 -1.97
CA VAL C 47 19.17 -20.42 -2.50
C VAL C 47 18.85 -19.32 -3.52
N GLY C 48 18.77 -18.07 -3.07
CA GLY C 48 18.27 -17.02 -3.94
C GLY C 48 19.29 -15.98 -4.34
N LEU C 49 20.56 -16.37 -4.44
CA LEU C 49 21.58 -15.46 -4.94
C LEU C 49 21.56 -15.45 -6.46
N PRO C 50 21.71 -14.26 -7.09
CA PRO C 50 21.74 -14.17 -8.56
C PRO C 50 22.94 -14.88 -9.16
N ALA C 56 33.55 -17.59 -15.63
CA ALA C 56 34.62 -18.33 -14.96
C ALA C 56 34.74 -17.89 -13.50
N ALA C 57 35.01 -18.85 -12.62
CA ALA C 57 35.11 -18.58 -11.19
C ALA C 57 36.53 -18.36 -10.72
N ASP C 58 37.53 -18.95 -11.37
CA ASP C 58 38.92 -18.77 -10.95
C ASP C 58 39.42 -17.35 -11.18
N GLU C 59 38.79 -16.61 -12.09
CA GLU C 59 39.14 -15.21 -12.27
C GLU C 59 38.65 -14.34 -11.12
N LEU C 60 37.60 -14.80 -10.42
CA LEU C 60 37.03 -14.08 -9.28
C LEU C 60 37.49 -14.64 -7.94
N LEU C 61 38.38 -15.61 -7.94
CA LEU C 61 38.82 -16.27 -6.72
C LEU C 61 40.31 -16.08 -6.52
N GLU C 62 40.73 -16.21 -5.26
CA GLU C 62 42.13 -16.27 -4.88
C GLU C 62 42.43 -17.70 -4.47
N LEU C 63 43.38 -18.35 -5.15
CA LEU C 63 43.62 -19.75 -4.89
C LEU C 63 44.21 -19.93 -3.50
N GLY C 64 44.38 -21.19 -3.11
CA GLY C 64 44.98 -21.54 -1.84
C GLY C 64 44.30 -20.99 -0.60
N ARG C 65 43.02 -20.61 -0.70
CA ARG C 65 42.32 -20.05 0.45
C ARG C 65 40.91 -20.60 0.62
N TYR C 66 40.48 -21.55 -0.20
CA TYR C 66 39.11 -22.05 -0.21
C TYR C 66 39.11 -23.43 0.44
N LEU C 67 38.38 -23.56 1.56
CA LEU C 67 38.26 -24.82 2.26
C LEU C 67 37.03 -25.55 1.76
N GLY C 68 37.13 -26.88 1.69
CA GLY C 68 36.03 -27.69 1.23
C GLY C 68 35.68 -28.77 2.23
N ALA C 69 34.39 -29.08 2.29
CA ALA C 69 33.86 -30.11 3.18
C ALA C 69 33.36 -31.26 2.31
N PHE C 70 33.99 -32.41 2.45
CA PHE C 70 33.70 -33.57 1.63
C PHE C 70 33.11 -34.66 2.51
N VAL C 71 31.95 -35.17 2.13
CA VAL C 71 31.31 -36.29 2.80
C VAL C 71 31.21 -37.44 1.83
N GLN C 72 31.81 -38.58 2.20
CA GLN C 72 31.87 -39.77 1.35
C GLN C 72 32.38 -39.47 -0.06
N GLY C 73 33.26 -38.47 -0.20
CA GLY C 73 33.90 -38.15 -1.45
C GLY C 73 33.38 -36.90 -2.14
N GLU C 74 32.11 -36.57 -1.97
CA GLU C 74 31.53 -35.45 -2.71
C GLU C 74 31.63 -34.16 -1.93
N LEU C 75 31.87 -33.06 -2.66
CA LEU C 75 31.98 -31.74 -2.05
C LEU C 75 30.59 -31.20 -1.76
N ILE C 76 30.30 -30.92 -0.49
CA ILE C 76 28.98 -30.52 -0.06
C ILE C 76 28.96 -29.21 0.73
N GLY C 77 30.11 -28.56 0.90
CA GLY C 77 30.16 -27.29 1.63
C GLY C 77 31.55 -26.72 1.54
N GLY C 78 31.67 -25.47 1.97
CA GLY C 78 32.97 -24.82 1.91
C GLY C 78 32.97 -23.48 2.61
N ALA C 79 34.17 -22.92 2.71
CA ALA C 79 34.38 -21.61 3.31
C ALA C 79 35.64 -21.03 2.69
N ASP C 80 35.57 -19.77 2.27
CA ASP C 80 36.64 -19.12 1.51
C ASP C 80 37.02 -17.81 2.20
N SER C 81 38.12 -17.23 1.75
CA SER C 81 38.56 -15.93 2.26
C SER C 81 39.50 -15.29 1.25
N TYR C 82 39.74 -13.98 1.43
CA TYR C 82 40.64 -13.22 0.57
C TYR C 82 41.70 -12.54 1.43
N THR C 83 42.90 -12.41 0.86
CA THR C 83 43.95 -11.63 1.51
C THR C 83 43.60 -10.16 1.45
N SER C 84 43.42 -9.53 2.62
CA SER C 84 42.92 -8.16 2.67
C SER C 84 43.54 -7.43 3.86
N TRP C 85 43.17 -6.17 4.02
CA TRP C 85 43.53 -5.39 5.19
C TRP C 85 42.29 -4.71 5.77
N LEU C 86 42.40 -4.26 7.02
CA LEU C 86 41.32 -3.58 7.71
C LEU C 86 41.88 -2.40 8.49
N THR C 87 41.26 -1.24 8.34
CA THR C 87 41.72 -0.02 9.01
C THR C 87 41.12 0.05 10.41
N VAL C 88 41.99 0.01 11.42
CA VAL C 88 41.61 0.03 12.84
C VAL C 88 41.75 1.45 13.40
N PRO C 89 41.19 1.76 14.57
CA PRO C 89 41.32 3.11 15.11
C PRO C 89 42.77 3.54 15.22
N GLY C 90 43.05 4.75 14.73
CA GLY C 90 44.40 5.26 14.64
C GLY C 90 44.99 5.23 13.26
N GLY C 91 44.33 4.56 12.32
CA GLY C 91 44.74 4.54 10.92
C GLY C 91 45.56 3.33 10.52
N SER C 92 46.03 2.53 11.47
CA SER C 92 46.87 1.39 11.12
C SER C 92 46.08 0.40 10.28
N ARG C 93 46.76 -0.24 9.33
CA ARG C 93 46.14 -1.14 8.37
C ARG C 93 46.59 -2.56 8.71
N VAL C 94 45.70 -3.33 9.33
CA VAL C 94 46.07 -4.63 9.89
C VAL C 94 45.78 -5.76 8.91
N PRO C 95 46.51 -6.87 8.98
CA PRO C 95 46.22 -8.02 8.10
C PRO C 95 44.84 -8.59 8.39
N HIS C 96 44.04 -8.72 7.35
CA HIS C 96 42.64 -9.06 7.48
C HIS C 96 42.28 -10.18 6.52
N ALA C 97 41.46 -11.12 6.98
CA ALA C 97 40.95 -12.22 6.17
C ALA C 97 39.49 -11.91 5.86
N ALA C 98 39.21 -11.58 4.60
CA ALA C 98 37.85 -11.27 4.17
C ALA C 98 37.15 -12.58 3.90
N VAL C 99 36.43 -13.08 4.89
CA VAL C 99 35.79 -14.38 4.80
C VAL C 99 34.50 -14.27 4.00
N THR C 100 34.26 -15.24 3.12
CA THR C 100 33.04 -15.27 2.32
C THR C 100 32.86 -16.67 1.76
N HIS C 101 31.82 -16.83 0.94
CA HIS C 101 31.52 -18.07 0.24
C HIS C 101 31.18 -19.21 1.20
N ILE C 102 30.81 -18.89 2.43
CA ILE C 102 30.47 -19.91 3.41
C ILE C 102 29.08 -20.46 3.10
N GLY C 103 28.97 -21.79 3.05
CA GLY C 103 27.70 -22.44 2.79
C GLY C 103 27.78 -23.95 2.78
N VAL C 104 26.71 -24.61 3.21
CA VAL C 104 26.60 -26.06 3.23
C VAL C 104 25.29 -26.45 2.54
N LEU C 105 25.32 -27.52 1.76
CA LEU C 105 24.11 -27.97 1.08
C LEU C 105 23.04 -28.34 2.11
N PRO C 106 21.76 -28.09 1.79
CA PRO C 106 20.71 -28.41 2.76
C PRO C 106 20.61 -29.88 3.12
N THR C 107 21.17 -30.77 2.31
CA THR C 107 21.19 -32.19 2.61
C THR C 107 22.28 -32.57 3.60
N HIS C 108 23.06 -31.61 4.10
CA HIS C 108 24.14 -31.92 5.03
C HIS C 108 24.24 -30.89 6.16
N THR C 109 23.13 -30.25 6.51
CA THR C 109 23.16 -29.26 7.58
C THR C 109 22.96 -29.93 8.94
N ARG C 110 23.31 -29.19 9.99
CA ARG C 110 23.13 -29.63 11.38
C ARG C 110 23.91 -30.91 11.69
N ARG C 111 25.11 -31.01 11.13
CA ARG C 111 25.99 -32.14 11.36
C ARG C 111 27.36 -31.67 11.83
N GLY C 112 27.50 -30.40 12.18
CA GLY C 112 28.76 -29.85 12.64
C GLY C 112 29.73 -29.44 11.55
N ILE C 113 29.28 -29.36 10.29
CA ILE C 113 30.19 -29.13 9.18
C ILE C 113 30.69 -27.70 9.15
N LEU C 114 29.78 -26.73 9.35
CA LEU C 114 30.22 -25.33 9.41
C LEU C 114 31.18 -25.10 10.57
N THR C 115 30.87 -25.66 11.75
CA THR C 115 31.77 -25.53 12.88
C THR C 115 33.14 -26.09 12.55
N ALA C 116 33.18 -27.22 11.84
CA ALA C 116 34.45 -27.77 11.38
C ALA C 116 35.12 -26.84 10.38
N LEU C 117 34.33 -26.22 9.50
CA LEU C 117 34.88 -25.30 8.52
C LEU C 117 35.46 -24.06 9.19
N VAL C 118 34.70 -23.47 10.12
CA VAL C 118 35.15 -22.23 10.75
C VAL C 118 36.37 -22.46 11.63
N THR C 119 36.39 -23.57 12.38
CA THR C 119 37.53 -23.86 13.25
C THR C 119 38.82 -24.00 12.44
N ARG C 120 38.77 -24.75 11.34
CA ARG C 120 39.95 -24.89 10.50
C ARG C 120 40.33 -23.56 9.87
N GLN C 121 39.32 -22.79 9.44
CA GLN C 121 39.59 -21.54 8.74
C GLN C 121 40.29 -20.54 9.66
N LEU C 122 39.76 -20.34 10.87
CA LEU C 122 40.36 -19.39 11.79
C LEU C 122 41.76 -19.83 12.19
N THR C 123 41.96 -21.13 12.41
CA THR C 123 43.29 -21.63 12.71
C THR C 123 44.24 -21.39 11.54
N ASP C 124 43.74 -21.59 10.31
CA ASP C 124 44.56 -21.32 9.13
C ASP C 124 44.82 -19.83 8.97
N ILE C 125 43.82 -18.99 9.22
CA ILE C 125 44.02 -17.55 9.18
C ILE C 125 45.08 -17.12 10.20
N ALA C 126 45.07 -17.75 11.38
CA ALA C 126 46.07 -17.43 12.40
C ALA C 126 47.47 -17.76 11.92
N GLY C 127 47.64 -18.93 11.30
CA GLY C 127 48.95 -19.33 10.81
C GLY C 127 49.49 -18.43 9.72
N ARG C 128 48.61 -17.76 8.98
CA ARG C 128 49.03 -16.83 7.94
C ARG C 128 49.51 -15.51 8.50
N GLY C 129 49.47 -15.32 9.82
CA GLY C 129 49.86 -14.06 10.42
C GLY C 129 48.80 -12.99 10.38
N GLU C 130 47.58 -13.32 9.96
CA GLU C 130 46.49 -12.36 9.92
C GLU C 130 45.79 -12.30 11.26
N ILE C 131 45.43 -11.09 11.69
CA ILE C 131 44.98 -10.86 13.06
C ILE C 131 43.47 -10.66 13.20
N VAL C 132 42.76 -10.26 12.14
CA VAL C 132 41.32 -10.12 12.19
C VAL C 132 40.71 -10.79 10.97
N ALA C 133 39.45 -11.20 11.12
CA ALA C 133 38.66 -11.73 10.03
C ALA C 133 37.29 -11.10 10.12
N SER C 134 36.69 -10.81 8.96
CA SER C 134 35.38 -10.20 8.93
C SER C 134 34.55 -10.81 7.80
N LEU C 135 33.23 -10.70 7.93
CA LEU C 135 32.32 -11.23 6.92
C LEU C 135 31.03 -10.41 6.92
N ARG C 136 30.19 -10.71 5.94
CA ARG C 136 28.84 -10.17 5.87
C ARG C 136 27.88 -11.34 6.08
N ALA C 137 27.12 -11.30 7.16
CA ALA C 137 26.30 -12.43 7.56
C ALA C 137 25.00 -12.45 6.78
N SER C 138 24.65 -13.62 6.23
CA SER C 138 23.35 -13.77 5.62
C SER C 138 22.25 -13.88 6.68
N GLU C 139 22.56 -14.48 7.83
CA GLU C 139 21.67 -14.55 8.98
C GLU C 139 22.45 -14.11 10.21
N ALA C 140 21.77 -13.40 11.11
CA ALA C 140 22.41 -12.84 12.29
C ALA C 140 22.51 -13.82 13.44
N VAL C 141 22.24 -15.11 13.22
CA VAL C 141 22.21 -16.09 14.29
C VAL C 141 23.29 -17.16 14.11
N ILE C 142 24.27 -16.89 13.26
CA ILE C 142 25.22 -17.91 12.83
C ILE C 142 26.58 -17.76 13.50
N TYR C 143 27.18 -16.57 13.43
CA TYR C 143 28.61 -16.46 13.62
C TYR C 143 29.06 -16.01 15.02
N ARG C 144 28.16 -15.57 15.90
CA ARG C 144 28.63 -15.16 17.22
C ARG C 144 29.16 -16.33 18.03
N ARG C 145 28.63 -17.54 17.82
CA ARG C 145 29.15 -18.70 18.52
C ARG C 145 30.61 -18.98 18.17
N PHE C 146 31.14 -18.38 17.11
CA PHE C 146 32.53 -18.56 16.70
C PHE C 146 33.41 -17.35 17.04
N GLY C 147 32.90 -16.38 17.79
CA GLY C 147 33.69 -15.23 18.17
C GLY C 147 33.50 -14.00 17.32
N TYR C 148 32.66 -14.05 16.29
CA TYR C 148 32.40 -12.90 15.45
C TYR C 148 31.42 -11.97 16.16
N GLY C 149 31.75 -10.68 16.19
CA GLY C 149 30.88 -9.69 16.79
C GLY C 149 30.58 -8.57 15.80
N ILE C 150 29.38 -8.02 15.92
CA ILE C 150 28.99 -6.93 15.03
C ILE C 150 29.80 -5.69 15.38
N ALA C 151 30.72 -5.31 14.51
CA ALA C 151 31.65 -4.23 14.78
C ALA C 151 31.29 -2.93 14.08
N THR C 152 30.61 -3.00 12.94
CA THR C 152 30.13 -1.81 12.24
C THR C 152 28.71 -2.05 11.76
N SER C 153 27.98 -0.94 11.60
CA SER C 153 26.66 -0.95 11.02
C SER C 153 26.60 0.12 9.93
N SER C 154 25.64 -0.03 9.02
CA SER C 154 25.48 0.91 7.93
C SER C 154 24.07 1.47 7.92
N ALA C 155 23.93 2.64 7.32
CA ALA C 155 22.65 3.32 7.23
C ALA C 155 22.36 3.67 5.78
N THR C 156 21.08 3.91 5.51
CA THR C 156 20.61 4.33 4.20
C THR C 156 19.85 5.64 4.38
N TYR C 157 20.25 6.66 3.64
CA TYR C 157 19.66 7.98 3.76
C TYR C 157 18.87 8.31 2.49
N ARG C 158 17.72 8.94 2.68
CA ARG C 158 16.93 9.53 1.60
C ARG C 158 16.86 11.04 1.84
N ILE C 159 17.37 11.82 0.89
CA ILE C 159 17.40 13.27 0.99
C ILE C 159 16.35 13.86 0.07
N GLN C 160 15.47 14.70 0.62
CA GLN C 160 14.48 15.45 -0.15
C GLN C 160 15.16 16.69 -0.70
N ARG C 161 15.55 16.64 -1.98
CA ARG C 161 16.49 17.61 -2.52
C ARG C 161 15.99 19.06 -2.44
N ARG C 162 14.69 19.27 -2.64
CA ARG C 162 14.17 20.64 -2.59
C ARG C 162 14.35 21.27 -1.21
N ARG C 163 14.31 20.46 -0.16
CA ARG C 163 14.48 20.94 1.20
C ARG C 163 15.93 20.98 1.64
N ALA C 164 16.87 20.59 0.77
CA ALA C 164 18.27 20.42 1.16
C ALA C 164 19.14 21.57 0.63
N ALA C 165 18.83 22.78 1.07
CA ALA C 165 19.76 23.86 0.77
C ALA C 165 20.90 23.85 1.79
N PRO C 166 22.14 24.09 1.35
CA PRO C 166 23.28 23.98 2.27
C PRO C 166 23.26 25.05 3.35
N LEU C 167 23.62 24.64 4.57
CA LEU C 167 23.70 25.59 5.68
C LEU C 167 24.83 26.60 5.45
N ARG C 168 25.99 26.11 5.06
CA ARG C 168 27.11 26.96 4.70
C ARG C 168 27.41 26.79 3.21
N PRO C 169 27.97 27.82 2.57
CA PRO C 169 28.28 27.68 1.14
C PRO C 169 29.26 26.55 0.91
N ILE C 170 29.01 25.76 -0.14
CA ILE C 170 29.84 24.62 -0.48
C ILE C 170 30.49 24.91 -1.82
N ASP C 171 31.82 24.84 -1.87
CA ASP C 171 32.47 25.08 -3.14
C ASP C 171 32.36 23.82 -4.00
N THR C 172 32.61 23.97 -5.29
CA THR C 172 32.43 22.85 -6.22
C THR C 172 33.14 23.07 -7.55
N GLY C 173 34.11 24.00 -7.62
CA GLY C 173 34.85 24.18 -8.85
C GLY C 173 35.73 22.99 -9.18
N ALA C 174 36.23 22.31 -8.14
CA ALA C 174 37.07 21.13 -8.35
C ALA C 174 36.27 19.89 -8.72
N ILE C 175 34.94 19.99 -8.79
CA ILE C 175 34.12 18.87 -9.22
C ILE C 175 34.28 18.67 -10.72
N ALA C 176 34.43 17.42 -11.14
CA ALA C 176 34.59 17.11 -12.55
C ALA C 176 33.66 15.95 -12.92
N LEU C 177 32.94 16.11 -14.02
CA LEU C 177 32.11 15.03 -14.55
C LEU C 177 32.99 14.10 -15.37
N LEU C 178 32.93 12.80 -15.08
CA LEU C 178 33.81 11.82 -15.70
C LEU C 178 33.07 10.58 -16.16
N ASP C 179 31.78 10.72 -16.46
CA ASP C 179 30.87 9.58 -16.61
C ASP C 179 31.45 8.46 -17.47
N ALA C 180 31.54 8.69 -18.78
CA ALA C 180 32.02 7.63 -19.66
C ALA C 180 33.54 7.58 -19.72
N ALA C 181 34.22 8.64 -19.32
CA ALA C 181 35.68 8.68 -19.28
C ALA C 181 36.26 8.05 -18.03
N ALA C 182 35.42 7.56 -17.12
CA ALA C 182 35.89 6.90 -15.90
C ALA C 182 36.35 5.48 -16.19
N SER C 183 37.37 5.04 -15.47
CA SER C 183 37.82 3.67 -15.63
C SER C 183 37.75 2.96 -14.28
N PRO C 184 37.52 1.64 -14.28
CA PRO C 184 37.59 0.89 -13.01
C PRO C 184 38.95 0.98 -12.37
N GLU C 185 40.02 1.09 -13.17
CA GLU C 185 41.36 1.20 -12.61
C GLU C 185 41.58 2.56 -11.95
N GLY C 186 40.96 3.62 -12.49
CA GLY C 186 41.13 4.94 -11.90
C GLY C 186 40.43 5.09 -10.56
N LEU C 187 39.21 4.55 -10.44
CA LEU C 187 38.53 4.58 -9.17
C LEU C 187 39.21 3.71 -8.13
N ALA C 188 39.82 2.60 -8.55
CA ALA C 188 40.58 1.78 -7.62
C ALA C 188 41.80 2.54 -7.08
N ALA C 189 42.39 3.40 -7.91
CA ALA C 189 43.50 4.22 -7.44
C ALA C 189 43.02 5.23 -6.41
N ILE C 190 41.83 5.79 -6.61
CA ILE C 190 41.29 6.73 -5.64
C ILE C 190 40.90 6.00 -4.35
N TYR C 191 40.29 4.82 -4.47
CA TYR C 191 39.86 4.10 -3.28
C TYR C 191 41.06 3.67 -2.44
N GLU C 192 42.20 3.38 -3.09
CA GLU C 192 43.36 2.85 -2.38
C GLU C 192 43.78 3.74 -1.22
N ARG C 193 43.53 5.05 -1.30
CA ARG C 193 43.91 5.99 -0.26
C ARG C 193 42.93 6.00 0.91
N ALA C 194 42.10 4.97 1.05
CA ALA C 194 41.10 4.95 2.11
C ALA C 194 41.76 4.94 3.47
N ALA C 195 41.32 5.84 4.34
CA ALA C 195 41.88 5.97 5.68
C ALA C 195 40.82 5.91 6.77
N TRP C 196 39.55 5.75 6.43
CA TRP C 196 38.51 5.75 7.45
C TRP C 196 38.48 4.42 8.19
N THR C 197 38.13 4.49 9.48
CA THR C 197 38.14 3.31 10.31
C THR C 197 37.06 2.33 9.86
N GLY C 198 37.46 1.07 9.66
CA GLY C 198 36.58 0.04 9.16
C GLY C 198 36.75 -0.25 7.69
N SER C 199 37.41 0.65 6.95
CA SER C 199 37.60 0.44 5.52
C SER C 199 38.48 -0.78 5.28
N VAL C 200 38.16 -1.52 4.23
CA VAL C 200 38.84 -2.76 3.90
C VAL C 200 39.36 -2.68 2.47
N ALA C 201 40.33 -3.54 2.17
CA ALA C 201 40.90 -3.59 0.84
C ALA C 201 39.86 -4.04 -0.18
N ARG C 202 39.93 -3.44 -1.37
CA ARG C 202 39.15 -3.87 -2.52
C ARG C 202 40.12 -4.48 -3.52
N PRO C 203 40.34 -5.80 -3.46
CA PRO C 203 41.36 -6.42 -4.31
C PRO C 203 40.99 -6.31 -5.77
N PRO C 204 41.92 -6.63 -6.68
CA PRO C 204 41.54 -6.62 -8.11
C PRO C 204 40.36 -7.53 -8.41
N GLN C 205 40.25 -8.64 -7.70
CA GLN C 205 39.12 -9.56 -7.87
C GLN C 205 37.80 -8.88 -7.53
N TRP C 206 37.80 -7.96 -6.58
CA TRP C 206 36.57 -7.26 -6.21
C TRP C 206 36.11 -6.32 -7.32
N TRP C 207 37.04 -5.61 -7.96
CA TRP C 207 36.65 -4.69 -9.02
C TRP C 207 36.19 -5.45 -10.25
N ARG C 208 36.83 -6.59 -10.54
CA ARG C 208 36.39 -7.43 -11.64
C ARG C 208 34.96 -7.91 -11.40
N LEU C 209 34.63 -8.21 -10.15
CA LEU C 209 33.28 -8.64 -9.81
C LEU C 209 32.27 -7.52 -10.08
N HIS C 210 32.63 -6.28 -9.73
CA HIS C 210 31.73 -5.16 -9.96
C HIS C 210 31.72 -4.69 -11.41
N GLU C 211 32.73 -5.04 -12.19
CA GLU C 211 32.62 -4.90 -13.64
C GLU C 211 31.49 -5.75 -14.19
N LEU C 212 31.28 -6.94 -13.62
CA LEU C 212 30.21 -7.81 -14.08
C LEU C 212 28.85 -7.25 -13.73
N PHE C 213 28.69 -6.71 -12.51
CA PHE C 213 27.41 -6.12 -12.13
C PHE C 213 27.08 -4.92 -13.02
N ASP C 214 28.07 -4.07 -13.30
CA ASP C 214 27.82 -2.88 -14.11
C ASP C 214 27.49 -3.24 -15.55
N ALA C 215 28.11 -4.30 -16.09
CA ALA C 215 27.82 -4.69 -17.46
C ALA C 215 26.41 -5.26 -17.62
N ALA C 216 25.91 -5.94 -16.58
CA ALA C 216 24.59 -6.55 -16.66
C ALA C 216 23.47 -5.51 -16.59
N ASP C 217 23.69 -4.39 -15.90
CA ASP C 217 22.66 -3.37 -15.78
C ASP C 217 22.70 -2.46 -17.00
N PRO C 218 21.60 -2.34 -17.75
CA PRO C 218 21.62 -1.44 -18.91
C PRO C 218 21.78 0.03 -18.54
N VAL C 219 21.39 0.42 -17.34
CA VAL C 219 21.56 1.80 -16.87
C VAL C 219 23.01 1.96 -16.41
N LYS C 220 23.78 2.78 -17.13
CA LYS C 220 25.17 2.98 -16.72
C LYS C 220 25.26 4.13 -15.71
N PRO C 221 26.19 4.03 -14.76
CA PRO C 221 26.28 5.03 -13.68
C PRO C 221 27.10 6.25 -14.03
N TYR C 222 26.68 7.38 -13.46
CA TYR C 222 27.46 8.61 -13.51
C TYR C 222 28.61 8.51 -12.51
N VAL C 223 29.76 9.05 -12.88
CA VAL C 223 30.95 9.07 -12.04
C VAL C 223 31.44 10.51 -11.98
N VAL C 224 31.33 11.12 -10.80
CA VAL C 224 31.76 12.49 -10.57
C VAL C 224 32.95 12.45 -9.62
N THR C 225 33.99 13.22 -9.93
CA THR C 225 35.24 13.16 -9.18
C THR C 225 35.56 14.48 -8.49
N HIS C 226 36.41 14.37 -7.48
CA HIS C 226 37.05 15.48 -6.79
C HIS C 226 38.50 15.06 -6.64
N PRO C 227 39.43 16.02 -6.53
CA PRO C 227 40.83 15.65 -6.34
C PRO C 227 41.08 14.65 -5.22
N ASP C 228 40.15 14.55 -4.27
CA ASP C 228 40.30 13.66 -3.12
C ASP C 228 39.11 12.72 -2.95
N GLY C 229 38.44 12.36 -4.03
CA GLY C 229 37.36 11.39 -3.92
C GLY C 229 36.52 11.35 -5.18
N TYR C 230 35.49 10.50 -5.12
CA TYR C 230 34.54 10.33 -6.21
C TYR C 230 33.20 9.89 -5.64
N VAL C 231 32.19 9.88 -6.52
CA VAL C 231 30.86 9.40 -6.16
C VAL C 231 30.20 8.80 -7.41
N ARG C 232 29.63 7.62 -7.26
CA ARG C 232 28.89 6.95 -8.33
C ARG C 232 27.41 6.99 -8.03
N TYR C 233 26.61 7.37 -9.03
CA TYR C 233 25.17 7.38 -8.85
C TYR C 233 24.45 6.99 -10.14
N ARG C 234 23.28 6.41 -9.97
CA ARG C 234 22.42 5.85 -11.00
C ARG C 234 21.01 6.39 -10.83
N PRO C 235 20.34 6.75 -11.92
CA PRO C 235 18.93 7.10 -11.83
C PRO C 235 18.09 5.83 -11.69
N GLN C 236 17.00 5.96 -10.93
CA GLN C 236 16.07 4.84 -10.76
C GLN C 236 15.01 4.94 -11.87
N ASP C 237 13.89 4.24 -11.71
CA ASP C 237 12.85 4.03 -12.72
C ASP C 237 12.87 4.99 -13.92
N THR C 238 13.83 4.78 -14.83
CA THR C 238 14.03 5.72 -15.93
C THR C 238 12.88 5.70 -16.93
N ALA C 239 12.17 4.58 -17.07
CA ALA C 239 11.05 4.52 -18.00
C ALA C 239 9.93 5.45 -17.59
N GLU C 240 9.83 5.77 -16.31
CA GLU C 240 8.79 6.64 -15.79
C GLU C 240 9.39 7.87 -15.13
N TRP C 241 10.42 8.43 -15.78
CA TRP C 241 11.18 9.55 -15.21
C TRP C 241 10.36 10.82 -15.17
N PHE C 242 9.72 11.18 -16.28
CA PHE C 242 8.94 12.40 -16.45
C PHE C 242 7.55 12.35 -15.79
N SER C 243 7.26 11.36 -14.96
CA SER C 243 5.93 11.23 -14.38
C SER C 243 5.91 11.98 -13.05
N SER C 244 4.71 12.14 -12.49
CA SER C 244 4.53 12.93 -11.27
C SER C 244 4.96 12.15 -10.04
N SER C 245 5.98 11.31 -10.20
CA SER C 245 6.55 10.53 -9.12
C SER C 245 7.99 10.98 -8.94
N ALA C 246 8.41 11.07 -7.67
CA ALA C 246 9.73 11.55 -7.28
C ALA C 246 10.87 10.91 -8.07
N ARG C 247 11.48 11.69 -8.97
CA ARG C 247 12.68 11.23 -9.68
C ARG C 247 13.81 11.01 -8.68
N THR C 248 14.25 9.76 -8.55
CA THR C 248 15.23 9.36 -7.54
C THR C 248 16.52 8.89 -8.19
N ILE C 249 17.64 9.26 -7.59
CA ILE C 249 18.95 8.70 -7.94
C ILE C 249 19.43 7.87 -6.76
N SER C 250 20.31 6.92 -7.04
CA SER C 250 20.85 6.03 -6.03
C SER C 250 22.37 6.08 -6.06
N VAL C 251 22.98 6.43 -4.93
CA VAL C 251 24.43 6.51 -4.80
C VAL C 251 24.90 5.20 -4.20
N ASP C 252 25.67 4.43 -4.98
CA ASP C 252 26.19 3.15 -4.50
C ASP C 252 27.59 3.23 -3.89
N ASP C 253 28.34 4.30 -4.16
CA ASP C 253 29.69 4.45 -3.61
C ASP C 253 30.02 5.92 -3.45
N LEU C 254 30.39 6.34 -2.25
CA LEU C 254 30.84 7.71 -2.00
C LEU C 254 32.17 7.63 -1.26
N VAL C 255 33.26 7.90 -1.96
CA VAL C 255 34.61 7.87 -1.39
C VAL C 255 35.10 9.31 -1.28
N ALA C 256 35.44 9.72 -0.05
CA ALA C 256 35.92 11.07 0.21
C ALA C 256 37.02 11.00 1.25
N HIS C 257 38.24 11.36 0.86
CA HIS C 257 39.39 11.30 1.75
C HIS C 257 39.65 12.61 2.48
N SER C 258 38.76 13.59 2.35
CA SER C 258 38.94 14.88 3.00
C SER C 258 37.57 15.50 3.25
N ASP C 259 37.51 16.37 4.25
CA ASP C 259 36.27 17.09 4.53
C ASP C 259 35.84 17.90 3.31
N GLU C 260 36.81 18.51 2.61
CA GLU C 260 36.49 19.29 1.42
C GLU C 260 35.91 18.40 0.32
N ALA C 261 36.48 17.20 0.13
CA ALA C 261 35.93 16.30 -0.87
C ALA C 261 34.53 15.84 -0.50
N TYR C 262 34.30 15.57 0.79
CA TYR C 262 32.98 15.14 1.24
C TYR C 262 31.93 16.20 0.94
N ARG C 263 32.20 17.45 1.33
CA ARG C 263 31.22 18.50 1.12
C ARG C 263 31.02 18.79 -0.36
N ALA C 264 32.11 18.80 -1.14
CA ALA C 264 32.00 19.09 -2.56
C ALA C 264 31.20 18.01 -3.28
N LEU C 265 31.46 16.75 -2.98
CA LEU C 265 30.75 15.67 -3.66
C LEU C 265 29.27 15.67 -3.28
N VAL C 266 28.97 15.79 -1.99
CA VAL C 266 27.58 15.85 -1.57
C VAL C 266 26.91 17.10 -2.12
N GLY C 267 27.62 18.22 -2.09
CA GLY C 267 27.07 19.45 -2.66
C GLY C 267 26.75 19.30 -4.13
N HIS C 268 27.53 18.51 -4.86
CA HIS C 268 27.20 18.24 -6.25
C HIS C 268 25.85 17.57 -6.38
N LEU C 269 25.57 16.60 -5.50
CA LEU C 269 24.28 15.89 -5.55
C LEU C 269 23.13 16.84 -5.21
N LEU C 270 23.31 17.69 -4.21
CA LEU C 270 22.24 18.60 -3.80
C LEU C 270 21.91 19.60 -4.90
N ASP C 271 22.78 19.77 -5.89
CA ASP C 271 22.61 20.76 -6.94
C ASP C 271 22.18 20.15 -8.29
N LEU C 272 21.82 18.87 -8.32
CA LEU C 272 21.36 18.25 -9.55
C LEU C 272 19.94 18.73 -9.83
N ASP C 273 19.72 19.34 -11.00
CA ASP C 273 18.50 20.11 -11.23
C ASP C 273 17.24 19.25 -11.36
N LEU C 274 17.34 18.08 -11.99
CA LEU C 274 16.15 17.26 -12.21
C LEU C 274 15.88 16.22 -11.12
N VAL C 275 16.75 16.11 -10.11
CA VAL C 275 16.63 15.08 -9.10
C VAL C 275 15.74 15.55 -7.97
N ASP C 276 14.79 14.69 -7.57
CA ASP C 276 13.89 14.96 -6.46
C ASP C 276 14.34 14.29 -5.17
N VAL C 277 14.81 13.04 -5.23
CA VAL C 277 15.23 12.28 -4.05
C VAL C 277 16.61 11.69 -4.31
N ILE C 278 17.50 11.82 -3.32
CA ILE C 278 18.84 11.25 -3.37
C ILE C 278 18.91 10.15 -2.32
N GLU C 279 19.29 8.95 -2.75
CA GLU C 279 19.44 7.81 -1.83
C GLU C 279 20.91 7.46 -1.70
N LEU C 280 21.44 7.56 -0.49
CA LEU C 280 22.80 7.17 -0.17
C LEU C 280 22.72 5.88 0.62
N GLY C 281 23.49 4.88 0.21
CA GLY C 281 23.52 3.63 0.93
C GLY C 281 24.41 2.58 0.31
N PRO C 282 25.14 1.83 1.14
CA PRO C 282 25.23 2.02 2.59
C PRO C 282 26.21 3.14 2.93
N ARG C 283 25.93 3.88 3.98
CA ARG C 283 26.76 4.97 4.46
C ARG C 283 26.95 4.83 5.95
N PRO C 284 27.95 5.50 6.54
CA PRO C 284 28.15 5.41 8.00
C PRO C 284 26.92 5.89 8.75
N ILE C 285 26.69 5.27 9.92
CA ILE C 285 25.54 5.62 10.75
C ILE C 285 25.64 7.02 11.34
N ASP C 286 26.83 7.63 11.32
CA ASP C 286 27.04 9.00 11.79
C ASP C 286 27.44 9.94 10.67
N ASP C 287 26.98 9.67 9.45
CA ASP C 287 27.29 10.52 8.31
C ASP C 287 26.75 11.92 8.57
N PRO C 288 27.58 12.97 8.53
CA PRO C 288 27.12 14.29 8.96
C PRO C 288 26.24 15.01 7.94
N LEU C 289 25.47 14.26 7.17
CA LEU C 289 24.51 14.86 6.25
C LEU C 289 23.54 15.83 6.92
N PRO C 290 22.88 15.47 8.03
CA PRO C 290 21.93 16.42 8.65
C PRO C 290 22.54 17.76 9.04
N HIS C 291 23.85 17.82 9.25
CA HIS C 291 24.51 19.07 9.64
C HIS C 291 24.96 19.89 8.44
N LEU C 292 24.81 19.37 7.22
CA LEU C 292 25.18 20.11 6.02
C LEU C 292 24.06 21.00 5.51
N VAL C 293 22.83 20.80 5.97
CA VAL C 293 21.66 21.45 5.41
C VAL C 293 20.95 22.26 6.49
N THR C 294 20.27 23.33 6.05
CA THR C 294 19.50 24.15 6.98
C THR C 294 18.31 23.37 7.53
N ASP C 295 17.80 22.39 6.79
CA ASP C 295 16.65 21.59 7.19
C ASP C 295 17.14 20.16 7.42
N PRO C 296 17.58 19.82 8.64
CA PRO C 296 18.08 18.46 8.90
C PRO C 296 17.06 17.38 8.62
N ARG C 297 15.76 17.70 8.72
CA ARG C 297 14.72 16.71 8.44
C ARG C 297 14.52 16.44 6.96
N ALA C 298 15.20 17.19 6.09
CA ALA C 298 15.25 16.82 4.69
C ALA C 298 16.02 15.53 4.47
N VAL C 299 16.77 15.08 5.46
CA VAL C 299 17.56 13.86 5.39
C VAL C 299 16.93 12.86 6.36
N ALA C 300 16.40 11.77 5.83
CA ALA C 300 15.75 10.74 6.65
C ALA C 300 16.53 9.44 6.54
N VAL C 301 16.72 8.78 7.68
CA VAL C 301 17.35 7.47 7.73
C VAL C 301 16.30 6.42 7.41
N ALA C 302 16.42 5.78 6.24
CA ALA C 302 15.46 4.80 5.77
C ALA C 302 15.72 3.39 6.28
N GLY C 303 16.80 3.19 7.03
CA GLY C 303 17.09 1.87 7.55
C GLY C 303 18.50 1.76 8.09
N ILE C 304 18.70 0.88 9.06
CA ILE C 304 20.01 0.64 9.67
C ILE C 304 20.19 -0.86 9.83
N ARG C 305 21.32 -1.38 9.39
CA ARG C 305 21.56 -2.81 9.37
C ARG C 305 23.00 -3.09 9.81
N ASP C 306 23.21 -4.26 10.41
CA ASP C 306 24.55 -4.69 10.76
C ASP C 306 25.40 -4.86 9.50
N GLU C 307 26.69 -4.56 9.62
CA GLU C 307 27.60 -4.62 8.48
C GLU C 307 28.75 -5.59 8.72
N THR C 308 29.78 -5.16 9.45
CA THR C 308 30.99 -5.95 9.65
C THR C 308 30.81 -6.91 10.81
N TRP C 309 30.92 -8.20 10.54
CA TRP C 309 31.00 -9.21 11.58
C TRP C 309 32.49 -9.49 11.80
N LEU C 310 33.04 -8.91 12.85
CA LEU C 310 34.48 -8.93 13.09
C LEU C 310 34.85 -10.04 14.07
N ARG C 311 35.92 -10.76 13.74
CA ARG C 311 36.45 -11.83 14.58
C ARG C 311 37.91 -11.53 14.86
N LEU C 312 38.23 -11.30 16.13
CA LEU C 312 39.62 -11.05 16.53
C LEU C 312 40.35 -12.39 16.55
N VAL C 313 41.30 -12.56 15.64
CA VAL C 313 42.04 -13.82 15.57
C VAL C 313 43.22 -13.80 16.53
N ASP C 314 43.96 -12.70 16.56
CA ASP C 314 45.03 -12.49 17.53
C ASP C 314 44.63 -11.26 18.35
N VAL C 315 44.06 -11.52 19.52
CA VAL C 315 43.52 -10.42 20.34
C VAL C 315 44.63 -9.46 20.76
N GLU C 316 45.77 -10.00 21.20
CA GLU C 316 46.85 -9.13 21.64
C GLU C 316 47.36 -8.26 20.50
N ALA C 317 47.58 -8.86 19.32
CA ALA C 317 48.09 -8.09 18.19
C ALA C 317 47.09 -7.05 17.72
N ALA C 318 45.79 -7.35 17.79
CA ALA C 318 44.78 -6.36 17.42
C ALA C 318 44.76 -5.19 18.40
N LEU C 319 44.75 -5.49 19.71
CA LEU C 319 44.72 -4.42 20.70
C LEU C 319 45.96 -3.54 20.61
N ALA C 320 47.08 -4.10 20.17
CA ALA C 320 48.32 -3.34 20.09
C ALA C 320 48.40 -2.51 18.81
N ALA C 321 47.67 -2.92 17.76
CA ALA C 321 47.72 -2.22 16.48
C ALA C 321 46.88 -0.95 16.45
N ARG C 322 45.89 -0.84 17.32
CA ARG C 322 45.04 0.34 17.37
C ARG C 322 45.57 1.33 18.39
N THR C 323 45.09 2.57 18.28
CA THR C 323 45.50 3.65 19.16
C THR C 323 44.46 3.87 20.27
N TYR C 324 44.92 4.50 21.36
CA TYR C 324 44.07 4.81 22.51
C TYR C 324 44.35 6.22 23.00
N THR C 325 43.55 6.67 23.95
CA THR C 325 43.72 7.98 24.54
C THR C 325 44.68 7.91 25.73
N ASP C 326 45.12 9.08 26.18
CA ASP C 326 46.08 9.18 27.28
C ASP C 326 45.37 8.92 28.61
N GLY C 327 44.99 7.65 28.80
CA GLY C 327 44.35 7.22 30.02
C GLY C 327 45.23 6.26 30.81
N ALA C 328 44.72 5.90 31.98
CA ALA C 328 45.41 4.93 32.80
C ALA C 328 45.11 3.52 32.29
N PRO C 329 46.05 2.60 32.42
CA PRO C 329 45.84 1.26 31.87
C PRO C 329 44.65 0.57 32.54
N VAL C 330 43.95 -0.24 31.75
CA VAL C 330 42.88 -1.09 32.23
C VAL C 330 43.20 -2.52 31.81
N VAL C 331 42.91 -3.48 32.69
CA VAL C 331 43.19 -4.89 32.40
C VAL C 331 41.89 -5.54 31.96
N ILE C 332 41.87 -6.07 30.74
CA ILE C 332 40.70 -6.70 30.15
C ILE C 332 40.97 -8.18 30.06
N GLU C 333 40.12 -8.98 30.69
CA GLU C 333 40.22 -10.43 30.59
C GLU C 333 39.32 -10.88 29.45
N VAL C 334 39.91 -11.55 28.46
CA VAL C 334 39.20 -11.98 27.25
C VAL C 334 38.98 -13.48 27.34
N GLN C 335 37.74 -13.90 27.05
CA GLN C 335 37.36 -15.31 27.01
C GLN C 335 37.25 -15.74 25.55
N ASP C 336 37.94 -16.82 25.21
CA ASP C 336 37.94 -17.31 23.84
C ASP C 336 37.98 -18.84 23.86
N THR C 337 36.92 -19.48 23.38
CA THR C 337 36.86 -20.93 23.38
C THR C 337 37.53 -21.54 22.15
N LEU C 338 37.30 -20.98 20.96
CA LEU C 338 37.90 -21.56 19.76
C LEU C 338 39.40 -21.35 19.71
N LEU C 339 39.88 -20.17 20.09
CA LEU C 339 41.30 -19.85 20.06
C LEU C 339 41.78 -19.56 21.48
N PRO C 340 42.17 -20.60 22.22
CA PRO C 340 42.63 -20.38 23.61
C PRO C 340 43.86 -19.51 23.72
N HIS C 341 44.58 -19.27 22.62
CA HIS C 341 45.72 -18.36 22.68
C HIS C 341 45.29 -16.97 23.13
N ASN C 342 44.05 -16.60 22.83
CA ASN C 342 43.51 -15.30 23.23
C ASN C 342 42.89 -15.30 24.61
N ALA C 343 42.61 -16.49 25.17
CA ALA C 343 42.02 -16.54 26.50
C ALA C 343 43.04 -16.16 27.56
N ALA C 344 43.11 -14.87 27.88
CA ALA C 344 44.09 -14.35 28.82
C ALA C 344 43.62 -12.98 29.30
N ARG C 345 44.47 -12.31 30.06
CA ARG C 345 44.22 -10.95 30.54
C ARG C 345 45.24 -10.02 29.89
N PHE C 346 44.77 -8.91 29.35
CA PHE C 346 45.63 -7.96 28.65
C PHE C 346 45.53 -6.60 29.32
N SER C 347 46.69 -6.03 29.65
CA SER C 347 46.75 -4.67 30.16
C SER C 347 46.88 -3.73 28.95
N VAL C 348 45.85 -2.94 28.72
CA VAL C 348 45.76 -2.05 27.57
C VAL C 348 45.95 -0.61 28.02
N SER C 349 46.85 0.11 27.36
CA SER C 349 47.06 1.53 27.60
C SER C 349 47.63 2.13 26.32
N SER C 350 47.59 3.47 26.26
CA SER C 350 48.14 4.15 25.10
C SER C 350 49.62 3.89 24.93
N ASP C 351 50.31 3.45 25.97
CA ASP C 351 51.75 3.26 25.95
C ASP C 351 52.17 1.83 25.63
N LYS C 352 51.44 0.84 26.13
CA LYS C 352 51.87 -0.55 25.97
C LYS C 352 50.66 -1.46 26.08
N VAL C 353 50.71 -2.58 25.36
CA VAL C 353 49.72 -3.64 25.45
C VAL C 353 50.45 -4.94 25.78
N ARG C 354 50.15 -5.50 26.95
CA ARG C 354 50.86 -6.63 27.50
C ARG C 354 49.91 -7.66 28.08
N ARG C 355 50.37 -8.90 28.11
CA ARG C 355 49.71 -9.94 28.88
C ARG C 355 50.07 -9.76 30.36
N THR C 356 49.09 -10.01 31.22
CA THR C 356 49.26 -9.78 32.65
C THR C 356 48.65 -10.93 33.41
N GLN C 357 49.11 -11.10 34.64
CA GLN C 357 48.47 -12.00 35.59
C GLN C 357 47.72 -11.23 36.65
N HIS C 358 47.76 -9.89 36.61
CA HIS C 358 47.05 -9.04 37.55
C HIS C 358 45.54 -9.26 37.45
N THR C 359 44.85 -8.99 38.55
CA THR C 359 43.40 -9.11 38.57
C THR C 359 42.79 -8.21 37.52
N PRO C 360 41.84 -8.69 36.73
CA PRO C 360 41.31 -7.87 35.62
C PRO C 360 40.40 -6.77 36.13
N ASP C 361 40.31 -5.71 35.33
CA ASP C 361 39.32 -4.66 35.55
C ASP C 361 38.03 -4.94 34.81
N ILE C 362 38.09 -5.72 33.73
CA ILE C 362 36.94 -5.99 32.87
C ILE C 362 37.05 -7.41 32.33
N SER C 363 35.92 -8.11 32.28
CA SER C 363 35.84 -9.45 31.70
C SER C 363 34.84 -9.44 30.56
N VAL C 364 35.24 -10.01 29.42
CA VAL C 364 34.41 -10.00 28.23
C VAL C 364 34.80 -11.19 27.35
N ASP C 365 33.84 -11.70 26.59
CA ASP C 365 34.18 -12.69 25.59
C ASP C 365 34.70 -11.99 24.32
N VAL C 366 35.42 -12.76 23.51
CA VAL C 366 36.09 -12.17 22.34
C VAL C 366 35.08 -11.59 21.36
N ALA C 367 33.86 -12.15 21.33
CA ALA C 367 32.86 -11.66 20.40
C ALA C 367 32.48 -10.21 20.73
N ALA C 368 32.22 -9.91 22.00
CA ALA C 368 31.87 -8.55 22.37
C ALA C 368 33.06 -7.60 22.27
N LEU C 369 34.26 -8.10 22.54
CA LEU C 369 35.46 -7.28 22.36
C LEU C 369 35.60 -6.85 20.91
N GLY C 370 35.25 -7.73 19.97
CA GLY C 370 35.24 -7.35 18.57
C GLY C 370 34.27 -6.25 18.26
N SER C 371 33.12 -6.23 18.95
CA SER C 371 32.13 -5.18 18.72
C SER C 371 32.67 -3.81 19.11
N VAL C 372 33.45 -3.74 20.19
CA VAL C 372 34.00 -2.47 20.64
C VAL C 372 35.25 -2.09 19.88
N TYR C 373 35.95 -3.08 19.29
CA TYR C 373 37.31 -2.87 18.84
C TYR C 373 37.41 -1.74 17.81
N LEU C 374 36.43 -1.61 16.93
CA LEU C 374 36.46 -0.59 15.89
C LEU C 374 35.79 0.70 16.29
N GLY C 375 35.26 0.79 17.50
CA GLY C 375 34.53 1.98 17.92
C GLY C 375 33.06 1.96 17.63
N GLY C 376 32.53 0.84 17.10
CA GLY C 376 31.11 0.76 16.82
C GLY C 376 30.23 0.51 18.02
N ASN C 377 30.83 0.27 19.18
CA ASN C 377 30.10 0.09 20.43
C ASN C 377 30.97 0.61 21.57
N THR C 378 30.33 0.92 22.69
CA THR C 378 31.04 1.35 23.88
C THR C 378 30.92 0.28 24.96
N TRP C 379 31.81 0.37 25.96
CA TRP C 379 31.80 -0.61 27.03
C TRP C 379 30.56 -0.48 27.91
N THR C 380 30.04 0.74 28.09
CA THR C 380 28.87 0.93 28.94
C THR C 380 27.66 0.22 28.36
N ARG C 381 27.43 0.35 27.06
CA ARG C 381 26.24 -0.23 26.46
C ARG C 381 26.31 -1.75 26.42
N LEU C 382 27.50 -2.31 26.19
CA LEU C 382 27.61 -3.76 26.19
C LEU C 382 27.43 -4.33 27.59
N GLU C 383 27.94 -3.64 28.61
CA GLU C 383 27.64 -4.05 29.99
C GLU C 383 26.15 -3.98 30.26
N ARG C 384 25.46 -2.98 29.71
CA ARG C 384 24.02 -2.88 29.88
C ARG C 384 23.32 -4.09 29.26
N ALA C 385 23.86 -4.61 28.16
CA ALA C 385 23.35 -5.82 27.53
C ALA C 385 23.77 -7.09 28.23
N GLY C 386 24.62 -7.00 29.26
CA GLY C 386 25.06 -8.17 29.99
C GLY C 386 26.24 -8.89 29.37
N LEU C 387 27.02 -8.24 28.52
CA LEU C 387 28.14 -8.85 27.84
C LEU C 387 29.49 -8.41 28.39
N VAL C 388 29.53 -7.55 29.41
CA VAL C 388 30.78 -7.09 30.02
C VAL C 388 30.60 -7.09 31.53
N SER C 389 31.58 -7.63 32.25
CA SER C 389 31.58 -7.69 33.71
C SER C 389 32.68 -6.79 34.23
N ALA C 390 32.33 -5.89 35.16
CA ALA C 390 33.32 -4.99 35.73
C ALA C 390 33.68 -5.48 37.13
N GLN C 391 34.99 -5.49 37.41
CA GLN C 391 35.51 -5.94 38.70
C GLN C 391 35.98 -4.80 39.58
N SER C 392 36.11 -3.59 39.05
CA SER C 392 36.54 -2.46 39.85
C SER C 392 35.62 -1.29 39.59
N PRO C 393 35.39 -0.45 40.60
CA PRO C 393 34.59 0.76 40.37
C PRO C 393 35.27 1.66 39.36
N GLY C 394 34.50 2.13 38.38
CA GLY C 394 35.04 3.02 37.38
C GLY C 394 35.77 2.34 36.25
N ALA C 395 35.89 1.01 36.28
CA ALA C 395 36.58 0.30 35.21
C ALA C 395 35.89 0.51 33.87
N ILE C 396 34.56 0.47 33.85
CA ILE C 396 33.84 0.71 32.59
C ILE C 396 34.08 2.12 32.11
N ARG C 397 34.02 3.09 33.03
CA ARG C 397 34.21 4.49 32.67
C ARG C 397 35.63 4.69 32.15
N ALA C 398 36.61 4.08 32.82
CA ALA C 398 37.99 4.18 32.36
C ALA C 398 38.17 3.54 30.99
N ALA C 399 37.56 2.37 30.77
CA ALA C 399 37.74 1.67 29.50
C ALA C 399 37.17 2.45 28.32
N ASP C 400 36.00 3.07 28.50
CA ASP C 400 35.45 3.88 27.41
C ASP C 400 36.34 5.07 27.08
N ALA C 401 37.03 5.64 28.08
CA ALA C 401 37.92 6.75 27.81
C ALA C 401 39.07 6.34 26.90
N LEU C 402 39.64 5.14 27.11
CA LEU C 402 40.74 4.70 26.27
C LEU C 402 40.25 4.34 24.87
N PHE C 403 39.16 3.59 24.79
CA PHE C 403 38.71 3.03 23.51
C PHE C 403 37.87 4.01 22.70
N SER C 404 37.49 5.15 23.27
CA SER C 404 36.58 6.07 22.59
C SER C 404 37.19 6.57 21.28
N THR C 405 36.34 6.74 20.27
CA THR C 405 36.76 7.27 18.99
C THR C 405 35.77 8.34 18.54
N GLY C 406 36.22 9.19 17.61
CA GLY C 406 35.39 10.29 17.14
C GLY C 406 34.44 9.93 16.02
N THR C 407 34.73 8.87 15.27
CA THR C 407 33.92 8.48 14.13
C THR C 407 33.43 7.05 14.30
N GLN C 408 32.21 6.79 13.84
CA GLN C 408 31.71 5.44 13.82
C GLN C 408 32.43 4.64 12.73
N PRO C 409 32.83 3.40 13.01
CA PRO C 409 33.50 2.60 12.00
C PRO C 409 32.52 2.22 10.90
N PHE C 410 33.06 2.00 9.71
CA PHE C 410 32.24 1.81 8.53
C PHE C 410 33.10 1.19 7.45
N ALA C 411 32.53 0.23 6.72
CA ALA C 411 33.28 -0.40 5.65
C ALA C 411 32.88 0.12 4.28
N GLY C 412 31.58 0.18 3.99
CA GLY C 412 31.14 0.58 2.68
C GLY C 412 31.49 -0.37 1.57
N THR C 413 31.94 -1.59 1.92
CA THR C 413 32.37 -2.57 0.94
C THR C 413 31.82 -3.92 1.40
N ASN C 414 31.32 -4.69 0.44
CA ASN C 414 30.78 -6.02 0.73
C ASN C 414 31.55 -7.07 -0.06
N PHE C 415 31.54 -8.27 0.47
CA PHE C 415 32.23 -9.39 -0.15
C PHE C 415 31.60 -10.67 0.32
N VAL D 23 -21.72 -16.25 -44.18
CA VAL D 23 -21.26 -17.64 -44.27
C VAL D 23 -20.00 -17.90 -43.43
N THR D 24 -20.18 -18.65 -42.36
CA THR D 24 -19.09 -19.08 -41.48
C THR D 24 -18.90 -20.58 -41.62
N ASP D 25 -17.68 -21.00 -41.84
CA ASP D 25 -17.36 -22.41 -42.05
C ASP D 25 -16.52 -22.91 -40.88
N ILE D 26 -16.95 -24.01 -40.29
CA ILE D 26 -16.28 -24.62 -39.14
C ILE D 26 -15.76 -25.96 -39.62
N ARG D 27 -14.44 -26.05 -39.78
CA ARG D 27 -13.81 -27.29 -40.23
C ARG D 27 -12.51 -27.48 -39.48
N PHE D 28 -11.99 -28.70 -39.54
CA PHE D 28 -10.69 -28.96 -38.94
C PHE D 28 -9.60 -28.36 -39.81
N LEU D 29 -8.57 -27.85 -39.16
CA LEU D 29 -7.43 -27.31 -39.88
C LEU D 29 -6.72 -28.44 -40.61
N GLN D 30 -6.10 -28.10 -41.73
CA GLN D 30 -5.59 -29.10 -42.64
C GLN D 30 -4.16 -28.86 -43.09
N SER D 31 -3.60 -27.68 -42.84
CA SER D 31 -2.22 -27.38 -43.21
C SER D 31 -1.47 -26.83 -41.99
N ARG D 32 -0.16 -26.94 -42.01
CA ARG D 32 0.64 -26.37 -40.93
C ARG D 32 0.50 -24.85 -40.89
N ALA D 33 0.29 -24.21 -42.05
CA ALA D 33 0.09 -22.77 -42.07
C ALA D 33 -1.16 -22.38 -41.30
N GLU D 34 -2.23 -23.18 -41.42
CA GLU D 34 -3.44 -22.87 -40.68
C GLU D 34 -3.25 -23.08 -39.18
N HIS D 35 -2.53 -24.14 -38.79
CA HIS D 35 -2.25 -24.34 -37.38
C HIS D 35 -1.43 -23.19 -36.82
N GLU D 36 -0.46 -22.70 -37.59
CA GLU D 36 0.39 -21.62 -37.13
C GLU D 36 -0.39 -20.32 -36.97
N ARG D 37 -1.32 -20.04 -37.89
CA ARG D 37 -2.13 -18.83 -37.74
C ARG D 37 -3.17 -18.97 -36.64
N ALA D 38 -3.72 -20.18 -36.46
CA ALA D 38 -4.64 -20.40 -35.35
C ALA D 38 -3.98 -20.07 -34.02
N PHE D 39 -2.67 -20.30 -33.91
CA PHE D 39 -1.94 -19.84 -32.74
C PHE D 39 -1.94 -18.33 -32.65
N THR D 40 -1.74 -17.64 -33.77
CA THR D 40 -1.79 -16.18 -33.78
C THR D 40 -3.19 -15.68 -33.41
N VAL D 41 -4.23 -16.37 -33.87
CA VAL D 41 -5.57 -15.95 -33.53
C VAL D 41 -5.85 -16.17 -32.05
N PHE D 42 -5.41 -17.32 -31.51
CA PHE D 42 -5.64 -17.58 -30.09
C PHE D 42 -4.89 -16.59 -29.22
N TRP D 43 -3.62 -16.32 -29.54
CA TRP D 43 -2.84 -15.36 -28.77
C TRP D 43 -3.45 -13.98 -28.83
N ARG D 44 -4.04 -13.62 -29.98
CA ARG D 44 -4.67 -12.30 -30.11
C ARG D 44 -5.93 -12.23 -29.25
N ALA D 45 -6.72 -13.31 -29.24
CA ALA D 45 -7.95 -13.32 -28.45
C ALA D 45 -7.64 -13.23 -26.97
N MET D 46 -6.56 -13.87 -26.52
CA MET D 46 -6.14 -13.79 -25.13
C MET D 46 -5.61 -12.41 -24.76
N VAL D 47 -5.29 -11.58 -25.76
CA VAL D 47 -4.83 -10.20 -25.56
C VAL D 47 -3.47 -10.13 -24.88
N GLY D 48 -3.41 -10.51 -23.62
CA GLY D 48 -2.19 -10.28 -22.85
C GLY D 48 -1.45 -11.54 -22.42
N LEU D 49 -1.55 -12.59 -23.20
CA LEU D 49 -0.82 -13.80 -22.89
C LEU D 49 0.63 -13.67 -23.37
N PRO D 50 1.61 -14.16 -22.59
CA PRO D 50 3.02 -14.08 -22.97
C PRO D 50 3.33 -14.87 -24.26
N GLU D 59 5.02 -28.02 -33.25
CA GLU D 59 5.74 -28.85 -32.28
C GLU D 59 4.99 -28.85 -30.95
N LEU D 60 4.21 -27.80 -30.72
CA LEU D 60 3.43 -27.65 -29.50
C LEU D 60 1.98 -28.07 -29.67
N LEU D 61 1.60 -28.59 -30.84
CA LEU D 61 0.22 -28.94 -31.12
C LEU D 61 0.15 -30.43 -31.43
N GLU D 62 -1.04 -31.01 -31.26
CA GLU D 62 -1.34 -32.38 -31.68
C GLU D 62 -2.24 -32.31 -32.91
N LEU D 63 -1.78 -32.89 -34.02
CA LEU D 63 -2.47 -32.72 -35.29
C LEU D 63 -3.83 -33.43 -35.29
N GLY D 64 -4.65 -33.07 -36.27
CA GLY D 64 -5.96 -33.63 -36.48
C GLY D 64 -6.95 -33.35 -35.37
N ARG D 65 -6.72 -32.33 -34.55
CA ARG D 65 -7.57 -32.09 -33.40
C ARG D 65 -7.93 -30.62 -33.21
N TYR D 66 -7.53 -29.74 -34.14
CA TYR D 66 -7.70 -28.30 -34.02
C TYR D 66 -8.84 -27.84 -34.92
N LEU D 67 -9.88 -27.26 -34.33
CA LEU D 67 -11.01 -26.77 -35.10
C LEU D 67 -10.82 -25.29 -35.44
N GLY D 68 -11.26 -24.91 -36.62
CA GLY D 68 -11.11 -23.55 -37.09
C GLY D 68 -12.43 -22.97 -37.57
N ALA D 69 -12.56 -21.65 -37.39
CA ALA D 69 -13.71 -20.89 -37.86
C ALA D 69 -13.22 -19.93 -38.93
N PHE D 70 -13.73 -20.10 -40.15
CA PHE D 70 -13.30 -19.30 -41.30
C PHE D 70 -14.45 -18.46 -41.81
N VAL D 71 -14.22 -17.14 -41.93
CA VAL D 71 -15.15 -16.24 -42.59
C VAL D 71 -14.44 -15.62 -43.79
N GLN D 72 -14.96 -15.89 -44.98
CA GLN D 72 -14.35 -15.46 -46.25
C GLN D 72 -12.85 -15.78 -46.24
N GLY D 73 -12.56 -17.07 -46.41
CA GLY D 73 -11.20 -17.56 -46.42
C GLY D 73 -10.26 -17.08 -45.33
N GLU D 74 -10.79 -16.51 -44.25
CA GLU D 74 -9.96 -15.95 -43.18
C GLU D 74 -10.30 -16.62 -41.86
N LEU D 75 -9.26 -17.14 -41.19
CA LEU D 75 -9.43 -17.80 -39.90
C LEU D 75 -9.61 -16.75 -38.82
N ILE D 76 -10.73 -16.80 -38.11
CA ILE D 76 -11.09 -15.80 -37.12
C ILE D 76 -11.38 -16.39 -35.74
N GLY D 77 -11.22 -17.69 -35.57
CA GLY D 77 -11.42 -18.32 -34.28
C GLY D 77 -11.06 -19.77 -34.38
N GLY D 78 -11.01 -20.41 -33.21
CA GLY D 78 -10.65 -21.82 -33.18
C GLY D 78 -10.83 -22.41 -31.80
N ALA D 79 -10.70 -23.73 -31.74
CA ALA D 79 -10.78 -24.49 -30.50
C ALA D 79 -10.01 -25.78 -30.71
N ASP D 80 -9.14 -26.12 -29.76
CA ASP D 80 -8.25 -27.25 -29.89
C ASP D 80 -8.44 -28.19 -28.71
N SER D 81 -7.81 -29.36 -28.81
CA SER D 81 -7.82 -30.34 -27.74
C SER D 81 -6.62 -31.26 -27.91
N TYR D 82 -6.32 -32.01 -26.84
CA TYR D 82 -5.24 -32.98 -26.84
C TYR D 82 -5.78 -34.34 -26.42
N THR D 83 -5.19 -35.41 -26.97
CA THR D 83 -5.50 -36.74 -26.49
C THR D 83 -4.87 -36.94 -25.11
N SER D 84 -5.72 -37.20 -24.11
CA SER D 84 -5.24 -37.23 -22.73
C SER D 84 -6.05 -38.26 -21.94
N TRP D 85 -5.73 -38.38 -20.66
CA TRP D 85 -6.52 -39.15 -19.72
C TRP D 85 -6.82 -38.32 -18.49
N LEU D 86 -7.82 -38.76 -17.71
CA LEU D 86 -8.21 -38.08 -16.48
C LEU D 86 -8.50 -39.14 -15.44
N THR D 87 -7.95 -38.96 -14.24
CA THR D 87 -8.12 -39.94 -13.17
C THR D 87 -9.42 -39.68 -12.42
N VAL D 88 -10.34 -40.63 -12.48
CA VAL D 88 -11.64 -40.49 -11.81
C VAL D 88 -11.57 -41.21 -10.47
N PRO D 89 -12.51 -40.95 -9.55
CA PRO D 89 -12.47 -41.62 -8.25
C PRO D 89 -12.41 -43.14 -8.38
N GLY D 90 -11.49 -43.75 -7.64
CA GLY D 90 -11.20 -45.16 -7.74
C GLY D 90 -9.92 -45.49 -8.48
N GLY D 91 -9.27 -44.50 -9.11
CA GLY D 91 -8.00 -44.70 -9.75
C GLY D 91 -8.06 -44.97 -11.23
N SER D 92 -9.26 -45.24 -11.76
CA SER D 92 -9.40 -45.52 -13.18
C SER D 92 -9.00 -44.32 -14.01
N ARG D 93 -8.40 -44.60 -15.17
CA ARG D 93 -7.84 -43.58 -16.05
C ARG D 93 -8.71 -43.54 -17.32
N VAL D 94 -9.56 -42.52 -17.42
CA VAL D 94 -10.59 -42.47 -18.48
C VAL D 94 -10.11 -41.68 -19.68
N PRO D 95 -10.61 -41.98 -20.88
CA PRO D 95 -10.26 -41.16 -22.06
C PRO D 95 -10.76 -39.74 -21.91
N HIS D 96 -9.83 -38.79 -22.02
CA HIS D 96 -10.10 -37.40 -21.71
C HIS D 96 -9.55 -36.50 -22.82
N ALA D 97 -10.33 -35.49 -23.18
CA ALA D 97 -9.95 -34.50 -24.19
C ALA D 97 -9.59 -33.20 -23.45
N ALA D 98 -8.30 -32.86 -23.46
CA ALA D 98 -7.81 -31.64 -22.80
C ALA D 98 -8.04 -30.46 -23.74
N VAL D 99 -9.15 -29.75 -23.54
CA VAL D 99 -9.55 -28.66 -24.41
C VAL D 99 -8.74 -27.42 -24.08
N THR D 100 -8.31 -26.70 -25.12
CA THR D 100 -7.54 -25.47 -24.97
C THR D 100 -7.56 -24.68 -26.28
N HIS D 101 -6.85 -23.56 -26.29
CA HIS D 101 -6.68 -22.72 -27.47
C HIS D 101 -7.98 -22.12 -27.99
N ILE D 102 -9.02 -22.08 -27.17
CA ILE D 102 -10.31 -21.54 -27.60
C ILE D 102 -10.23 -20.02 -27.65
N GLY D 103 -10.67 -19.44 -28.76
CA GLY D 103 -10.67 -18.00 -28.89
C GLY D 103 -11.22 -17.50 -30.21
N VAL D 104 -11.87 -16.33 -30.18
CA VAL D 104 -12.41 -15.69 -31.38
C VAL D 104 -11.91 -14.26 -31.42
N LEU D 105 -11.54 -13.81 -32.61
CA LEU D 105 -11.03 -12.45 -32.77
C LEU D 105 -12.10 -11.44 -32.38
N PRO D 106 -11.70 -10.30 -31.80
CA PRO D 106 -12.70 -9.32 -31.32
C PRO D 106 -13.59 -8.75 -32.42
N THR D 107 -13.20 -8.84 -33.68
CA THR D 107 -14.04 -8.37 -34.78
C THR D 107 -15.14 -9.35 -35.18
N HIS D 108 -15.23 -10.51 -34.53
CA HIS D 108 -16.23 -11.52 -34.90
C HIS D 108 -16.85 -12.20 -33.69
N THR D 109 -16.93 -11.50 -32.56
CA THR D 109 -17.51 -12.09 -31.35
C THR D 109 -19.01 -11.86 -31.34
N ARG D 110 -19.69 -12.61 -30.45
CA ARG D 110 -21.13 -12.48 -30.22
C ARG D 110 -21.94 -12.74 -31.49
N ARG D 111 -21.49 -13.71 -32.29
CA ARG D 111 -22.20 -14.09 -33.51
C ARG D 111 -22.48 -15.59 -33.55
N GLY D 112 -22.33 -16.27 -32.42
CA GLY D 112 -22.55 -17.70 -32.33
C GLY D 112 -21.39 -18.56 -32.76
N ILE D 113 -20.20 -17.98 -32.95
CA ILE D 113 -19.08 -18.74 -33.48
C ILE D 113 -18.50 -19.70 -32.44
N LEU D 114 -18.35 -19.25 -31.19
CA LEU D 114 -17.88 -20.16 -30.15
C LEU D 114 -18.85 -21.32 -29.95
N THR D 115 -20.15 -21.02 -29.95
CA THR D 115 -21.16 -22.08 -29.83
C THR D 115 -21.02 -23.10 -30.96
N ALA D 116 -20.79 -22.62 -32.19
CA ALA D 116 -20.57 -23.56 -33.28
C ALA D 116 -19.28 -24.35 -33.08
N LEU D 117 -18.23 -23.69 -32.57
CA LEU D 117 -16.97 -24.41 -32.33
C LEU D 117 -17.13 -25.45 -31.23
N VAL D 118 -17.74 -25.07 -30.10
CA VAL D 118 -17.87 -25.99 -28.98
C VAL D 118 -18.78 -27.16 -29.33
N THR D 119 -19.90 -26.88 -30.01
CA THR D 119 -20.81 -27.96 -30.41
C THR D 119 -20.10 -28.97 -31.30
N ARG D 120 -19.36 -28.47 -32.30
CA ARG D 120 -18.61 -29.35 -33.18
C ARG D 120 -17.53 -30.09 -32.41
N GLN D 121 -16.87 -29.42 -31.48
CA GLN D 121 -15.80 -30.05 -30.71
C GLN D 121 -16.32 -31.19 -29.85
N LEU D 122 -17.40 -30.94 -29.10
CA LEU D 122 -17.91 -31.98 -28.20
C LEU D 122 -18.42 -33.20 -28.97
N THR D 123 -19.13 -32.99 -30.09
CA THR D 123 -19.60 -34.13 -30.87
C THR D 123 -18.42 -34.93 -31.42
N ASP D 124 -17.36 -34.24 -31.86
CA ASP D 124 -16.17 -34.93 -32.35
C ASP D 124 -15.45 -35.68 -31.24
N ILE D 125 -15.36 -35.08 -30.05
CA ILE D 125 -14.75 -35.76 -28.91
C ILE D 125 -15.50 -37.05 -28.61
N ALA D 126 -16.83 -37.00 -28.69
CA ALA D 126 -17.63 -38.20 -28.46
C ALA D 126 -17.30 -39.28 -29.48
N GLY D 127 -17.18 -38.89 -30.76
CA GLY D 127 -16.89 -39.86 -31.79
C GLY D 127 -15.54 -40.53 -31.62
N ARG D 128 -14.60 -39.87 -30.97
CA ARG D 128 -13.31 -40.47 -30.70
C ARG D 128 -13.34 -41.47 -29.55
N GLY D 129 -14.49 -41.63 -28.90
CA GLY D 129 -14.61 -42.52 -27.76
C GLY D 129 -14.17 -41.93 -26.44
N GLU D 130 -13.90 -40.63 -26.38
CA GLU D 130 -13.50 -39.98 -25.13
C GLU D 130 -14.74 -39.57 -24.34
N ILE D 131 -14.67 -39.74 -23.02
CA ILE D 131 -15.87 -39.62 -22.19
C ILE D 131 -15.94 -38.32 -21.40
N VAL D 132 -14.82 -37.65 -21.18
CA VAL D 132 -14.79 -36.38 -20.47
C VAL D 132 -13.92 -35.39 -21.24
N ALA D 133 -14.20 -34.10 -21.02
CA ALA D 133 -13.40 -33.01 -21.54
C ALA D 133 -13.21 -31.99 -20.43
N SER D 134 -12.02 -31.39 -20.37
CA SER D 134 -11.75 -30.39 -19.34
C SER D 134 -10.94 -29.25 -19.93
N LEU D 135 -11.01 -28.10 -19.25
CA LEU D 135 -10.28 -26.92 -19.67
C LEU D 135 -9.98 -26.06 -18.46
N ARG D 136 -9.18 -25.01 -18.67
CA ARG D 136 -8.93 -23.99 -17.66
C ARG D 136 -9.51 -22.69 -18.21
N ALA D 137 -10.53 -22.16 -17.56
CA ALA D 137 -11.30 -21.05 -18.11
C ALA D 137 -10.56 -19.73 -17.88
N SER D 138 -10.48 -18.91 -18.94
CA SER D 138 -9.96 -17.56 -18.77
C SER D 138 -10.98 -16.67 -18.07
N GLU D 139 -12.27 -16.93 -18.31
CA GLU D 139 -13.36 -16.26 -17.62
C GLU D 139 -14.32 -17.33 -17.10
N ALA D 140 -14.84 -17.13 -15.90
CA ALA D 140 -15.68 -18.13 -15.27
C ALA D 140 -17.14 -18.05 -15.70
N VAL D 141 -17.42 -17.28 -16.75
CA VAL D 141 -18.79 -17.01 -17.17
C VAL D 141 -19.05 -17.54 -18.58
N ILE D 142 -18.18 -18.41 -19.09
CA ILE D 142 -18.21 -18.81 -20.50
C ILE D 142 -18.81 -20.18 -20.70
N TYR D 143 -18.30 -21.20 -20.01
CA TYR D 143 -18.49 -22.58 -20.46
C TYR D 143 -19.60 -23.34 -19.77
N ARG D 144 -20.23 -22.80 -18.72
CA ARG D 144 -21.26 -23.57 -18.05
C ARG D 144 -22.49 -23.75 -18.93
N ARG D 145 -22.77 -22.80 -19.82
CA ARG D 145 -23.88 -22.93 -20.77
C ARG D 145 -23.68 -24.10 -21.73
N PHE D 146 -22.48 -24.66 -21.81
CA PHE D 146 -22.19 -25.80 -22.67
C PHE D 146 -22.09 -27.11 -21.90
N GLY D 147 -22.42 -27.11 -20.61
CA GLY D 147 -22.35 -28.31 -19.81
C GLY D 147 -21.08 -28.46 -19.00
N TYR D 148 -20.17 -27.49 -19.09
CA TYR D 148 -18.94 -27.55 -18.30
C TYR D 148 -19.22 -27.11 -16.87
N GLY D 149 -18.76 -27.90 -15.91
CA GLY D 149 -18.92 -27.58 -14.51
C GLY D 149 -17.59 -27.57 -13.78
N ILE D 150 -17.50 -26.71 -12.77
CA ILE D 150 -16.29 -26.63 -11.96
C ILE D 150 -16.19 -27.88 -11.09
N ALA D 151 -15.23 -28.74 -11.40
CA ALA D 151 -15.10 -30.04 -10.75
C ALA D 151 -13.98 -30.09 -9.72
N THR D 152 -12.93 -29.30 -9.88
CA THR D 152 -11.86 -29.23 -8.90
C THR D 152 -11.48 -27.78 -8.68
N SER D 153 -10.94 -27.50 -7.49
CA SER D 153 -10.40 -26.19 -7.17
C SER D 153 -9.01 -26.35 -6.58
N SER D 154 -8.23 -25.28 -6.66
CA SER D 154 -6.86 -25.27 -6.17
C SER D 154 -6.66 -24.15 -5.17
N ALA D 155 -5.67 -24.31 -4.30
CA ALA D 155 -5.38 -23.36 -3.24
C ALA D 155 -3.93 -22.93 -3.31
N THR D 156 -3.64 -21.79 -2.69
CA THR D 156 -2.30 -21.24 -2.57
C THR D 156 -2.00 -21.06 -1.09
N TYR D 157 -0.92 -21.67 -0.62
CA TYR D 157 -0.53 -21.63 0.78
C TYR D 157 0.75 -20.82 0.93
N ARG D 158 0.79 -19.99 1.97
CA ARG D 158 2.01 -19.28 2.37
C ARG D 158 2.42 -19.77 3.74
N ILE D 159 3.60 -20.37 3.82
CA ILE D 159 4.13 -20.96 5.05
C ILE D 159 5.22 -20.04 5.59
N GLN D 160 5.09 -19.68 6.86
CA GLN D 160 6.14 -18.94 7.56
C GLN D 160 7.11 -19.99 8.12
N ARG D 161 8.24 -20.17 7.42
CA ARG D 161 9.08 -21.33 7.69
C ARG D 161 9.56 -21.39 9.14
N ARG D 162 9.85 -20.23 9.74
CA ARG D 162 10.33 -20.22 11.12
C ARG D 162 9.29 -20.77 12.10
N ARG D 163 8.01 -20.59 11.80
CA ARG D 163 6.96 -21.10 12.67
C ARG D 163 6.54 -22.53 12.32
N ALA D 164 7.12 -23.11 11.28
CA ALA D 164 6.67 -24.40 10.74
C ALA D 164 7.62 -25.53 11.17
N ALA D 165 7.70 -25.75 12.47
CA ALA D 165 8.40 -26.94 12.91
C ALA D 165 7.48 -28.14 12.82
N PRO D 166 7.99 -29.29 12.39
CA PRO D 166 7.13 -30.47 12.18
C PRO D 166 6.53 -30.99 13.47
N LEU D 167 5.26 -31.38 13.39
CA LEU D 167 4.59 -31.99 14.55
C LEU D 167 5.20 -33.35 14.88
N ARG D 168 5.42 -34.18 13.87
CA ARG D 168 6.11 -35.45 13.98
C ARG D 168 7.40 -35.41 13.18
N PRO D 169 8.41 -36.20 13.56
CA PRO D 169 9.67 -36.20 12.81
C PRO D 169 9.49 -36.65 11.37
N ILE D 170 10.18 -35.98 10.45
CA ILE D 170 10.08 -36.25 9.02
C ILE D 170 11.43 -36.76 8.53
N ASP D 171 11.43 -37.94 7.92
CA ASP D 171 12.65 -38.55 7.41
C ASP D 171 13.00 -37.97 6.05
N THR D 172 14.04 -37.13 6.00
CA THR D 172 14.49 -36.50 4.77
C THR D 172 15.78 -37.12 4.25
N GLY D 173 16.12 -38.32 4.70
CA GLY D 173 17.34 -38.97 4.25
C GLY D 173 17.29 -39.39 2.79
N ALA D 174 16.11 -39.78 2.29
CA ALA D 174 15.99 -40.18 0.89
C ALA D 174 15.93 -39.00 -0.07
N ILE D 175 15.98 -37.78 0.44
CA ILE D 175 15.93 -36.60 -0.42
C ILE D 175 17.27 -36.47 -1.16
N ALA D 176 17.19 -36.15 -2.45
CA ALA D 176 18.37 -35.98 -3.28
C ALA D 176 18.22 -34.69 -4.09
N LEU D 177 19.29 -33.90 -4.14
CA LEU D 177 19.29 -32.68 -4.95
C LEU D 177 19.58 -33.04 -6.40
N LEU D 178 18.75 -32.54 -7.31
CA LEU D 178 18.90 -32.87 -8.72
C LEU D 178 18.74 -31.63 -9.60
N ASP D 179 19.08 -30.46 -9.06
CA ASP D 179 18.71 -29.17 -9.65
C ASP D 179 18.98 -29.07 -11.16
N ALA D 180 20.25 -28.97 -11.56
CA ALA D 180 20.56 -28.80 -12.97
C ALA D 180 20.65 -30.12 -13.71
N ALA D 181 20.83 -31.23 -13.00
CA ALA D 181 20.90 -32.55 -13.62
C ALA D 181 19.52 -33.13 -13.94
N ALA D 182 18.45 -32.42 -13.62
CA ALA D 182 17.10 -32.88 -13.94
C ALA D 182 16.82 -32.69 -15.42
N SER D 183 16.09 -33.63 -15.99
CA SER D 183 15.69 -33.51 -17.39
C SER D 183 14.17 -33.59 -17.47
N PRO D 184 13.57 -32.96 -18.48
CA PRO D 184 12.12 -33.10 -18.66
C PRO D 184 11.68 -34.54 -18.89
N GLU D 185 12.51 -35.37 -19.51
CA GLU D 185 12.12 -36.76 -19.71
C GLU D 185 12.16 -37.53 -18.40
N GLY D 186 13.11 -37.20 -17.52
CA GLY D 186 13.18 -37.88 -16.24
C GLY D 186 12.06 -37.46 -15.31
N LEU D 187 11.75 -36.16 -15.28
CA LEU D 187 10.65 -35.69 -14.46
C LEU D 187 9.30 -36.18 -14.99
N ALA D 188 9.18 -36.34 -16.30
CA ALA D 188 7.95 -36.90 -16.87
C ALA D 188 7.76 -38.36 -16.46
N ALA D 189 8.84 -39.11 -16.32
CA ALA D 189 8.73 -40.51 -15.89
C ALA D 189 8.25 -40.59 -14.45
N ILE D 190 8.67 -39.65 -13.60
CA ILE D 190 8.22 -39.64 -12.21
C ILE D 190 6.75 -39.26 -12.14
N TYR D 191 6.34 -38.26 -12.92
CA TYR D 191 4.96 -37.81 -12.90
C TYR D 191 4.02 -38.91 -13.41
N GLU D 192 4.51 -39.74 -14.34
CA GLU D 192 3.64 -40.72 -15.02
C GLU D 192 2.92 -41.63 -14.04
N ARG D 193 3.47 -41.88 -12.85
CA ARG D 193 2.81 -42.73 -11.89
C ARG D 193 1.75 -42.00 -11.07
N ALA D 194 1.26 -40.87 -11.57
CA ALA D 194 0.28 -40.08 -10.82
C ALA D 194 -1.01 -40.87 -10.67
N ALA D 195 -1.50 -40.95 -9.43
CA ALA D 195 -2.71 -41.71 -9.14
C ALA D 195 -3.77 -40.91 -8.38
N TRP D 196 -3.54 -39.64 -8.11
CA TRP D 196 -4.53 -38.88 -7.35
C TRP D 196 -5.70 -38.49 -8.25
N THR D 197 -6.90 -38.47 -7.66
CA THR D 197 -8.10 -38.17 -8.43
C THR D 197 -8.05 -36.73 -8.93
N GLY D 198 -8.31 -36.54 -10.21
CA GLY D 198 -8.21 -35.25 -10.86
C GLY D 198 -6.95 -35.07 -11.67
N SER D 199 -5.95 -35.92 -11.47
CA SER D 199 -4.71 -35.82 -12.24
C SER D 199 -4.97 -36.10 -13.71
N VAL D 200 -4.23 -35.40 -14.56
CA VAL D 200 -4.39 -35.49 -16.01
C VAL D 200 -3.04 -35.84 -16.62
N ALA D 201 -3.09 -36.37 -17.84
CA ALA D 201 -1.88 -36.70 -18.56
C ALA D 201 -1.10 -35.43 -18.88
N ARG D 202 0.24 -35.54 -18.85
CA ARG D 202 1.14 -34.49 -19.30
C ARG D 202 1.84 -34.99 -20.56
N PRO D 203 1.28 -34.73 -21.74
CA PRO D 203 1.86 -35.27 -22.99
C PRO D 203 3.21 -34.63 -23.27
N PRO D 204 3.96 -35.16 -24.25
CA PRO D 204 5.23 -34.51 -24.61
C PRO D 204 5.10 -33.04 -24.99
N GLN D 205 4.01 -32.64 -25.65
CA GLN D 205 3.84 -31.22 -25.99
C GLN D 205 3.76 -30.34 -24.75
N TRP D 206 3.22 -30.87 -23.64
CA TRP D 206 3.16 -30.10 -22.41
C TRP D 206 4.56 -29.86 -21.86
N TRP D 207 5.43 -30.87 -21.94
CA TRP D 207 6.78 -30.72 -21.41
C TRP D 207 7.64 -29.82 -22.30
N ARG D 208 7.47 -29.89 -23.61
CA ARG D 208 8.17 -28.96 -24.49
C ARG D 208 7.74 -27.53 -24.22
N LEU D 209 6.45 -27.31 -23.95
CA LEU D 209 5.99 -25.96 -23.67
C LEU D 209 6.63 -25.41 -22.41
N HIS D 210 6.78 -26.25 -21.38
CA HIS D 210 7.43 -25.81 -20.16
C HIS D 210 8.96 -25.77 -20.28
N GLU D 211 9.52 -26.48 -21.25
CA GLU D 211 10.93 -26.26 -21.59
C GLU D 211 11.15 -24.83 -22.06
N LEU D 212 10.21 -24.30 -22.83
CA LEU D 212 10.35 -22.94 -23.36
C LEU D 212 10.20 -21.89 -22.27
N PHE D 213 9.21 -22.07 -21.39
CA PHE D 213 9.02 -21.10 -20.31
C PHE D 213 10.21 -21.08 -19.37
N ASP D 214 10.78 -22.24 -19.05
CA ASP D 214 11.93 -22.29 -18.16
C ASP D 214 13.15 -21.63 -18.79
N ALA D 215 13.32 -21.76 -20.10
CA ALA D 215 14.44 -21.10 -20.78
C ALA D 215 14.24 -19.59 -20.83
N ALA D 216 13.00 -19.14 -20.90
CA ALA D 216 12.71 -17.71 -20.97
C ALA D 216 12.94 -17.02 -19.63
N ASP D 217 12.76 -17.74 -18.54
CA ASP D 217 12.94 -17.17 -17.20
C ASP D 217 14.41 -17.23 -16.83
N PRO D 218 15.06 -16.10 -16.52
CA PRO D 218 16.48 -16.17 -16.14
C PRO D 218 16.74 -16.93 -14.85
N VAL D 219 15.79 -16.95 -13.92
CA VAL D 219 15.93 -17.72 -12.68
C VAL D 219 15.58 -19.18 -12.96
N LYS D 220 16.55 -20.04 -12.84
CA LYS D 220 16.36 -21.47 -13.07
C LYS D 220 15.85 -22.14 -11.79
N PRO D 221 15.01 -23.16 -11.93
CA PRO D 221 14.40 -23.77 -10.74
C PRO D 221 15.25 -24.88 -10.13
N TYR D 222 15.17 -24.95 -8.81
CA TYR D 222 15.71 -26.10 -8.09
C TYR D 222 14.78 -27.28 -8.24
N VAL D 223 15.35 -28.46 -8.42
CA VAL D 223 14.58 -29.69 -8.59
C VAL D 223 15.11 -30.69 -7.57
N VAL D 224 14.28 -31.02 -6.59
CA VAL D 224 14.63 -31.97 -5.54
C VAL D 224 13.76 -33.21 -5.68
N THR D 225 14.38 -34.37 -5.56
CA THR D 225 13.71 -35.63 -5.86
C THR D 225 13.61 -36.51 -4.62
N HIS D 226 12.64 -37.43 -4.67
CA HIS D 226 12.45 -38.52 -3.71
C HIS D 226 12.18 -39.78 -4.54
N PRO D 227 12.47 -40.97 -4.00
CA PRO D 227 12.15 -42.20 -4.73
C PRO D 227 10.73 -42.28 -5.25
N ASP D 228 9.80 -41.52 -4.66
CA ASP D 228 8.39 -41.55 -5.06
C ASP D 228 7.87 -40.16 -5.36
N GLY D 229 8.71 -39.24 -5.81
CA GLY D 229 8.21 -37.92 -6.16
C GLY D 229 9.33 -36.93 -6.37
N TYR D 230 8.92 -35.68 -6.62
CA TYR D 230 9.87 -34.58 -6.80
C TYR D 230 9.18 -33.27 -6.42
N VAL D 231 9.97 -32.21 -6.37
CA VAL D 231 9.45 -30.87 -6.09
C VAL D 231 10.34 -29.83 -6.77
N ARG D 232 9.71 -28.92 -7.52
CA ARG D 232 10.43 -27.82 -8.16
C ARG D 232 10.09 -26.52 -7.45
N TYR D 233 11.12 -25.74 -7.15
CA TYR D 233 10.89 -24.44 -6.51
C TYR D 233 11.95 -23.45 -6.96
N ARG D 234 11.56 -22.18 -7.02
CA ARG D 234 12.43 -21.10 -7.48
C ARG D 234 12.36 -19.91 -6.54
N PRO D 235 13.48 -19.25 -6.29
CA PRO D 235 13.46 -18.05 -5.43
C PRO D 235 12.84 -16.85 -6.12
N GLN D 236 12.18 -16.01 -5.31
CA GLN D 236 11.59 -14.78 -5.83
C GLN D 236 12.63 -13.67 -5.72
N ASP D 237 12.19 -12.41 -5.82
CA ASP D 237 13.03 -11.21 -5.99
C ASP D 237 14.51 -11.38 -5.63
N THR D 238 15.26 -12.05 -6.50
CA THR D 238 16.65 -12.37 -6.20
C THR D 238 17.52 -11.13 -6.15
N ALA D 239 17.14 -10.08 -6.88
CA ALA D 239 17.90 -8.83 -6.85
C ALA D 239 17.92 -8.21 -5.45
N GLU D 240 16.92 -8.50 -4.62
CA GLU D 240 16.82 -7.98 -3.26
C GLU D 240 16.78 -9.12 -2.24
N TRP D 241 17.61 -10.14 -2.42
CA TRP D 241 17.54 -11.31 -1.55
C TRP D 241 18.05 -10.96 -0.15
N PHE D 242 19.23 -10.35 -0.05
CA PHE D 242 19.86 -10.01 1.21
C PHE D 242 19.27 -8.75 1.85
N SER D 243 17.95 -8.67 1.90
CA SER D 243 17.21 -7.54 2.44
C SER D 243 16.29 -8.01 3.57
N SER D 244 15.70 -7.05 4.27
CA SER D 244 14.80 -7.39 5.36
C SER D 244 13.56 -8.07 4.81
N SER D 245 13.09 -7.60 3.66
CA SER D 245 11.95 -8.19 2.97
C SER D 245 12.11 -9.70 2.88
N ALA D 246 11.07 -10.42 3.32
CA ALA D 246 11.07 -11.87 3.43
C ALA D 246 11.57 -12.54 2.16
N ARG D 247 12.67 -13.28 2.29
CA ARG D 247 13.16 -14.13 1.21
C ARG D 247 12.15 -15.25 0.95
N THR D 248 11.55 -15.25 -0.23
CA THR D 248 10.48 -16.18 -0.54
C THR D 248 10.89 -17.11 -1.69
N ILE D 249 10.50 -18.37 -1.57
CA ILE D 249 10.59 -19.32 -2.67
C ILE D 249 9.17 -19.66 -3.10
N SER D 250 9.04 -20.10 -4.35
CA SER D 250 7.75 -20.45 -4.92
C SER D 250 7.84 -21.87 -5.48
N VAL D 251 6.96 -22.75 -5.00
CA VAL D 251 6.91 -24.13 -5.45
C VAL D 251 5.87 -24.22 -6.56
N ASP D 252 6.33 -24.52 -7.78
CA ASP D 252 5.40 -24.63 -8.91
C ASP D 252 4.90 -26.05 -9.17
N ASP D 253 5.59 -27.07 -8.67
CA ASP D 253 5.18 -28.45 -8.89
C ASP D 253 5.64 -29.29 -7.71
N LEU D 254 4.71 -29.95 -7.04
CA LEU D 254 5.02 -30.88 -5.95
C LEU D 254 4.27 -32.16 -6.29
N VAL D 255 5.00 -33.16 -6.77
CA VAL D 255 4.43 -34.45 -7.15
C VAL D 255 4.86 -35.46 -6.11
N ALA D 256 3.89 -36.08 -5.44
CA ALA D 256 4.16 -37.07 -4.40
C ALA D 256 3.16 -38.21 -4.54
N HIS D 257 3.67 -39.38 -4.89
CA HIS D 257 2.86 -40.58 -5.11
C HIS D 257 2.74 -41.43 -3.86
N SER D 258 3.24 -40.95 -2.73
CA SER D 258 3.23 -41.72 -1.50
C SER D 258 3.17 -40.76 -0.33
N ASP D 259 2.56 -41.21 0.76
CA ASP D 259 2.54 -40.40 1.98
C ASP D 259 3.97 -40.14 2.47
N GLU D 260 4.84 -41.14 2.37
CA GLU D 260 6.23 -40.97 2.78
C GLU D 260 6.93 -39.95 1.90
N ALA D 261 6.70 -40.00 0.59
CA ALA D 261 7.30 -39.01 -0.30
C ALA D 261 6.77 -37.61 -0.03
N TYR D 262 5.48 -37.50 0.27
CA TYR D 262 4.87 -36.18 0.54
C TYR D 262 5.53 -35.51 1.74
N ARG D 263 5.65 -36.23 2.85
CA ARG D 263 6.24 -35.63 4.04
C ARG D 263 7.71 -35.31 3.83
N ALA D 264 8.44 -36.21 3.13
CA ALA D 264 9.86 -35.99 2.91
C ALA D 264 10.12 -34.74 2.06
N LEU D 265 9.31 -34.54 1.01
CA LEU D 265 9.50 -33.36 0.16
C LEU D 265 9.14 -32.07 0.90
N VAL D 266 8.02 -32.06 1.61
CA VAL D 266 7.64 -30.89 2.38
C VAL D 266 8.65 -30.60 3.48
N GLY D 267 9.15 -31.65 4.14
CA GLY D 267 10.18 -31.47 5.14
C GLY D 267 11.44 -30.85 4.60
N HIS D 268 11.79 -31.15 3.34
CA HIS D 268 12.92 -30.51 2.72
C HIS D 268 12.72 -29.00 2.66
N LEU D 269 11.53 -28.55 2.29
CA LEU D 269 11.24 -27.13 2.23
C LEU D 269 11.26 -26.49 3.61
N LEU D 270 10.69 -27.17 4.61
CA LEU D 270 10.65 -26.60 5.96
C LEU D 270 12.03 -26.49 6.58
N ASP D 271 13.01 -27.24 6.09
CA ASP D 271 14.36 -27.23 6.65
C ASP D 271 15.36 -26.49 5.75
N LEU D 272 14.88 -25.84 4.69
CA LEU D 272 15.74 -25.15 3.76
C LEU D 272 16.20 -23.82 4.37
N ASP D 273 17.51 -23.64 4.49
CA ASP D 273 18.04 -22.47 5.16
C ASP D 273 17.84 -21.22 4.30
N LEU D 274 17.98 -20.07 4.94
CA LEU D 274 17.82 -18.75 4.32
C LEU D 274 16.42 -18.44 3.80
N VAL D 275 15.51 -19.41 3.81
CA VAL D 275 14.16 -19.20 3.30
C VAL D 275 13.28 -18.71 4.44
N ASP D 276 12.56 -17.62 4.20
CA ASP D 276 11.63 -17.05 5.19
C ASP D 276 10.19 -17.46 4.94
N VAL D 277 9.75 -17.43 3.68
CA VAL D 277 8.37 -17.73 3.31
C VAL D 277 8.38 -18.73 2.17
N ILE D 278 7.56 -19.76 2.28
CA ILE D 278 7.41 -20.77 1.25
C ILE D 278 6.02 -20.65 0.65
N GLU D 279 5.94 -20.47 -0.67
CA GLU D 279 4.67 -20.31 -1.37
C GLU D 279 4.40 -21.55 -2.21
N LEU D 280 3.31 -22.24 -1.89
CA LEU D 280 2.86 -23.42 -2.62
C LEU D 280 1.61 -23.05 -3.42
N GLY D 281 1.63 -23.34 -4.71
CA GLY D 281 0.47 -23.07 -5.53
C GLY D 281 0.69 -23.39 -6.99
N PRO D 282 -0.33 -23.97 -7.64
CA PRO D 282 -1.58 -24.41 -7.02
C PRO D 282 -1.44 -25.77 -6.32
N ARG D 283 -2.15 -25.95 -5.21
CA ARG D 283 -2.13 -27.17 -4.41
C ARG D 283 -3.56 -27.58 -4.09
N PRO D 284 -3.77 -28.83 -3.65
CA PRO D 284 -5.12 -29.26 -3.27
C PRO D 284 -5.68 -28.39 -2.14
N ILE D 285 -7.00 -28.16 -2.21
CA ILE D 285 -7.63 -27.34 -1.19
C ILE D 285 -7.67 -28.03 0.16
N ASP D 286 -7.43 -29.35 0.19
CA ASP D 286 -7.36 -30.12 1.44
C ASP D 286 -5.96 -30.66 1.70
N ASP D 287 -4.94 -29.97 1.22
CA ASP D 287 -3.57 -30.41 1.42
C ASP D 287 -3.28 -30.42 2.92
N PRO D 288 -2.85 -31.54 3.48
CA PRO D 288 -2.72 -31.63 4.94
C PRO D 288 -1.51 -30.90 5.50
N LEU D 289 -1.10 -29.80 4.86
CA LEU D 289 -0.02 -28.99 5.41
C LEU D 289 -0.28 -28.52 6.84
N PRO D 290 -1.46 -27.96 7.18
CA PRO D 290 -1.69 -27.54 8.58
C PRO D 290 -1.53 -28.64 9.61
N HIS D 291 -1.68 -29.90 9.22
CA HIS D 291 -1.54 -31.01 10.16
C HIS D 291 -0.11 -31.52 10.27
N LEU D 292 0.82 -31.00 9.48
CA LEU D 292 2.21 -31.42 9.56
C LEU D 292 3.03 -30.65 10.58
N VAL D 293 2.54 -29.50 11.04
CA VAL D 293 3.32 -28.55 11.82
C VAL D 293 2.69 -28.37 13.20
N THR D 294 3.54 -28.04 14.17
CA THR D 294 3.04 -27.79 15.53
C THR D 294 2.16 -26.54 15.59
N ASP D 295 2.40 -25.59 14.68
CA ASP D 295 1.67 -24.33 14.59
C ASP D 295 0.88 -24.33 13.29
N PRO D 296 -0.37 -24.82 13.31
CA PRO D 296 -1.15 -24.83 12.05
C PRO D 296 -1.31 -23.46 11.41
N ARG D 297 -1.33 -22.37 12.19
CA ARG D 297 -1.48 -21.04 11.63
C ARG D 297 -0.22 -20.53 10.97
N ALA D 298 0.89 -21.28 11.06
CA ALA D 298 2.06 -20.97 10.24
C ALA D 298 1.78 -21.20 8.77
N VAL D 299 0.70 -21.90 8.44
CA VAL D 299 0.29 -22.16 7.06
C VAL D 299 -0.98 -21.38 6.80
N ALA D 300 -0.93 -20.42 5.88
CA ALA D 300 -2.05 -19.56 5.57
C ALA D 300 -2.49 -19.79 4.12
N VAL D 301 -3.79 -19.84 3.90
CA VAL D 301 -4.33 -19.95 2.55
C VAL D 301 -4.36 -18.56 1.93
N ALA D 302 -3.50 -18.34 0.94
CA ALA D 302 -3.38 -17.05 0.27
C ALA D 302 -4.39 -16.90 -0.87
N GLY D 303 -5.18 -17.92 -1.15
CA GLY D 303 -6.16 -17.82 -2.22
C GLY D 303 -6.73 -19.14 -2.64
N ILE D 304 -7.95 -19.12 -3.18
CA ILE D 304 -8.62 -20.30 -3.70
C ILE D 304 -9.27 -19.93 -5.02
N ARG D 305 -9.05 -20.74 -6.04
CA ARG D 305 -9.55 -20.44 -7.37
C ARG D 305 -10.08 -21.71 -8.01
N ASP D 306 -11.07 -21.55 -8.90
CA ASP D 306 -11.56 -22.69 -9.67
C ASP D 306 -10.47 -23.22 -10.58
N GLU D 307 -10.47 -24.53 -10.80
CA GLU D 307 -9.45 -25.16 -11.62
C GLU D 307 -10.06 -25.89 -12.80
N THR D 308 -10.55 -27.11 -12.55
CA THR D 308 -11.02 -27.98 -13.63
C THR D 308 -12.47 -27.64 -13.97
N TRP D 309 -12.69 -27.24 -15.22
CA TRP D 309 -14.02 -27.13 -15.80
C TRP D 309 -14.27 -28.43 -16.55
N LEU D 310 -15.04 -29.31 -15.93
CA LEU D 310 -15.25 -30.66 -16.44
C LEU D 310 -16.56 -30.74 -17.20
N ARG D 311 -16.53 -31.41 -18.36
CA ARG D 311 -17.70 -31.63 -19.19
C ARG D 311 -17.80 -33.12 -19.44
N LEU D 312 -18.86 -33.74 -18.92
CA LEU D 312 -19.09 -35.17 -19.13
C LEU D 312 -19.64 -35.34 -20.55
N VAL D 313 -18.86 -35.99 -21.41
CA VAL D 313 -19.29 -36.17 -22.80
C VAL D 313 -20.19 -37.40 -22.92
N ASP D 314 -19.79 -38.51 -22.31
CA ASP D 314 -20.62 -39.72 -22.24
C ASP D 314 -20.91 -39.95 -20.76
N VAL D 315 -22.09 -39.50 -20.33
CA VAL D 315 -22.43 -39.53 -18.90
C VAL D 315 -22.48 -40.97 -18.39
N GLU D 316 -23.10 -41.88 -19.15
CA GLU D 316 -23.20 -43.26 -18.70
C GLU D 316 -21.83 -43.90 -18.53
N ALA D 317 -20.95 -43.73 -19.53
CA ALA D 317 -19.62 -44.31 -19.42
C ALA D 317 -18.80 -43.66 -18.32
N ALA D 318 -19.00 -42.36 -18.09
CA ALA D 318 -18.30 -41.70 -16.99
C ALA D 318 -18.79 -42.23 -15.64
N LEU D 319 -20.11 -42.31 -15.46
CA LEU D 319 -20.65 -42.84 -14.20
C LEU D 319 -20.24 -44.28 -13.98
N ALA D 320 -20.05 -45.05 -15.06
CA ALA D 320 -19.69 -46.45 -14.91
C ALA D 320 -18.20 -46.64 -14.64
N ALA D 321 -17.37 -45.70 -15.08
CA ALA D 321 -15.92 -45.82 -14.92
C ALA D 321 -15.46 -45.46 -13.52
N ARG D 322 -16.28 -44.72 -12.77
CA ARG D 322 -15.97 -44.32 -11.41
C ARG D 322 -16.53 -45.33 -10.43
N THR D 323 -15.94 -45.38 -9.23
CA THR D 323 -16.39 -46.28 -8.18
C THR D 323 -17.22 -45.55 -7.12
N TYR D 324 -18.00 -46.34 -6.39
CA TYR D 324 -18.90 -45.83 -5.37
C TYR D 324 -18.80 -46.73 -4.15
N THR D 325 -19.46 -46.32 -3.06
CA THR D 325 -19.47 -47.10 -1.85
C THR D 325 -20.61 -48.12 -1.90
N ASP D 326 -20.56 -49.07 -0.96
CA ASP D 326 -21.54 -50.17 -0.93
C ASP D 326 -22.87 -49.67 -0.36
N GLY D 327 -23.53 -48.83 -1.15
CA GLY D 327 -24.82 -48.29 -0.81
C GLY D 327 -25.90 -48.78 -1.76
N ALA D 328 -27.12 -48.37 -1.46
CA ALA D 328 -28.24 -48.72 -2.31
C ALA D 328 -28.25 -47.83 -3.54
N PRO D 329 -28.70 -48.36 -4.69
CA PRO D 329 -28.67 -47.56 -5.92
C PRO D 329 -29.58 -46.35 -5.85
N VAL D 330 -29.16 -45.27 -6.51
CA VAL D 330 -29.95 -44.06 -6.67
C VAL D 330 -30.08 -43.78 -8.16
N VAL D 331 -31.25 -43.33 -8.59
CA VAL D 331 -31.52 -43.06 -10.00
C VAL D 331 -31.39 -41.57 -10.25
N ILE D 332 -30.49 -41.20 -11.15
CA ILE D 332 -30.19 -39.80 -11.45
C ILE D 332 -30.69 -39.48 -12.85
N GLU D 333 -31.57 -38.49 -12.94
CA GLU D 333 -32.05 -37.98 -14.22
C GLU D 333 -31.19 -36.79 -14.63
N VAL D 334 -30.53 -36.90 -15.78
CA VAL D 334 -29.60 -35.88 -16.27
C VAL D 334 -30.23 -35.12 -17.42
N GLN D 335 -30.08 -33.80 -17.39
CA GLN D 335 -30.52 -32.93 -18.48
C GLN D 335 -29.29 -32.52 -19.26
N ASP D 336 -29.34 -32.72 -20.58
CA ASP D 336 -28.20 -32.40 -21.45
C ASP D 336 -28.77 -31.88 -22.75
N THR D 337 -28.54 -30.59 -23.02
CA THR D 337 -29.06 -29.93 -24.21
C THR D 337 -28.16 -30.13 -25.42
N LEU D 338 -26.84 -29.97 -25.24
CA LEU D 338 -25.92 -30.08 -26.38
C LEU D 338 -25.79 -31.52 -26.86
N LEU D 339 -25.75 -32.48 -25.93
CA LEU D 339 -25.58 -33.89 -26.25
C LEU D 339 -26.84 -34.61 -25.75
N PRO D 340 -27.90 -34.67 -26.55
CA PRO D 340 -29.14 -35.32 -26.08
C PRO D 340 -28.98 -36.80 -25.80
N HIS D 341 -27.89 -37.43 -26.26
CA HIS D 341 -27.64 -38.83 -25.95
C HIS D 341 -27.53 -39.06 -24.45
N ASN D 342 -27.07 -38.06 -23.70
CA ASN D 342 -26.94 -38.16 -22.26
C ASN D 342 -28.22 -37.81 -21.51
N ALA D 343 -29.19 -37.20 -22.16
CA ALA D 343 -30.45 -36.85 -21.53
C ALA D 343 -31.29 -38.09 -21.26
N ALA D 344 -31.11 -38.70 -20.10
CA ALA D 344 -31.82 -39.93 -19.74
C ALA D 344 -31.71 -40.12 -18.24
N ARG D 345 -32.16 -41.28 -17.76
CA ARG D 345 -32.11 -41.65 -16.35
C ARG D 345 -31.15 -42.81 -16.16
N PHE D 346 -30.24 -42.68 -15.20
CA PHE D 346 -29.20 -43.68 -14.95
C PHE D 346 -29.31 -44.18 -13.51
N SER D 347 -29.39 -45.50 -13.35
CA SER D 347 -29.35 -46.13 -12.03
C SER D 347 -27.89 -46.37 -11.66
N VAL D 348 -27.40 -45.67 -10.65
CA VAL D 348 -26.00 -45.70 -10.24
C VAL D 348 -25.88 -46.51 -8.96
N SER D 349 -24.94 -47.46 -8.95
CA SER D 349 -24.61 -48.22 -7.76
C SER D 349 -23.18 -48.73 -7.89
N SER D 350 -22.61 -49.16 -6.76
CA SER D 350 -21.25 -49.68 -6.77
C SER D 350 -21.12 -50.92 -7.64
N ASP D 351 -22.23 -51.60 -7.91
CA ASP D 351 -22.22 -52.84 -8.69
C ASP D 351 -22.55 -52.64 -10.17
N LYS D 352 -23.41 -51.68 -10.49
CA LYS D 352 -23.96 -51.63 -11.84
C LYS D 352 -24.40 -50.20 -12.15
N VAL D 353 -24.17 -49.78 -13.39
CA VAL D 353 -24.66 -48.49 -13.89
C VAL D 353 -25.38 -48.76 -15.21
N ARG D 354 -26.69 -48.49 -15.25
CA ARG D 354 -27.49 -48.70 -16.45
C ARG D 354 -28.50 -47.59 -16.60
N ARG D 355 -28.95 -47.42 -17.84
CA ARG D 355 -30.08 -46.55 -18.14
C ARG D 355 -31.35 -47.23 -17.66
N THR D 356 -32.24 -46.42 -17.10
CA THR D 356 -33.47 -46.94 -16.51
C THR D 356 -34.61 -46.02 -16.91
N GLN D 357 -35.83 -46.56 -16.81
CA GLN D 357 -37.05 -45.80 -16.94
C GLN D 357 -37.74 -45.59 -15.60
N HIS D 358 -37.14 -46.07 -14.51
CA HIS D 358 -37.67 -45.85 -13.17
C HIS D 358 -37.74 -44.36 -12.87
N THR D 359 -38.71 -43.97 -12.04
CA THR D 359 -38.83 -42.57 -11.67
C THR D 359 -37.57 -42.12 -10.91
N PRO D 360 -36.99 -40.98 -11.25
CA PRO D 360 -35.69 -40.62 -10.68
C PRO D 360 -35.81 -40.22 -9.22
N ASP D 361 -34.69 -40.39 -8.51
CA ASP D 361 -34.55 -39.88 -7.15
C ASP D 361 -33.96 -38.47 -7.13
N ILE D 362 -33.20 -38.10 -8.16
CA ILE D 362 -32.51 -36.83 -8.24
C ILE D 362 -32.50 -36.37 -9.69
N SER D 363 -32.72 -35.09 -9.91
CA SER D 363 -32.69 -34.48 -11.24
C SER D 363 -31.64 -33.38 -11.26
N VAL D 364 -30.77 -33.40 -12.27
CA VAL D 364 -29.65 -32.47 -12.38
C VAL D 364 -29.32 -32.25 -13.84
N ASP D 365 -28.79 -31.06 -14.16
CA ASP D 365 -28.25 -30.84 -15.49
C ASP D 365 -26.83 -31.38 -15.57
N VAL D 366 -26.36 -31.66 -16.80
CA VAL D 366 -25.07 -32.32 -16.96
C VAL D 366 -23.94 -31.47 -16.39
N ALA D 367 -24.10 -30.14 -16.40
CA ALA D 367 -23.05 -29.28 -15.89
C ALA D 367 -22.83 -29.51 -14.39
N ALA D 368 -23.91 -29.59 -13.62
CA ALA D 368 -23.78 -29.79 -12.18
C ALA D 368 -23.31 -31.21 -11.86
N LEU D 369 -23.71 -32.20 -12.66
CA LEU D 369 -23.22 -33.55 -12.43
C LEU D 369 -21.72 -33.62 -12.58
N GLY D 370 -21.15 -32.85 -13.51
CA GLY D 370 -19.71 -32.78 -13.60
C GLY D 370 -19.08 -32.19 -12.35
N SER D 371 -19.76 -31.23 -11.72
CA SER D 371 -19.22 -30.61 -10.51
C SER D 371 -19.06 -31.63 -9.40
N VAL D 372 -19.99 -32.58 -9.29
CA VAL D 372 -19.90 -33.62 -8.25
C VAL D 372 -19.00 -34.77 -8.67
N TYR D 373 -18.82 -34.96 -9.98
CA TYR D 373 -18.31 -36.24 -10.48
C TYR D 373 -16.94 -36.60 -9.92
N LEU D 374 -16.08 -35.62 -9.71
CA LEU D 374 -14.74 -35.90 -9.23
C LEU D 374 -14.61 -35.88 -7.72
N GLY D 375 -15.71 -35.65 -7.00
CA GLY D 375 -15.67 -35.56 -5.57
C GLY D 375 -15.43 -34.16 -5.03
N GLY D 376 -15.35 -33.15 -5.90
CA GLY D 376 -15.12 -31.79 -5.47
C GLY D 376 -16.34 -31.07 -4.94
N ASN D 377 -17.51 -31.69 -5.02
CA ASN D 377 -18.75 -31.12 -4.49
C ASN D 377 -19.65 -32.26 -4.05
N THR D 378 -20.58 -31.93 -3.16
CA THR D 378 -21.56 -32.89 -2.68
C THR D 378 -22.94 -32.53 -3.19
N TRP D 379 -23.85 -33.51 -3.10
CA TRP D 379 -25.22 -33.27 -3.55
C TRP D 379 -25.95 -32.29 -2.65
N THR D 380 -25.67 -32.30 -1.34
CA THR D 380 -26.35 -31.40 -0.42
C THR D 380 -26.02 -29.95 -0.72
N ARG D 381 -24.74 -29.64 -0.97
CA ARG D 381 -24.35 -28.25 -1.19
C ARG D 381 -24.84 -27.74 -2.54
N LEU D 382 -24.85 -28.59 -3.56
CA LEU D 382 -25.39 -28.19 -4.85
C LEU D 382 -26.92 -28.05 -4.80
N GLU D 383 -27.58 -28.93 -4.04
CA GLU D 383 -29.01 -28.75 -3.80
C GLU D 383 -29.26 -27.44 -3.07
N ARG D 384 -28.38 -27.08 -2.14
CA ARG D 384 -28.55 -25.83 -1.42
C ARG D 384 -28.44 -24.64 -2.35
N ALA D 385 -27.59 -24.73 -3.37
CA ALA D 385 -27.46 -23.68 -4.37
C ALA D 385 -28.57 -23.70 -5.40
N GLY D 386 -29.47 -24.67 -5.37
CA GLY D 386 -30.57 -24.73 -6.31
C GLY D 386 -30.27 -25.39 -7.62
N LEU D 387 -29.24 -26.23 -7.69
CA LEU D 387 -28.87 -26.91 -8.91
C LEU D 387 -29.22 -28.39 -8.91
N VAL D 388 -29.81 -28.90 -7.82
CA VAL D 388 -30.21 -30.29 -7.72
C VAL D 388 -31.60 -30.33 -7.08
N SER D 389 -32.51 -31.09 -7.67
CA SER D 389 -33.85 -31.27 -7.14
C SER D 389 -34.04 -32.74 -6.78
N ALA D 390 -34.52 -33.01 -5.58
CA ALA D 390 -34.72 -34.39 -5.14
C ALA D 390 -36.19 -34.75 -5.24
N GLN D 391 -36.47 -35.95 -5.75
CA GLN D 391 -37.83 -36.44 -5.95
C GLN D 391 -38.27 -37.51 -4.96
N SER D 392 -37.37 -38.06 -4.16
CA SER D 392 -37.77 -39.05 -3.17
C SER D 392 -37.13 -38.69 -1.84
N PRO D 393 -37.77 -39.04 -0.73
CA PRO D 393 -37.19 -38.73 0.59
C PRO D 393 -35.85 -39.45 0.78
N GLY D 394 -34.89 -38.72 1.37
CA GLY D 394 -33.58 -39.28 1.64
C GLY D 394 -32.67 -39.44 0.44
N ALA D 395 -33.14 -39.08 -0.75
CA ALA D 395 -32.34 -39.26 -1.97
C ALA D 395 -31.03 -38.46 -1.94
N ILE D 396 -31.06 -37.23 -1.43
CA ILE D 396 -29.84 -36.42 -1.39
C ILE D 396 -28.78 -37.05 -0.49
N ARG D 397 -29.17 -37.44 0.72
CA ARG D 397 -28.19 -38.07 1.61
C ARG D 397 -27.76 -39.43 1.08
N ALA D 398 -28.68 -40.19 0.49
CA ALA D 398 -28.33 -41.48 -0.08
C ALA D 398 -27.33 -41.33 -1.22
N ALA D 399 -27.52 -40.30 -2.06
CA ALA D 399 -26.60 -40.07 -3.16
C ALA D 399 -25.21 -39.69 -2.65
N ASP D 400 -25.16 -38.82 -1.63
CA ASP D 400 -23.88 -38.45 -1.05
C ASP D 400 -23.17 -39.64 -0.42
N ALA D 401 -23.93 -40.60 0.13
CA ALA D 401 -23.32 -41.79 0.68
C ALA D 401 -22.59 -42.59 -0.39
N LEU D 402 -23.16 -42.64 -1.60
CA LEU D 402 -22.52 -43.36 -2.69
C LEU D 402 -21.31 -42.59 -3.23
N PHE D 403 -21.49 -41.30 -3.50
CA PHE D 403 -20.49 -40.52 -4.21
C PHE D 403 -19.36 -39.99 -3.34
N SER D 404 -19.45 -40.12 -2.02
CA SER D 404 -18.46 -39.51 -1.14
C SER D 404 -17.06 -40.07 -1.39
N THR D 405 -16.05 -39.19 -1.28
CA THR D 405 -14.65 -39.58 -1.41
C THR D 405 -13.87 -38.97 -0.26
N GLY D 406 -12.68 -39.54 -0.01
CA GLY D 406 -11.85 -39.11 1.11
C GLY D 406 -10.95 -37.92 0.82
N THR D 407 -10.61 -37.70 -0.46
CA THR D 407 -9.71 -36.61 -0.86
C THR D 407 -10.41 -35.72 -1.86
N GLN D 408 -10.14 -34.42 -1.77
CA GLN D 408 -10.64 -33.49 -2.78
C GLN D 408 -9.86 -33.69 -4.08
N PRO D 409 -10.54 -33.69 -5.22
CA PRO D 409 -9.83 -33.85 -6.49
C PRO D 409 -8.99 -32.62 -6.79
N PHE D 410 -7.95 -32.82 -7.59
CA PHE D 410 -6.99 -31.76 -7.86
C PHE D 410 -6.18 -32.16 -9.07
N ALA D 411 -6.07 -31.24 -10.03
CA ALA D 411 -5.29 -31.45 -11.25
C ALA D 411 -4.06 -30.54 -11.16
N GLY D 412 -2.94 -31.09 -10.73
CA GLY D 412 -1.75 -30.27 -10.59
C GLY D 412 -1.20 -29.70 -11.88
N THR D 413 -1.98 -29.74 -12.97
CA THR D 413 -1.51 -29.39 -14.30
C THR D 413 -2.51 -28.48 -14.99
N ASN D 414 -1.98 -27.48 -15.70
CA ASN D 414 -2.78 -26.55 -16.47
C ASN D 414 -2.39 -26.66 -17.94
N PHE D 415 -3.33 -26.34 -18.81
CA PHE D 415 -3.10 -26.42 -20.24
C PHE D 415 -4.06 -25.50 -20.97
N VAL E 23 33.41 34.98 -22.30
CA VAL E 23 33.65 33.70 -21.62
C VAL E 23 32.73 32.62 -22.18
N THR E 24 31.42 32.86 -22.12
CA THR E 24 30.42 31.95 -22.66
C THR E 24 29.98 32.42 -24.04
N ASP E 25 30.07 31.51 -25.02
CA ASP E 25 29.73 31.81 -26.41
C ASP E 25 28.53 30.95 -26.80
N ILE E 26 27.53 31.58 -27.44
CA ILE E 26 26.32 30.90 -27.89
C ILE E 26 26.31 30.95 -29.42
N ARG E 27 26.51 29.81 -30.05
CA ARG E 27 26.49 29.74 -31.50
C ARG E 27 25.79 28.45 -31.94
N PHE E 28 25.42 28.41 -33.21
CA PHE E 28 24.80 27.22 -33.76
C PHE E 28 25.83 26.12 -33.94
N LEU E 29 25.40 24.89 -33.66
CA LEU E 29 26.25 23.74 -33.88
C LEU E 29 26.44 23.52 -35.37
N GLN E 30 27.61 23.02 -35.74
CA GLN E 30 27.95 22.99 -37.15
C GLN E 30 28.62 21.72 -37.65
N SER E 31 29.08 20.82 -36.78
CA SER E 31 29.75 19.59 -37.19
C SER E 31 29.05 18.37 -36.59
N ARG E 32 29.29 17.20 -37.18
CA ARG E 32 28.75 15.99 -36.59
C ARG E 32 29.35 15.74 -35.21
N ALA E 33 30.61 16.12 -35.01
CA ALA E 33 31.21 15.98 -33.69
C ALA E 33 30.49 16.85 -32.66
N GLU E 34 30.15 18.08 -33.04
CA GLU E 34 29.41 18.95 -32.14
C GLU E 34 27.99 18.45 -31.92
N HIS E 35 27.36 17.91 -32.96
CA HIS E 35 26.02 17.37 -32.80
C HIS E 35 26.02 16.17 -31.84
N GLU E 36 27.01 15.27 -31.97
CA GLU E 36 27.06 14.11 -31.09
C GLU E 36 27.32 14.52 -29.64
N ARG E 37 28.15 15.54 -29.44
CA ARG E 37 28.48 15.96 -28.08
C ARG E 37 27.26 16.59 -27.41
N ALA E 38 26.46 17.35 -28.18
CA ALA E 38 25.24 17.94 -27.65
C ALA E 38 24.25 16.89 -27.19
N PHE E 39 24.21 15.74 -27.87
CA PHE E 39 23.36 14.65 -27.39
C PHE E 39 23.86 14.11 -26.07
N THR E 40 25.18 13.97 -25.92
CA THR E 40 25.72 13.53 -24.65
C THR E 40 25.47 14.56 -23.56
N VAL E 41 25.56 15.85 -23.91
CA VAL E 41 25.29 16.89 -22.91
C VAL E 41 23.82 16.94 -22.54
N PHE E 42 22.93 16.82 -23.52
CA PHE E 42 21.51 16.86 -23.20
C PHE E 42 21.11 15.66 -22.36
N TRP E 43 21.60 14.47 -22.71
CA TRP E 43 21.28 13.27 -21.94
C TRP E 43 21.79 13.39 -20.52
N ARG E 44 22.97 14.02 -20.34
CA ARG E 44 23.55 14.16 -19.01
C ARG E 44 22.70 15.10 -18.15
N ALA E 45 22.21 16.19 -18.74
CA ALA E 45 21.40 17.14 -17.97
C ALA E 45 20.07 16.52 -17.55
N MET E 46 19.46 15.69 -18.42
CA MET E 46 18.22 15.02 -18.07
C MET E 46 18.41 13.94 -17.02
N VAL E 47 19.65 13.49 -16.80
CA VAL E 47 19.97 12.49 -15.78
C VAL E 47 19.35 11.14 -16.09
N GLY E 48 18.02 11.05 -16.06
CA GLY E 48 17.37 9.75 -16.08
C GLY E 48 16.57 9.40 -17.31
N LEU E 49 17.00 9.88 -18.47
CA LEU E 49 16.33 9.47 -19.69
C LEU E 49 16.85 8.09 -20.11
N PRO E 50 15.98 7.20 -20.60
CA PRO E 50 16.41 5.87 -21.04
C PRO E 50 17.37 5.92 -22.23
N ALA E 56 21.65 4.15 -32.92
CA ALA E 56 20.92 5.40 -33.11
C ALA E 56 21.84 6.59 -32.86
N ALA E 57 22.10 7.38 -33.90
CA ALA E 57 23.04 8.50 -33.78
C ALA E 57 22.73 9.53 -34.86
N ASP E 58 22.13 10.66 -34.45
CA ASP E 58 22.00 11.87 -35.25
C ASP E 58 21.17 11.70 -36.52
N GLU E 59 20.52 10.56 -36.69
CA GLU E 59 19.38 10.45 -37.60
C GLU E 59 18.09 10.93 -36.94
N LEU E 60 18.19 11.43 -35.70
CA LEU E 60 17.08 11.96 -34.94
C LEU E 60 17.04 13.48 -34.93
N LEU E 61 17.95 14.14 -35.67
CA LEU E 61 18.07 15.59 -35.62
C LEU E 61 17.78 16.21 -36.98
N GLU E 62 17.42 17.48 -36.94
CA GLU E 62 17.26 18.31 -38.12
C GLU E 62 18.41 19.29 -38.18
N LEU E 63 19.18 19.21 -39.26
CA LEU E 63 20.41 19.98 -39.38
C LEU E 63 20.11 21.46 -39.54
N GLY E 64 20.78 22.27 -38.72
CA GLY E 64 20.75 23.71 -38.86
C GLY E 64 19.94 24.47 -37.85
N ARG E 65 19.58 23.85 -36.72
CA ARG E 65 18.73 24.51 -35.73
C ARG E 65 19.20 24.28 -34.30
N TYR E 66 20.39 23.72 -34.09
CA TYR E 66 20.85 23.35 -32.75
C TYR E 66 21.82 24.40 -32.26
N LEU E 67 21.46 25.05 -31.16
CA LEU E 67 22.30 26.06 -30.52
C LEU E 67 23.16 25.42 -29.45
N GLY E 68 24.37 25.93 -29.31
CA GLY E 68 25.31 25.41 -28.33
C GLY E 68 25.87 26.50 -27.44
N ALA E 69 26.17 26.11 -26.19
CA ALA E 69 26.76 26.99 -25.20
C ALA E 69 28.17 26.51 -24.90
N PHE E 70 29.16 27.34 -25.22
CA PHE E 70 30.58 27.01 -25.07
C PHE E 70 31.19 27.93 -24.03
N VAL E 71 31.83 27.33 -23.02
CA VAL E 71 32.65 28.05 -22.05
C VAL E 71 34.08 27.53 -22.15
N GLN E 72 35.02 28.43 -22.38
CA GLN E 72 36.43 28.08 -22.55
C GLN E 72 36.65 27.01 -23.63
N GLY E 73 35.75 26.94 -24.60
CA GLY E 73 35.92 25.99 -25.69
C GLY E 73 35.02 24.78 -25.68
N GLU E 74 34.75 24.20 -24.52
CA GLU E 74 33.96 22.97 -24.48
C GLU E 74 32.46 23.28 -24.50
N LEU E 75 31.72 22.38 -25.15
CA LEU E 75 30.28 22.51 -25.26
C LEU E 75 29.65 21.98 -23.99
N ILE E 76 28.86 22.82 -23.31
CA ILE E 76 28.31 22.47 -22.01
C ILE E 76 26.79 22.62 -21.94
N GLY E 77 26.13 22.98 -23.02
CA GLY E 77 24.68 23.11 -23.01
C GLY E 77 24.19 23.39 -24.40
N GLY E 78 22.87 23.31 -24.56
CA GLY E 78 22.31 23.53 -25.87
C GLY E 78 20.80 23.58 -25.86
N ALA E 79 20.25 23.94 -27.02
CA ALA E 79 18.82 24.01 -27.24
C ALA E 79 18.58 23.80 -28.73
N ASP E 80 17.64 22.93 -29.05
CA ASP E 80 17.36 22.54 -30.43
C ASP E 80 15.88 22.76 -30.72
N SER E 81 15.52 22.64 -31.99
CA SER E 81 14.13 22.77 -32.41
C SER E 81 13.97 22.06 -33.74
N TYR E 82 12.71 21.81 -34.10
CA TYR E 82 12.37 21.17 -35.36
C TYR E 82 11.39 22.05 -36.13
N THR E 83 11.49 22.00 -37.45
CA THR E 83 10.51 22.66 -38.29
C THR E 83 9.20 21.90 -38.18
N SER E 84 8.15 22.58 -37.72
CA SER E 84 6.88 21.92 -37.43
C SER E 84 5.75 22.87 -37.79
N TRP E 85 4.52 22.41 -37.58
CA TRP E 85 3.34 23.24 -37.66
C TRP E 85 2.48 23.03 -36.42
N LEU E 86 1.54 23.94 -36.19
CA LEU E 86 0.66 23.85 -35.04
C LEU E 86 -0.74 24.26 -35.49
N THR E 87 -1.74 23.45 -35.15
CA THR E 87 -3.12 23.74 -35.53
C THR E 87 -3.74 24.70 -34.52
N VAL E 88 -4.10 25.89 -34.99
CA VAL E 88 -4.68 26.93 -34.13
C VAL E 88 -6.20 26.91 -34.31
N PRO E 89 -6.97 27.52 -33.41
CA PRO E 89 -8.43 27.49 -33.54
C PRO E 89 -8.90 27.96 -34.90
N GLY E 90 -9.79 27.17 -35.51
CA GLY E 90 -10.23 27.38 -36.86
C GLY E 90 -9.62 26.43 -37.87
N GLY E 91 -8.62 25.66 -37.47
CA GLY E 91 -8.01 24.66 -38.32
C GLY E 91 -6.74 25.09 -39.03
N SER E 92 -6.42 26.38 -39.00
CA SER E 92 -5.23 26.86 -39.69
C SER E 92 -3.98 26.22 -39.10
N ARG E 93 -3.02 25.93 -39.95
CA ARG E 93 -1.80 25.22 -39.57
C ARG E 93 -0.66 26.22 -39.66
N VAL E 94 -0.20 26.71 -38.50
CA VAL E 94 0.75 27.82 -38.46
C VAL E 94 2.18 27.32 -38.37
N PRO E 95 3.16 28.10 -38.85
CA PRO E 95 4.57 27.70 -38.69
C PRO E 95 4.95 27.66 -37.22
N HIS E 96 5.47 26.51 -36.79
CA HIS E 96 5.73 26.22 -35.39
C HIS E 96 7.13 25.66 -35.24
N ALA E 97 7.83 26.11 -34.20
CA ALA E 97 9.16 25.62 -33.87
C ALA E 97 9.03 24.72 -32.66
N ALA E 98 9.20 23.41 -32.86
CA ALA E 98 9.09 22.44 -31.78
C ALA E 98 10.41 22.42 -31.03
N VAL E 99 10.49 23.19 -29.93
CA VAL E 99 11.72 23.31 -29.15
C VAL E 99 11.89 22.10 -28.25
N THR E 100 13.12 21.60 -28.17
CA THR E 100 13.47 20.44 -27.35
C THR E 100 14.98 20.40 -27.16
N HIS E 101 15.47 19.34 -26.51
CA HIS E 101 16.89 19.09 -26.30
C HIS E 101 17.56 20.17 -25.43
N ILE E 102 16.77 20.93 -24.68
CA ILE E 102 17.30 22.00 -23.83
C ILE E 102 17.94 21.39 -22.58
N GLY E 103 19.15 21.83 -22.27
CA GLY E 103 19.85 21.35 -21.09
C GLY E 103 21.22 21.96 -20.90
N VAL E 104 21.63 22.12 -19.65
CA VAL E 104 22.96 22.63 -19.29
C VAL E 104 23.58 21.68 -18.28
N LEU E 105 24.88 21.43 -18.43
CA LEU E 105 25.56 20.55 -17.49
C LEU E 105 25.52 21.15 -16.09
N PRO E 106 25.41 20.33 -15.05
CA PRO E 106 25.35 20.88 -13.68
C PRO E 106 26.59 21.65 -13.27
N THR E 107 27.72 21.50 -13.97
CA THR E 107 28.90 22.28 -13.66
C THR E 107 28.84 23.71 -14.19
N HIS E 108 27.76 24.08 -14.90
CA HIS E 108 27.65 25.41 -15.50
C HIS E 108 26.24 25.99 -15.37
N THR E 109 25.51 25.58 -14.34
CA THR E 109 24.16 26.07 -14.12
C THR E 109 24.16 27.35 -13.30
N ARG E 110 23.02 28.04 -13.34
CA ARG E 110 22.79 29.28 -12.58
C ARG E 110 23.78 30.37 -12.99
N ARG E 111 24.10 30.42 -14.28
CA ARG E 111 25.00 31.44 -14.81
C ARG E 111 24.41 32.21 -15.98
N GLY E 112 23.12 32.10 -16.23
CA GLY E 112 22.50 32.81 -17.32
C GLY E 112 22.64 32.15 -18.67
N ILE E 113 23.08 30.89 -18.71
CA ILE E 113 23.36 30.23 -19.97
C ILE E 113 22.06 29.85 -20.68
N LEU E 114 21.09 29.29 -19.95
CA LEU E 114 19.79 28.98 -20.55
C LEU E 114 19.12 30.24 -21.05
N THR E 115 19.19 31.32 -20.28
CA THR E 115 18.65 32.59 -20.73
C THR E 115 19.32 33.04 -22.03
N ALA E 116 20.63 32.86 -22.13
CA ALA E 116 21.32 33.19 -23.36
C ALA E 116 20.86 32.28 -24.51
N LEU E 117 20.63 31.00 -24.22
CA LEU E 117 20.16 30.09 -25.25
C LEU E 117 18.75 30.45 -25.70
N VAL E 118 17.83 30.67 -24.75
CA VAL E 118 16.43 30.92 -25.10
C VAL E 118 16.28 32.24 -25.85
N THR E 119 16.98 33.28 -25.41
CA THR E 119 16.90 34.56 -26.11
C THR E 119 17.38 34.44 -27.54
N ARG E 120 18.52 33.79 -27.74
CA ARG E 120 19.03 33.59 -29.09
C ARG E 120 18.10 32.69 -29.90
N GLN E 121 17.54 31.66 -29.27
CA GLN E 121 16.70 30.72 -30.00
C GLN E 121 15.44 31.40 -30.52
N LEU E 122 14.76 32.16 -29.64
CA LEU E 122 13.52 32.82 -30.04
C LEU E 122 13.75 33.84 -31.15
N THR E 123 14.85 34.59 -31.07
CA THR E 123 15.18 35.53 -32.14
C THR E 123 15.42 34.80 -33.45
N ASP E 124 16.09 33.64 -33.40
CA ASP E 124 16.32 32.87 -34.61
C ASP E 124 15.01 32.27 -35.13
N ILE E 125 14.15 31.80 -34.23
CA ILE E 125 12.84 31.30 -34.63
C ILE E 125 12.04 32.39 -35.31
N ALA E 126 12.13 33.62 -34.82
CA ALA E 126 11.41 34.73 -35.44
C ALA E 126 11.91 34.98 -36.86
N GLY E 127 13.24 34.99 -37.05
CA GLY E 127 13.81 35.26 -38.36
C GLY E 127 13.49 34.20 -39.39
N ARG E 128 13.18 32.98 -38.97
CA ARG E 128 12.80 31.89 -39.85
C ARG E 128 11.36 32.00 -40.34
N GLY E 129 10.59 32.99 -39.89
CA GLY E 129 9.20 33.11 -40.27
C GLY E 129 8.23 32.28 -39.45
N GLU E 130 8.68 31.68 -38.36
CA GLU E 130 7.82 30.87 -37.51
C GLU E 130 7.12 31.74 -36.48
N ILE E 131 5.86 31.39 -36.19
CA ILE E 131 4.98 32.28 -35.45
C ILE E 131 4.83 31.84 -33.99
N VAL E 132 5.01 30.54 -33.73
CA VAL E 132 4.92 30.00 -32.38
C VAL E 132 6.06 29.01 -32.15
N ALA E 133 6.39 28.81 -30.88
CA ALA E 133 7.30 27.75 -30.46
C ALA E 133 6.68 27.08 -29.25
N SER E 134 6.83 25.76 -29.15
CA SER E 134 6.27 25.02 -28.03
C SER E 134 7.25 23.95 -27.56
N LEU E 135 7.07 23.52 -26.32
CA LEU E 135 7.92 22.51 -25.72
C LEU E 135 7.13 21.74 -24.67
N ARG E 136 7.76 20.70 -24.14
CA ARG E 136 7.25 19.95 -22.99
C ARG E 136 8.23 20.16 -21.86
N ALA E 137 7.78 20.79 -20.78
CA ALA E 137 8.69 21.20 -19.72
C ALA E 137 9.01 20.02 -18.81
N SER E 138 10.30 19.83 -18.53
CA SER E 138 10.69 18.83 -17.54
C SER E 138 10.37 19.30 -16.13
N GLU E 139 10.46 20.61 -15.89
CA GLU E 139 10.05 21.25 -14.64
C GLU E 139 9.18 22.45 -14.99
N ALA E 140 8.14 22.69 -14.19
CA ALA E 140 7.18 23.74 -14.49
C ALA E 140 7.62 25.13 -14.03
N VAL E 141 8.87 25.31 -13.62
CA VAL E 141 9.31 26.57 -13.03
C VAL E 141 10.38 27.24 -13.89
N ILE E 142 10.53 26.83 -15.14
CA ILE E 142 11.66 27.22 -15.96
C ILE E 142 11.28 28.29 -16.98
N TYR E 143 10.25 28.01 -17.79
CA TYR E 143 10.07 28.69 -19.06
C TYR E 143 9.09 29.84 -19.05
N ARG E 144 8.34 30.05 -17.97
CA ARG E 144 7.36 31.14 -17.99
C ARG E 144 8.04 32.50 -18.02
N ARG E 145 9.23 32.60 -17.42
CA ARG E 145 9.99 33.85 -17.45
C ARG E 145 10.42 34.24 -18.85
N PHE E 146 10.32 33.33 -19.82
CA PHE E 146 10.70 33.59 -21.20
C PHE E 146 9.50 33.78 -22.12
N GLY E 147 8.29 33.86 -21.58
CA GLY E 147 7.11 34.06 -22.39
C GLY E 147 6.34 32.80 -22.74
N TYR E 148 6.80 31.63 -22.29
CA TYR E 148 6.07 30.39 -22.52
C TYR E 148 4.93 30.28 -21.53
N GLY E 149 3.74 29.93 -22.02
CA GLY E 149 2.58 29.73 -21.17
C GLY E 149 1.98 28.35 -21.37
N ILE E 150 1.40 27.81 -20.31
CA ILE E 150 0.75 26.51 -20.40
C ILE E 150 -0.53 26.69 -21.22
N ALA E 151 -0.53 26.17 -22.45
CA ALA E 151 -1.63 26.39 -23.38
C ALA E 151 -2.57 25.21 -23.52
N THR E 152 -2.08 23.99 -23.32
CA THR E 152 -2.93 22.80 -23.35
C THR E 152 -2.56 21.92 -22.17
N SER E 153 -3.52 21.09 -21.76
CA SER E 153 -3.30 20.09 -20.72
C SER E 153 -3.81 18.75 -21.21
N SER E 154 -3.33 17.69 -20.57
CA SER E 154 -3.68 16.32 -20.91
C SER E 154 -4.25 15.60 -19.70
N ALA E 155 -5.04 14.57 -19.95
CA ALA E 155 -5.68 13.80 -18.90
C ALA E 155 -5.37 12.32 -19.08
N THR E 156 -5.55 11.57 -17.99
CA THR E 156 -5.39 10.12 -17.98
C THR E 156 -6.69 9.52 -17.46
N TYR E 157 -7.32 8.66 -18.25
CA TYR E 157 -8.59 8.06 -17.91
C TYR E 157 -8.42 6.58 -17.64
N ARG E 158 -9.11 6.08 -16.62
CA ARG E 158 -9.17 4.66 -16.34
C ARG E 158 -10.63 4.22 -16.46
N ILE E 159 -10.90 3.32 -17.39
CA ILE E 159 -12.24 2.85 -17.66
C ILE E 159 -12.37 1.44 -17.10
N GLN E 160 -13.38 1.24 -16.23
CA GLN E 160 -13.69 -0.10 -15.73
C GLN E 160 -14.62 -0.75 -16.75
N ARG E 161 -14.05 -1.61 -17.60
CA ARG E 161 -14.76 -2.06 -18.80
C ARG E 161 -16.08 -2.75 -18.47
N ARG E 162 -16.14 -3.49 -17.36
CA ARG E 162 -17.36 -4.19 -17.00
C ARG E 162 -18.53 -3.23 -16.80
N ARG E 163 -18.26 -2.02 -16.33
CA ARG E 163 -19.29 -1.01 -16.12
C ARG E 163 -19.54 -0.11 -17.33
N ALA E 164 -18.81 -0.29 -18.43
CA ALA E 164 -18.86 0.67 -19.53
C ALA E 164 -19.68 0.15 -20.72
N ALA E 165 -20.95 -0.11 -20.47
CA ALA E 165 -21.79 -0.42 -21.62
C ALA E 165 -22.21 0.87 -22.31
N PRO E 166 -22.22 0.90 -23.65
CA PRO E 166 -22.50 2.15 -24.35
C PRO E 166 -23.93 2.64 -24.13
N LEU E 167 -24.05 3.95 -23.93
CA LEU E 167 -25.37 4.56 -23.75
C LEU E 167 -26.17 4.50 -25.05
N ARG E 168 -25.54 4.82 -26.18
CA ARG E 168 -26.09 4.67 -27.52
C ARG E 168 -25.30 3.63 -28.29
N PRO E 169 -25.93 2.97 -29.27
CA PRO E 169 -25.22 1.93 -30.03
C PRO E 169 -24.01 2.48 -30.77
N ILE E 170 -22.93 1.70 -30.75
CA ILE E 170 -21.66 2.01 -31.38
C ILE E 170 -21.42 0.99 -32.47
N ASP E 171 -21.06 1.46 -33.66
CA ASP E 171 -20.96 0.60 -34.84
C ASP E 171 -19.76 -0.34 -34.84
N THR E 172 -18.55 0.20 -34.97
CA THR E 172 -17.31 -0.59 -35.03
C THR E 172 -17.28 -1.57 -36.22
N GLY E 173 -18.15 -1.39 -37.21
CA GLY E 173 -18.13 -2.28 -38.36
C GLY E 173 -16.91 -2.09 -39.23
N ALA E 174 -16.41 -0.86 -39.32
CA ALA E 174 -15.22 -0.51 -40.09
C ALA E 174 -13.92 -0.85 -39.37
N ILE E 175 -13.99 -1.43 -38.19
CA ILE E 175 -12.79 -1.75 -37.44
C ILE E 175 -12.05 -2.90 -38.11
N ALA E 176 -10.73 -2.75 -38.24
CA ALA E 176 -9.87 -3.75 -38.84
C ALA E 176 -8.65 -3.93 -37.94
N LEU E 177 -8.29 -5.18 -37.66
CA LEU E 177 -7.10 -5.46 -36.88
C LEU E 177 -5.86 -5.43 -37.77
N LEU E 178 -4.84 -4.70 -37.33
CA LEU E 178 -3.62 -4.50 -38.11
C LEU E 178 -2.40 -4.68 -37.21
N ASP E 179 -2.53 -5.51 -36.17
CA ASP E 179 -1.58 -5.58 -35.08
C ASP E 179 -0.12 -5.63 -35.55
N ALA E 180 0.31 -6.75 -36.10
CA ALA E 180 1.71 -6.87 -36.48
C ALA E 180 2.01 -6.31 -37.85
N ALA E 181 0.99 -6.18 -38.70
CA ALA E 181 1.16 -5.64 -40.05
C ALA E 181 1.18 -4.12 -40.10
N ALA E 182 1.08 -3.44 -38.96
CA ALA E 182 1.12 -1.99 -38.97
C ALA E 182 2.56 -1.54 -39.17
N SER E 183 2.73 -0.46 -39.91
CA SER E 183 4.06 0.09 -40.15
C SER E 183 4.12 1.55 -39.71
N PRO E 184 5.30 2.04 -39.34
CA PRO E 184 5.42 3.47 -39.04
C PRO E 184 5.01 4.36 -40.20
N GLU E 185 5.21 3.90 -41.45
CA GLU E 185 4.82 4.71 -42.60
C GLU E 185 3.30 4.77 -42.75
N GLY E 186 2.60 3.69 -42.41
CA GLY E 186 1.15 3.69 -42.52
C GLY E 186 0.49 4.53 -41.46
N LEU E 187 0.98 4.45 -40.21
CA LEU E 187 0.40 5.28 -39.15
C LEU E 187 0.74 6.75 -39.35
N ALA E 188 1.91 7.05 -39.91
CA ALA E 188 2.24 8.44 -40.22
C ALA E 188 1.31 9.02 -41.28
N ALA E 189 0.88 8.19 -42.24
CA ALA E 189 -0.06 8.67 -43.25
C ALA E 189 -1.43 8.98 -42.65
N ILE E 190 -1.88 8.17 -41.69
CA ILE E 190 -3.16 8.43 -41.04
C ILE E 190 -3.07 9.67 -40.15
N TYR E 191 -1.96 9.82 -39.41
CA TYR E 191 -1.86 10.97 -38.52
C TYR E 191 -1.77 12.29 -39.29
N GLU E 192 -1.18 12.27 -40.48
CA GLU E 192 -0.89 13.53 -41.19
C GLU E 192 -2.13 14.39 -41.38
N ARG E 193 -3.32 13.80 -41.52
CA ARG E 193 -4.50 14.62 -41.69
C ARG E 193 -5.12 15.09 -40.39
N ALA E 194 -4.33 15.16 -39.31
CA ALA E 194 -4.84 15.59 -38.02
C ALA E 194 -5.31 17.03 -38.09
N ALA E 195 -6.52 17.28 -37.59
CA ALA E 195 -7.14 18.60 -37.66
C ALA E 195 -7.58 19.16 -36.32
N TRP E 196 -7.34 18.46 -35.22
CA TRP E 196 -7.77 18.96 -33.92
C TRP E 196 -6.84 20.07 -33.44
N THR E 197 -7.42 21.04 -32.73
CA THR E 197 -6.64 22.18 -32.26
C THR E 197 -5.62 21.76 -31.21
N GLY E 198 -4.37 22.22 -31.40
CA GLY E 198 -3.27 21.83 -30.56
C GLY E 198 -2.40 20.75 -31.17
N SER E 199 -2.89 20.07 -32.20
CA SER E 199 -2.11 19.02 -32.83
C SER E 199 -0.85 19.62 -33.44
N VAL E 200 0.21 18.83 -33.41
CA VAL E 200 1.51 19.27 -33.88
C VAL E 200 2.01 18.28 -34.92
N ALA E 201 2.92 18.75 -35.77
CA ALA E 201 3.49 17.89 -36.80
C ALA E 201 4.30 16.76 -36.17
N ARG E 202 4.25 15.59 -36.80
CA ARG E 202 5.11 14.46 -36.46
C ARG E 202 6.08 14.21 -37.61
N PRO E 203 7.25 14.83 -37.60
CA PRO E 203 8.20 14.68 -38.71
C PRO E 203 8.71 13.25 -38.79
N PRO E 204 9.42 12.90 -39.87
CA PRO E 204 10.03 11.56 -39.91
C PRO E 204 10.94 11.26 -38.73
N GLN E 205 11.65 12.26 -38.22
CA GLN E 205 12.52 12.03 -37.06
C GLN E 205 11.73 11.61 -35.83
N TRP E 206 10.50 12.10 -35.67
CA TRP E 206 9.69 11.70 -34.53
C TRP E 206 9.31 10.22 -34.62
N TRP E 207 8.97 9.75 -35.82
CA TRP E 207 8.59 8.34 -35.97
C TRP E 207 9.80 7.43 -35.82
N ARG E 208 10.98 7.89 -36.25
CA ARG E 208 12.19 7.10 -36.04
C ARG E 208 12.47 6.94 -34.54
N LEU E 209 12.23 7.99 -33.75
CA LEU E 209 12.45 7.90 -32.31
C LEU E 209 11.50 6.91 -31.67
N HIS E 210 10.25 6.88 -32.12
CA HIS E 210 9.29 5.92 -31.58
C HIS E 210 9.48 4.52 -32.16
N GLU E 211 10.16 4.38 -33.29
CA GLU E 211 10.61 3.06 -33.71
C GLU E 211 11.56 2.46 -32.68
N LEU E 212 12.42 3.30 -32.09
CA LEU E 212 13.36 2.82 -31.08
C LEU E 212 12.65 2.50 -29.77
N PHE E 213 11.69 3.34 -29.36
CA PHE E 213 10.93 3.06 -28.15
C PHE E 213 10.17 1.74 -28.29
N ASP E 214 9.60 1.50 -29.48
CA ASP E 214 8.86 0.26 -29.70
C ASP E 214 9.78 -0.95 -29.64
N ALA E 215 11.02 -0.80 -30.10
CA ALA E 215 11.98 -1.90 -30.04
C ALA E 215 12.45 -2.15 -28.60
N ALA E 216 12.50 -1.11 -27.78
CA ALA E 216 12.98 -1.27 -26.40
C ALA E 216 11.97 -2.00 -25.54
N ASP E 217 10.67 -1.86 -25.82
CA ASP E 217 9.64 -2.54 -25.05
C ASP E 217 9.42 -3.94 -25.62
N PRO E 218 9.60 -5.00 -24.83
CA PRO E 218 9.38 -6.35 -25.38
C PRO E 218 7.93 -6.61 -25.76
N VAL E 219 6.98 -5.95 -25.10
CA VAL E 219 5.56 -6.13 -25.43
C VAL E 219 5.24 -5.29 -26.66
N LYS E 220 4.90 -5.95 -27.75
CA LYS E 220 4.59 -5.17 -28.93
C LYS E 220 3.14 -4.71 -28.89
N PRO E 221 2.84 -3.53 -29.44
CA PRO E 221 1.48 -2.98 -29.31
C PRO E 221 0.54 -3.49 -30.39
N TYR E 222 -0.73 -3.63 -29.99
CA TYR E 222 -1.79 -3.89 -30.94
C TYR E 222 -2.16 -2.59 -31.64
N VAL E 223 -2.48 -2.69 -32.93
CA VAL E 223 -2.87 -1.54 -33.74
C VAL E 223 -4.20 -1.88 -34.40
N VAL E 224 -5.25 -1.16 -34.02
CA VAL E 224 -6.57 -1.32 -34.61
C VAL E 224 -6.88 -0.04 -35.36
N THR E 225 -7.36 -0.17 -36.60
CA THR E 225 -7.52 0.96 -37.49
C THR E 225 -8.99 1.16 -37.83
N HIS E 226 -9.29 2.37 -38.26
CA HIS E 226 -10.59 2.76 -38.81
C HIS E 226 -10.29 3.57 -40.06
N PRO E 227 -11.23 3.64 -41.01
CA PRO E 227 -11.00 4.47 -42.20
C PRO E 227 -10.56 5.89 -41.87
N ASP E 228 -10.86 6.37 -40.66
CA ASP E 228 -10.51 7.72 -40.26
C ASP E 228 -9.73 7.77 -38.95
N GLY E 229 -8.95 6.74 -38.66
CA GLY E 229 -8.14 6.79 -37.45
C GLY E 229 -7.59 5.42 -37.09
N TYR E 230 -6.90 5.40 -35.95
CA TYR E 230 -6.33 4.18 -35.40
C TYR E 230 -6.22 4.29 -33.89
N VAL E 231 -5.86 3.17 -33.26
CA VAL E 231 -5.65 3.13 -31.83
C VAL E 231 -4.59 2.08 -31.52
N ARG E 232 -3.61 2.46 -30.71
CA ARG E 232 -2.54 1.57 -30.26
C ARG E 232 -2.76 1.24 -28.80
N TYR E 233 -2.66 -0.04 -28.45
CA TYR E 233 -2.79 -0.44 -27.05
C TYR E 233 -1.89 -1.63 -26.76
N ARG E 234 -1.44 -1.72 -25.50
CA ARG E 234 -0.50 -2.71 -25.04
C ARG E 234 -1.00 -3.33 -23.75
N PRO E 235 -0.85 -4.64 -23.58
CA PRO E 235 -1.23 -5.26 -22.30
C PRO E 235 -0.23 -4.95 -21.21
N GLN E 236 -0.74 -4.82 -19.98
CA GLN E 236 0.14 -4.60 -18.84
C GLN E 236 0.51 -5.97 -18.26
N ASP E 237 1.06 -5.98 -17.05
CA ASP E 237 1.69 -7.14 -16.40
C ASP E 237 1.32 -8.50 -16.99
N THR E 238 1.88 -8.81 -18.17
CA THR E 238 1.47 -10.02 -18.91
C THR E 238 1.88 -11.31 -18.20
N ALA E 239 2.95 -11.28 -17.41
CA ALA E 239 3.35 -12.50 -16.71
C ALA E 239 2.29 -12.95 -15.71
N GLU E 240 1.45 -12.04 -15.24
CA GLU E 240 0.39 -12.33 -14.28
C GLU E 240 -0.97 -11.97 -14.85
N TRP E 241 -1.20 -12.32 -16.12
CA TRP E 241 -2.45 -11.95 -16.79
C TRP E 241 -3.62 -12.73 -16.21
N PHE E 242 -3.46 -14.05 -16.06
CA PHE E 242 -4.52 -14.92 -15.55
C PHE E 242 -4.73 -14.83 -14.04
N SER E 243 -4.11 -13.86 -13.38
CA SER E 243 -4.28 -13.67 -11.95
C SER E 243 -5.65 -13.08 -11.66
N SER E 244 -6.05 -13.14 -10.38
CA SER E 244 -7.34 -12.67 -9.89
C SER E 244 -7.36 -11.16 -9.71
N SER E 245 -6.66 -10.43 -10.57
CA SER E 245 -6.56 -8.99 -10.54
C SER E 245 -7.20 -8.41 -11.80
N ALA E 246 -6.97 -7.13 -12.01
CA ALA E 246 -7.54 -6.37 -13.12
C ALA E 246 -6.62 -6.47 -14.33
N ARG E 247 -6.96 -7.34 -15.28
CA ARG E 247 -6.23 -7.36 -16.54
C ARG E 247 -6.43 -6.01 -17.22
N THR E 248 -5.36 -5.24 -17.35
CA THR E 248 -5.44 -3.87 -17.84
C THR E 248 -4.64 -3.74 -19.14
N ILE E 249 -5.15 -2.93 -20.06
CA ILE E 249 -4.43 -2.51 -21.25
C ILE E 249 -4.13 -1.01 -21.15
N SER E 250 -3.13 -0.57 -21.91
CA SER E 250 -2.71 0.82 -21.92
C SER E 250 -2.71 1.32 -23.36
N VAL E 251 -3.48 2.38 -23.62
CA VAL E 251 -3.56 3.01 -24.93
C VAL E 251 -2.60 4.20 -24.96
N ASP E 252 -1.56 4.13 -25.80
CA ASP E 252 -0.60 5.23 -25.89
C ASP E 252 -0.91 6.25 -26.98
N ASP E 253 -1.76 5.90 -27.95
CA ASP E 253 -2.11 6.83 -29.02
C ASP E 253 -3.52 6.52 -29.51
N LEU E 254 -4.37 7.53 -29.55
CA LEU E 254 -5.71 7.42 -30.11
C LEU E 254 -5.90 8.57 -31.09
N VAL E 255 -5.88 8.25 -32.38
CA VAL E 255 -6.06 9.23 -33.45
C VAL E 255 -7.42 9.00 -34.08
N ALA E 256 -8.27 10.02 -34.06
CA ALA E 256 -9.61 9.93 -34.63
C ALA E 256 -9.94 11.23 -35.33
N HIS E 257 -10.11 11.18 -36.65
CA HIS E 257 -10.41 12.36 -37.44
C HIS E 257 -11.89 12.57 -37.67
N SER E 258 -12.75 11.75 -37.09
CA SER E 258 -14.19 11.88 -37.28
C SER E 258 -14.89 11.33 -36.05
N ASP E 259 -16.10 11.83 -35.81
CA ASP E 259 -16.89 11.34 -34.68
C ASP E 259 -17.14 9.84 -34.82
N GLU E 260 -17.39 9.36 -36.04
CA GLU E 260 -17.62 7.94 -36.25
C GLU E 260 -16.36 7.14 -35.91
N ALA E 261 -15.20 7.65 -36.31
CA ALA E 261 -13.95 6.96 -35.97
C ALA E 261 -13.68 6.99 -34.47
N TYR E 262 -13.95 8.13 -33.82
CA TYR E 262 -13.73 8.21 -32.37
C TYR E 262 -14.60 7.18 -31.65
N ARG E 263 -15.90 7.15 -31.97
CA ARG E 263 -16.78 6.22 -31.30
C ARG E 263 -16.43 4.77 -31.66
N ALA E 264 -16.11 4.52 -32.92
CA ALA E 264 -15.78 3.16 -33.35
C ALA E 264 -14.50 2.67 -32.67
N LEU E 265 -13.48 3.53 -32.61
CA LEU E 265 -12.24 3.10 -31.99
C LEU E 265 -12.43 2.88 -30.49
N VAL E 266 -13.07 3.83 -29.81
CA VAL E 266 -13.35 3.66 -28.38
C VAL E 266 -14.28 2.46 -28.16
N GLY E 267 -15.27 2.31 -29.04
CA GLY E 267 -16.15 1.15 -28.92
C GLY E 267 -15.40 -0.16 -29.02
N HIS E 268 -14.33 -0.20 -29.82
CA HIS E 268 -13.51 -1.41 -29.90
C HIS E 268 -12.92 -1.76 -28.54
N LEU E 269 -12.40 -0.77 -27.81
CA LEU E 269 -11.85 -1.06 -26.48
C LEU E 269 -12.92 -1.53 -25.51
N LEU E 270 -14.10 -0.89 -25.53
CA LEU E 270 -15.15 -1.26 -24.59
C LEU E 270 -15.66 -2.67 -24.82
N ASP E 271 -15.42 -3.24 -26.01
CA ASP E 271 -15.91 -4.57 -26.36
C ASP E 271 -14.78 -5.59 -26.38
N LEU E 272 -13.57 -5.22 -25.97
CA LEU E 272 -12.45 -6.14 -25.99
C LEU E 272 -12.56 -7.13 -24.83
N ASP E 273 -12.66 -8.40 -25.16
CA ASP E 273 -12.87 -9.39 -24.11
C ASP E 273 -11.59 -9.58 -23.30
N LEU E 274 -11.77 -10.08 -22.08
CA LEU E 274 -10.70 -10.32 -21.12
C LEU E 274 -10.08 -9.06 -20.52
N VAL E 275 -10.44 -7.89 -21.04
CA VAL E 275 -9.88 -6.64 -20.53
C VAL E 275 -10.77 -6.13 -19.40
N ASP E 276 -10.15 -5.83 -18.25
CA ASP E 276 -10.87 -5.34 -17.09
C ASP E 276 -10.80 -3.83 -16.97
N VAL E 277 -9.63 -3.25 -17.21
CA VAL E 277 -9.39 -1.82 -17.07
C VAL E 277 -8.74 -1.34 -18.36
N ILE E 278 -9.22 -0.21 -18.87
CA ILE E 278 -8.66 0.44 -20.05
C ILE E 278 -8.08 1.77 -19.60
N GLU E 279 -6.80 2.01 -19.87
CA GLU E 279 -6.14 3.26 -19.51
C GLU E 279 -5.85 4.04 -20.79
N LEU E 280 -6.42 5.23 -20.87
CA LEU E 280 -6.16 6.15 -21.98
C LEU E 280 -5.32 7.31 -21.45
N GLY E 281 -4.23 7.61 -22.13
CA GLY E 281 -3.39 8.72 -21.75
C GLY E 281 -2.18 8.83 -22.65
N PRO E 282 -1.81 10.07 -23.02
CA PRO E 282 -2.54 11.30 -22.71
C PRO E 282 -3.73 11.52 -23.62
N ARG E 283 -4.80 12.09 -23.08
CA ARG E 283 -6.03 12.39 -23.82
C ARG E 283 -6.48 13.81 -23.49
N PRO E 284 -7.36 14.39 -24.31
CA PRO E 284 -7.87 15.73 -24.01
C PRO E 284 -8.58 15.76 -22.66
N ILE E 285 -8.48 16.91 -21.98
CA ILE E 285 -9.14 17.04 -20.68
C ILE E 285 -10.65 17.04 -20.80
N ASP E 286 -11.19 17.27 -22.01
CA ASP E 286 -12.63 17.24 -22.26
C ASP E 286 -13.02 16.07 -23.17
N ASP E 287 -12.28 14.98 -23.12
CA ASP E 287 -12.61 13.81 -23.92
C ASP E 287 -13.99 13.32 -23.52
N PRO E 288 -14.94 13.19 -24.45
CA PRO E 288 -16.31 12.85 -24.07
C PRO E 288 -16.49 11.39 -23.69
N LEU E 289 -15.47 10.78 -23.11
CA LEU E 289 -15.61 9.41 -22.63
C LEU E 289 -16.77 9.23 -21.66
N PRO E 290 -16.94 10.07 -20.62
CA PRO E 290 -18.07 9.88 -19.71
C PRO E 290 -19.44 9.93 -20.37
N HIS E 291 -19.56 10.58 -21.54
CA HIS E 291 -20.83 10.68 -22.24
C HIS E 291 -21.10 9.51 -23.18
N LEU E 292 -20.17 8.59 -23.34
CA LEU E 292 -20.37 7.43 -24.20
C LEU E 292 -21.00 6.25 -23.47
N VAL E 293 -21.03 6.25 -22.14
CA VAL E 293 -21.39 5.08 -21.37
C VAL E 293 -22.62 5.39 -20.51
N THR E 294 -23.39 4.33 -20.22
CA THR E 294 -24.55 4.48 -19.35
C THR E 294 -24.15 4.84 -17.93
N ASP E 295 -22.93 4.46 -17.53
CA ASP E 295 -22.40 4.72 -16.20
C ASP E 295 -21.21 5.67 -16.34
N PRO E 296 -21.42 6.98 -16.28
CA PRO E 296 -20.29 7.91 -16.42
C PRO E 296 -19.17 7.67 -15.43
N ARG E 297 -19.50 7.10 -14.25
CA ARG E 297 -18.47 6.84 -13.24
C ARG E 297 -17.63 5.62 -13.56
N ALA E 298 -17.96 4.86 -14.61
CA ALA E 298 -17.03 3.85 -15.10
C ALA E 298 -15.77 4.46 -15.67
N VAL E 299 -15.78 5.77 -15.94
CA VAL E 299 -14.65 6.51 -16.47
C VAL E 299 -14.17 7.45 -15.37
N ALA E 300 -12.95 7.21 -14.88
CA ALA E 300 -12.37 8.02 -13.82
C ALA E 300 -11.12 8.72 -14.34
N VAL E 301 -10.98 10.00 -13.99
CA VAL E 301 -9.78 10.75 -14.35
C VAL E 301 -8.70 10.42 -13.33
N ALA E 302 -7.68 9.67 -13.77
CA ALA E 302 -6.59 9.24 -12.91
C ALA E 302 -5.46 10.26 -12.82
N GLY E 303 -5.57 11.39 -13.50
CA GLY E 303 -4.55 12.43 -13.41
C GLY E 303 -4.67 13.48 -14.49
N ILE E 304 -4.22 14.69 -14.20
CA ILE E 304 -4.23 15.80 -15.15
C ILE E 304 -2.90 16.50 -15.06
N ARG E 305 -2.30 16.79 -16.21
CA ARG E 305 -0.95 17.33 -16.29
C ARG E 305 -0.90 18.44 -17.33
N ASP E 306 0.00 19.40 -17.10
CA ASP E 306 0.28 20.42 -18.10
C ASP E 306 0.94 19.76 -19.31
N GLU E 307 0.65 20.30 -20.49
CA GLU E 307 1.18 19.70 -21.72
C GLU E 307 1.97 20.69 -22.56
N THR E 308 1.26 21.51 -23.34
CA THR E 308 1.90 22.41 -24.29
C THR E 308 2.32 23.70 -23.59
N TRP E 309 3.62 23.97 -23.57
CA TRP E 309 4.15 25.27 -23.15
C TRP E 309 4.37 26.09 -24.40
N LEU E 310 3.42 26.98 -24.69
CA LEU E 310 3.38 27.72 -25.94
C LEU E 310 4.03 29.08 -25.76
N ARG E 311 4.85 29.47 -26.73
CA ARG E 311 5.51 30.77 -26.73
C ARG E 311 5.14 31.47 -28.03
N LEU E 312 4.39 32.56 -27.92
CA LEU E 312 4.00 33.34 -29.10
C LEU E 312 5.22 34.14 -29.54
N VAL E 313 5.76 33.79 -30.71
CA VAL E 313 6.94 34.48 -31.23
C VAL E 313 6.56 35.73 -32.01
N ASP E 314 5.54 35.64 -32.87
CA ASP E 314 4.99 36.80 -33.56
C ASP E 314 3.53 36.91 -33.12
N VAL E 315 3.27 37.77 -32.14
CA VAL E 315 1.94 37.87 -31.55
C VAL E 315 0.93 38.34 -32.59
N GLU E 316 1.28 39.35 -33.38
CA GLU E 316 0.35 39.88 -34.36
C GLU E 316 -0.02 38.82 -35.38
N ALA E 317 0.98 38.10 -35.89
CA ALA E 317 0.72 37.06 -36.88
C ALA E 317 -0.04 35.89 -36.28
N ALA E 318 0.20 35.57 -35.01
CA ALA E 318 -0.53 34.50 -34.35
C ALA E 318 -2.00 34.84 -34.18
N LEU E 319 -2.29 36.04 -33.68
CA LEU E 319 -3.69 36.44 -33.49
C LEU E 319 -4.45 36.50 -34.81
N ALA E 320 -3.76 36.78 -35.92
CA ALA E 320 -4.41 36.88 -37.21
C ALA E 320 -4.65 35.52 -37.85
N ALA E 321 -3.83 34.53 -37.50
CA ALA E 321 -3.96 33.21 -38.09
C ALA E 321 -5.10 32.41 -37.50
N ARG E 322 -5.56 32.78 -36.32
CA ARG E 322 -6.66 32.11 -35.65
C ARG E 322 -7.98 32.81 -35.96
N THR E 323 -9.06 32.07 -35.83
CA THR E 323 -10.41 32.60 -36.07
C THR E 323 -11.13 32.91 -34.75
N TYR E 324 -12.14 33.77 -34.86
CA TYR E 324 -12.92 34.22 -33.70
C TYR E 324 -14.39 34.20 -34.04
N THR E 325 -15.22 34.48 -33.03
CA THR E 325 -16.66 34.55 -33.20
C THR E 325 -17.07 35.96 -33.63
N ASP E 326 -18.34 36.07 -34.06
CA ASP E 326 -18.86 37.34 -34.58
C ASP E 326 -19.16 38.29 -33.41
N GLY E 327 -18.08 38.76 -32.79
CA GLY E 327 -18.17 39.71 -31.70
C GLY E 327 -17.57 41.06 -32.06
N ALA E 328 -17.70 41.99 -31.11
CA ALA E 328 -17.10 43.30 -31.30
C ALA E 328 -15.61 43.24 -31.00
N PRO E 329 -14.80 44.03 -31.71
CA PRO E 329 -13.35 43.96 -31.51
C PRO E 329 -12.94 44.39 -30.10
N VAL E 330 -11.90 43.75 -29.59
CA VAL E 330 -11.28 44.09 -28.31
C VAL E 330 -9.81 44.37 -28.53
N VAL E 331 -9.28 45.36 -27.82
CA VAL E 331 -7.90 45.76 -27.94
C VAL E 331 -7.10 45.13 -26.82
N ILE E 332 -6.09 44.34 -27.18
CA ILE E 332 -5.25 43.63 -26.21
C ILE E 332 -3.86 44.26 -26.25
N GLU E 333 -3.41 44.75 -25.10
CA GLU E 333 -2.05 45.25 -24.95
C GLU E 333 -1.19 44.11 -24.42
N VAL E 334 -0.17 43.73 -25.17
CA VAL E 334 0.69 42.59 -24.85
C VAL E 334 2.04 43.11 -24.38
N GLN E 335 2.57 42.51 -23.31
CA GLN E 335 3.89 42.80 -22.79
C GLN E 335 4.85 41.68 -23.19
N ASP E 336 5.96 42.05 -23.81
CA ASP E 336 6.95 41.07 -24.24
C ASP E 336 8.32 41.71 -24.08
N THR E 337 9.12 41.20 -23.14
CA THR E 337 10.45 41.77 -22.91
C THR E 337 11.52 41.19 -23.83
N LEU E 338 11.51 39.87 -24.04
CA LEU E 338 12.52 39.27 -24.90
C LEU E 338 12.35 39.70 -26.34
N LEU E 339 11.10 39.79 -26.81
CA LEU E 339 10.76 40.14 -28.18
C LEU E 339 9.97 41.44 -28.14
N PRO E 340 10.65 42.59 -28.14
CA PRO E 340 9.92 43.88 -28.06
C PRO E 340 9.00 44.14 -29.25
N HIS E 341 9.16 43.41 -30.35
CA HIS E 341 8.27 43.57 -31.49
C HIS E 341 6.82 43.22 -31.14
N ASN E 342 6.62 42.34 -30.16
CA ASN E 342 5.28 41.94 -29.75
C ASN E 342 4.68 42.88 -28.71
N ALA E 343 5.49 43.70 -28.05
CA ALA E 343 4.98 44.65 -27.06
C ALA E 343 4.23 45.78 -27.73
N ALA E 344 2.93 45.62 -27.92
CA ALA E 344 2.11 46.61 -28.61
C ALA E 344 0.65 46.37 -28.25
N ARG E 345 -0.25 47.12 -28.89
CA ARG E 345 -1.68 46.97 -28.71
C ARG E 345 -2.29 46.44 -30.01
N PHE E 346 -3.10 45.41 -29.91
CA PHE E 346 -3.69 44.75 -31.06
C PHE E 346 -5.20 44.76 -30.95
N SER E 347 -5.87 45.23 -32.00
CA SER E 347 -7.32 45.15 -32.10
C SER E 347 -7.66 43.81 -32.73
N VAL E 348 -8.28 42.93 -31.97
CA VAL E 348 -8.58 41.57 -32.41
C VAL E 348 -10.07 41.47 -32.71
N SER E 349 -10.40 40.98 -33.90
CA SER E 349 -11.78 40.74 -34.28
C SER E 349 -11.82 39.67 -35.35
N SER E 350 -13.01 39.10 -35.55
CA SER E 350 -13.19 38.09 -36.58
C SER E 350 -12.94 38.65 -37.98
N ASP E 351 -12.99 39.97 -38.12
CA ASP E 351 -12.82 40.62 -39.42
C ASP E 351 -11.39 41.09 -39.66
N LYS E 352 -10.70 41.59 -38.65
CA LYS E 352 -9.42 42.25 -38.86
C LYS E 352 -8.59 42.17 -37.58
N VAL E 353 -7.28 41.99 -37.74
CA VAL E 353 -6.33 42.04 -36.64
C VAL E 353 -5.27 43.06 -37.03
N ARG E 354 -5.17 44.15 -36.28
CA ARG E 354 -4.29 45.26 -36.62
C ARG E 354 -3.60 45.79 -35.36
N ARG E 355 -2.45 46.43 -35.58
CA ARG E 355 -1.82 47.18 -34.51
C ARG E 355 -2.58 48.48 -34.30
N THR E 356 -2.74 48.87 -33.04
CA THR E 356 -3.54 50.03 -32.72
C THR E 356 -2.84 50.85 -31.65
N GLN E 357 -3.19 52.14 -31.61
CA GLN E 357 -2.80 53.00 -30.52
C GLN E 357 -3.99 53.35 -29.63
N HIS E 358 -5.17 52.81 -29.92
CA HIS E 358 -6.34 53.04 -29.09
C HIS E 358 -6.11 52.50 -27.68
N THR E 359 -6.81 53.09 -26.72
CA THR E 359 -6.67 52.65 -25.34
C THR E 359 -7.06 51.18 -25.23
N PRO E 360 -6.28 50.35 -24.57
CA PRO E 360 -6.57 48.92 -24.56
C PRO E 360 -7.73 48.58 -23.66
N ASP E 361 -8.40 47.48 -23.98
CA ASP E 361 -9.42 46.91 -23.11
C ASP E 361 -8.82 45.92 -22.13
N ILE E 362 -7.69 45.33 -22.47
CA ILE E 362 -7.03 44.30 -21.66
C ILE E 362 -5.53 44.47 -21.82
N SER E 363 -4.81 44.32 -20.70
CA SER E 363 -3.35 44.34 -20.70
C SER E 363 -2.88 43.02 -20.10
N VAL E 364 -1.96 42.35 -20.80
CA VAL E 364 -1.52 41.02 -20.40
C VAL E 364 -0.12 40.78 -20.94
N ASP E 365 0.65 39.96 -20.22
CA ASP E 365 1.95 39.55 -20.74
C ASP E 365 1.81 38.42 -21.76
N VAL E 366 2.83 38.27 -22.60
CA VAL E 366 2.77 37.32 -23.71
C VAL E 366 2.62 35.89 -23.23
N ALA E 367 3.14 35.57 -22.05
CA ALA E 367 3.01 34.22 -21.52
C ALA E 367 1.56 33.87 -21.26
N ALA E 368 0.83 34.78 -20.61
CA ALA E 368 -0.58 34.50 -20.34
C ALA E 368 -1.42 34.55 -21.61
N LEU E 369 -1.04 35.41 -22.57
CA LEU E 369 -1.73 35.41 -23.86
C LEU E 369 -1.56 34.06 -24.55
N GLY E 370 -0.38 33.47 -24.44
CA GLY E 370 -0.19 32.14 -24.99
C GLY E 370 -1.09 31.11 -24.34
N SER E 371 -1.34 31.24 -23.05
CA SER E 371 -2.22 30.31 -22.35
C SER E 371 -3.65 30.36 -22.90
N VAL E 372 -4.10 31.55 -23.31
CA VAL E 372 -5.44 31.70 -23.87
C VAL E 372 -5.49 31.38 -25.36
N TYR E 373 -4.34 31.45 -26.06
CA TYR E 373 -4.38 31.49 -27.51
C TYR E 373 -5.05 30.25 -28.12
N LEU E 374 -4.82 29.07 -27.54
CA LEU E 374 -5.37 27.85 -28.11
C LEU E 374 -6.73 27.47 -27.55
N GLY E 375 -7.28 28.26 -26.62
CA GLY E 375 -8.56 27.96 -26.02
C GLY E 375 -8.49 27.12 -24.76
N GLY E 376 -7.30 26.78 -24.29
CA GLY E 376 -7.17 26.00 -23.08
C GLY E 376 -7.36 26.76 -21.80
N ASN E 377 -7.54 28.08 -21.91
CA ASN E 377 -7.80 28.94 -20.76
C ASN E 377 -8.66 30.09 -21.23
N THR E 378 -9.38 30.69 -20.29
CA THR E 378 -10.24 31.83 -20.59
C THR E 378 -9.69 33.09 -19.94
N TRP E 379 -10.17 34.23 -20.43
CA TRP E 379 -9.72 35.50 -19.87
C TRP E 379 -10.23 35.71 -18.44
N THR E 380 -11.43 35.20 -18.13
CA THR E 380 -11.95 35.36 -16.77
C THR E 380 -11.09 34.63 -15.77
N ARG E 381 -10.68 33.40 -16.08
CA ARG E 381 -9.92 32.63 -15.10
C ARG E 381 -8.50 33.15 -14.94
N LEU E 382 -7.88 33.63 -16.00
CA LEU E 382 -6.55 34.21 -15.86
C LEU E 382 -6.59 35.53 -15.12
N GLU E 383 -7.64 36.32 -15.34
CA GLU E 383 -7.82 37.54 -14.56
C GLU E 383 -7.99 37.20 -13.07
N ARG E 384 -8.71 36.11 -12.77
CA ARG E 384 -8.91 35.72 -11.38
C ARG E 384 -7.59 35.39 -10.70
N ALA E 385 -6.66 34.80 -11.44
CA ALA E 385 -5.33 34.51 -10.89
C ALA E 385 -4.45 35.74 -10.82
N GLY E 386 -4.92 36.89 -11.32
CA GLY E 386 -4.13 38.10 -11.28
C GLY E 386 -3.17 38.30 -12.42
N LEU E 387 -3.38 37.63 -13.55
CA LEU E 387 -2.50 37.72 -14.71
C LEU E 387 -3.07 38.57 -15.84
N VAL E 388 -4.25 39.15 -15.66
CA VAL E 388 -4.90 39.96 -16.68
C VAL E 388 -5.47 41.21 -16.03
N SER E 389 -5.24 42.37 -16.66
CA SER E 389 -5.77 43.64 -16.18
C SER E 389 -6.83 44.10 -17.17
N ALA E 390 -8.05 44.28 -16.67
CA ALA E 390 -9.22 44.66 -17.44
C ALA E 390 -9.62 46.09 -17.14
N GLN E 391 -10.20 46.77 -18.14
CA GLN E 391 -10.65 48.14 -17.95
C GLN E 391 -12.14 48.21 -17.65
N SER E 392 -12.90 47.16 -17.97
CA SER E 392 -14.30 47.03 -17.65
C SER E 392 -14.56 45.57 -17.28
N PRO E 393 -15.51 45.28 -16.39
CA PRO E 393 -15.84 43.87 -16.14
C PRO E 393 -16.39 43.19 -17.37
N GLY E 394 -16.97 43.95 -18.31
CA GLY E 394 -17.47 43.37 -19.53
C GLY E 394 -16.46 43.28 -20.64
N ALA E 395 -15.29 43.90 -20.46
CA ALA E 395 -14.21 43.70 -21.41
C ALA E 395 -13.75 42.25 -21.37
N ILE E 396 -13.72 41.67 -20.17
CA ILE E 396 -13.37 40.26 -20.02
C ILE E 396 -14.40 39.40 -20.73
N ARG E 397 -15.69 39.73 -20.58
CA ARG E 397 -16.74 38.98 -21.23
C ARG E 397 -16.64 39.09 -22.75
N ALA E 398 -16.37 40.29 -23.26
CA ALA E 398 -16.23 40.47 -24.69
C ALA E 398 -15.05 39.69 -25.23
N ALA E 399 -13.92 39.73 -24.52
CA ALA E 399 -12.74 39.01 -24.98
C ALA E 399 -12.99 37.51 -24.98
N ASP E 400 -13.61 37.00 -23.92
CA ASP E 400 -13.93 35.58 -23.88
C ASP E 400 -14.95 35.20 -24.95
N ALA E 401 -15.88 36.11 -25.29
CA ALA E 401 -16.83 35.82 -26.35
C ALA E 401 -16.13 35.64 -27.69
N LEU E 402 -15.08 36.43 -27.95
CA LEU E 402 -14.35 36.29 -29.20
C LEU E 402 -13.51 35.03 -29.22
N PHE E 403 -12.78 34.77 -28.13
CA PHE E 403 -11.78 33.72 -28.08
C PHE E 403 -12.34 32.33 -27.76
N SER E 404 -13.60 32.22 -27.37
CA SER E 404 -14.12 30.92 -26.94
C SER E 404 -14.03 29.90 -28.06
N THR E 405 -13.74 28.66 -27.68
CA THR E 405 -13.69 27.54 -28.61
C THR E 405 -14.51 26.40 -28.04
N GLY E 406 -14.93 25.49 -28.92
CA GLY E 406 -15.80 24.41 -28.50
C GLY E 406 -15.09 23.22 -27.90
N THR E 407 -13.82 23.03 -28.23
CA THR E 407 -13.04 21.91 -27.75
C THR E 407 -11.82 22.43 -27.01
N GLN E 408 -11.45 21.73 -25.95
CA GLN E 408 -10.21 22.06 -25.27
C GLN E 408 -9.04 21.65 -26.17
N PRO E 409 -8.02 22.49 -26.31
CA PRO E 409 -6.89 22.13 -27.16
C PRO E 409 -6.10 20.99 -26.54
N PHE E 410 -5.42 20.24 -27.41
CA PHE E 410 -4.73 19.04 -26.98
C PHE E 410 -3.73 18.66 -28.07
N ALA E 411 -2.49 18.39 -27.66
CA ALA E 411 -1.44 17.95 -28.57
C ALA E 411 -1.15 16.49 -28.24
N GLY E 412 -1.74 15.58 -28.99
CA GLY E 412 -1.54 14.16 -28.72
C GLY E 412 -0.11 13.65 -28.85
N THR E 413 0.87 14.55 -28.87
CA THR E 413 2.24 14.21 -29.19
C THR E 413 3.19 14.88 -28.22
N ASN E 414 4.25 14.17 -27.86
CA ASN E 414 5.32 14.73 -27.03
C ASN E 414 6.63 14.70 -27.80
N PHE E 415 7.52 15.61 -27.45
CA PHE E 415 8.82 15.69 -28.11
C PHE E 415 9.84 16.39 -27.22
N VAL F 23 4.77 49.81 18.17
CA VAL F 23 3.76 48.98 17.52
C VAL F 23 3.59 47.66 18.28
N THR F 24 4.56 46.76 18.13
CA THR F 24 4.55 45.47 18.79
C THR F 24 5.23 45.55 20.15
N ASP F 25 4.54 45.10 21.19
CA ASP F 25 5.04 45.15 22.56
C ASP F 25 5.29 43.72 23.02
N ILE F 26 6.46 43.48 23.58
CA ILE F 26 6.85 42.16 24.08
C ILE F 26 7.02 42.28 25.58
N ARG F 27 6.10 41.71 26.34
CA ARG F 27 6.15 41.72 27.79
C ARG F 27 5.70 40.38 28.33
N PHE F 28 6.02 40.12 29.59
CA PHE F 28 5.54 38.93 30.24
C PHE F 28 4.07 39.07 30.59
N LEU F 29 3.33 37.97 30.47
CA LEU F 29 1.93 37.95 30.83
C LEU F 29 1.79 38.12 32.33
N GLN F 30 0.66 38.69 32.76
CA GLN F 30 0.50 39.06 34.16
C GLN F 30 -0.80 38.62 34.80
N SER F 31 -1.78 38.17 34.03
CA SER F 31 -3.03 37.65 34.57
C SER F 31 -3.28 36.29 33.94
N ARG F 32 -4.06 35.45 34.63
CA ARG F 32 -4.39 34.15 34.04
C ARG F 32 -5.21 34.32 32.77
N ALA F 33 -5.97 35.41 32.66
CA ALA F 33 -6.71 35.65 31.42
C ALA F 33 -5.75 35.78 30.24
N GLU F 34 -4.61 36.45 30.43
CA GLU F 34 -3.64 36.55 29.36
C GLU F 34 -2.97 35.21 29.07
N HIS F 35 -2.65 34.44 30.11
CA HIS F 35 -2.05 33.12 29.90
C HIS F 35 -2.98 32.21 29.11
N GLU F 36 -4.28 32.27 29.41
CA GLU F 36 -5.24 31.39 28.74
C GLU F 36 -5.37 31.72 27.26
N ARG F 37 -5.33 33.01 26.91
CA ARG F 37 -5.39 33.35 25.49
C ARG F 37 -4.09 32.99 24.80
N ALA F 38 -2.96 33.13 25.50
CA ALA F 38 -1.70 32.69 24.93
C ALA F 38 -1.75 31.21 24.57
N PHE F 39 -2.49 30.42 25.34
CA PHE F 39 -2.71 29.01 24.98
C PHE F 39 -3.51 28.87 23.70
N THR F 40 -4.61 29.62 23.57
CA THR F 40 -5.39 29.54 22.35
C THR F 40 -4.61 30.07 21.15
N VAL F 41 -3.79 31.10 21.36
CA VAL F 41 -2.95 31.60 20.27
C VAL F 41 -1.92 30.56 19.88
N PHE F 42 -1.33 29.88 20.87
CA PHE F 42 -0.38 28.82 20.58
C PHE F 42 -1.05 27.68 19.84
N TRP F 43 -2.25 27.29 20.28
CA TRP F 43 -2.98 26.24 19.57
C TRP F 43 -3.30 26.65 18.15
N ARG F 44 -3.62 27.94 17.94
CA ARG F 44 -3.89 28.42 16.59
C ARG F 44 -2.65 28.34 15.72
N ALA F 45 -1.50 28.75 16.26
CA ALA F 45 -0.28 28.71 15.48
C ALA F 45 0.11 27.26 15.16
N MET F 46 -0.12 26.36 16.11
CA MET F 46 0.17 24.95 15.91
C MET F 46 -0.76 24.31 14.89
N VAL F 47 -1.88 24.96 14.58
CA VAL F 47 -2.85 24.53 13.58
C VAL F 47 -3.52 23.21 13.94
N GLY F 48 -2.77 22.11 13.91
CA GLY F 48 -3.38 20.80 14.03
C GLY F 48 -3.05 20.04 15.29
N LEU F 49 -2.82 20.75 16.36
CA LEU F 49 -2.58 20.10 17.64
C LEU F 49 -3.92 19.70 18.27
N PRO F 50 -4.00 18.53 18.91
CA PRO F 50 -5.26 18.13 19.54
C PRO F 50 -5.67 19.08 20.66
N ALA F 51 -6.97 19.12 20.93
CA ALA F 51 -7.52 20.03 21.94
C ALA F 51 -7.19 19.61 23.37
N GLU F 59 -3.04 25.80 35.86
CA GLU F 59 -3.33 24.38 35.65
C GLU F 59 -2.18 23.64 34.95
N LEU F 60 -1.94 23.96 33.68
CA LEU F 60 -0.86 23.37 32.90
C LEU F 60 0.33 24.31 32.72
N LEU F 61 0.29 25.49 33.33
CA LEU F 61 1.30 26.51 33.12
C LEU F 61 1.98 26.89 34.43
N GLU F 62 3.18 27.44 34.31
CA GLU F 62 3.91 28.03 35.42
C GLU F 62 3.86 29.55 35.25
N LEU F 63 3.27 30.24 36.22
CA LEU F 63 3.06 31.68 36.09
C LEU F 63 4.37 32.43 36.20
N GLY F 64 4.53 33.44 35.34
CA GLY F 64 5.70 34.30 35.44
C GLY F 64 6.81 33.94 34.49
N ARG F 65 6.52 33.16 33.46
CA ARG F 65 7.55 32.73 32.52
C ARG F 65 7.08 32.80 31.08
N TYR F 66 5.89 33.33 30.84
CA TYR F 66 5.27 33.33 29.52
C TYR F 66 5.39 34.72 28.92
N LEU F 67 6.09 34.82 27.78
CA LEU F 67 6.21 36.09 27.08
C LEU F 67 5.11 36.21 26.04
N GLY F 68 4.59 37.41 25.87
CA GLY F 68 3.52 37.66 24.94
C GLY F 68 3.85 38.80 24.00
N ALA F 69 3.32 38.71 22.79
CA ALA F 69 3.48 39.74 21.77
C ALA F 69 2.11 40.37 21.52
N PHE F 70 2.01 41.67 21.81
CA PHE F 70 0.75 42.41 21.73
C PHE F 70 0.84 43.49 20.66
N VAL F 71 -0.11 43.49 19.73
CA VAL F 71 -0.31 44.61 18.81
C VAL F 71 -1.69 45.17 19.07
N GLN F 72 -1.74 46.44 19.51
CA GLN F 72 -2.98 47.08 19.93
C GLN F 72 -3.76 46.16 20.86
N GLY F 73 -3.32 46.07 22.11
CA GLY F 73 -3.95 45.25 23.14
C GLY F 73 -4.33 43.81 22.83
N GLU F 74 -4.15 43.33 21.60
CA GLU F 74 -4.48 41.95 21.27
C GLU F 74 -3.22 41.10 21.23
N LEU F 75 -3.28 39.94 21.87
CA LEU F 75 -2.14 39.05 21.96
C LEU F 75 -2.09 38.19 20.71
N ILE F 76 -0.98 38.25 19.98
CA ILE F 76 -0.86 37.59 18.68
C ILE F 76 0.31 36.64 18.60
N GLY F 77 1.03 36.43 19.70
CA GLY F 77 2.13 35.48 19.71
C GLY F 77 2.66 35.34 21.11
N GLY F 78 3.51 34.34 21.29
CA GLY F 78 4.07 34.12 22.61
C GLY F 78 5.12 33.04 22.62
N ALA F 79 5.80 32.94 23.76
CA ALA F 79 6.83 31.93 24.01
C ALA F 79 6.88 31.72 25.51
N ASP F 80 6.90 30.45 25.93
CA ASP F 80 6.81 30.10 27.33
C ASP F 80 7.98 29.18 27.69
N SER F 81 8.17 28.95 28.99
CA SER F 81 9.22 28.06 29.47
C SER F 81 8.88 27.55 30.86
N TYR F 82 9.57 26.49 31.28
CA TYR F 82 9.39 25.87 32.59
C TYR F 82 10.72 25.78 33.32
N THR F 83 10.65 25.92 34.64
CA THR F 83 11.82 25.68 35.48
C THR F 83 12.10 24.19 35.50
N SER F 84 13.28 23.80 35.03
CA SER F 84 13.58 22.39 34.85
C SER F 84 15.06 22.17 35.12
N TRP F 85 15.48 20.91 35.02
CA TRP F 85 16.89 20.56 35.05
C TRP F 85 17.22 19.65 33.87
N LEU F 86 18.51 19.55 33.57
CA LEU F 86 18.99 18.74 32.46
C LEU F 86 20.27 18.04 32.91
N THR F 87 20.35 16.73 32.65
CA THR F 87 21.50 15.93 33.07
C THR F 87 22.60 16.04 32.02
N VAL F 88 23.73 16.62 32.40
CA VAL F 88 24.86 16.80 31.50
C VAL F 88 25.86 15.67 31.76
N PRO F 89 26.81 15.42 30.86
CA PRO F 89 27.79 14.35 31.11
C PRO F 89 28.48 14.51 32.45
N GLY F 90 28.57 13.41 33.19
CA GLY F 90 29.06 13.42 34.55
C GLY F 90 27.97 13.32 35.60
N GLY F 91 26.71 13.44 35.20
CA GLY F 91 25.59 13.27 36.09
C GLY F 91 25.07 14.55 36.71
N SER F 92 25.81 15.65 36.57
CA SER F 92 25.40 16.91 37.17
C SER F 92 24.08 17.38 36.56
N ARG F 93 23.24 17.96 37.41
CA ARG F 93 21.88 18.35 37.05
C ARG F 93 21.85 19.88 37.02
N VAL F 94 21.83 20.45 35.81
CA VAL F 94 22.00 21.89 35.63
C VAL F 94 20.65 22.61 35.56
N PRO F 95 20.57 23.89 35.94
CA PRO F 95 19.32 24.64 35.79
C PRO F 95 18.97 24.78 34.32
N HIS F 96 17.77 24.35 33.97
CA HIS F 96 17.36 24.22 32.58
C HIS F 96 16.01 24.89 32.37
N ALA F 97 15.88 25.57 31.24
CA ALA F 97 14.64 26.23 30.84
C ALA F 97 13.98 25.38 29.77
N ALA F 98 12.86 24.76 30.11
CA ALA F 98 12.12 23.92 29.18
C ALA F 98 11.24 24.83 28.32
N VAL F 99 11.74 25.18 27.14
CA VAL F 99 11.04 26.12 26.26
C VAL F 99 9.90 25.41 25.54
N THR F 100 8.75 26.06 25.47
CA THR F 100 7.59 25.53 24.77
C THR F 100 6.60 26.65 24.54
N HIS F 101 5.44 26.29 23.98
CA HIS F 101 4.32 27.20 23.73
C HIS F 101 4.65 28.32 22.75
N ILE F 102 5.70 28.15 21.94
CA ILE F 102 6.09 29.18 20.99
C ILE F 102 5.12 29.16 19.81
N GLY F 103 4.65 30.33 19.42
CA GLY F 103 3.76 30.43 18.30
C GLY F 103 3.34 31.86 18.01
N VAL F 104 3.14 32.18 16.73
CA VAL F 104 2.68 33.48 16.28
C VAL F 104 1.50 33.27 15.34
N LEU F 105 0.48 34.12 15.46
CA LEU F 105 -0.67 33.98 14.58
C LEU F 105 -0.24 34.18 13.13
N PRO F 106 -0.87 33.47 12.19
CA PRO F 106 -0.47 33.61 10.77
C PRO F 106 -0.68 35.01 10.21
N THR F 107 -1.51 35.83 10.85
CA THR F 107 -1.71 37.21 10.41
C THR F 107 -0.58 38.13 10.85
N HIS F 108 0.42 37.64 11.57
CA HIS F 108 1.51 38.48 12.06
C HIS F 108 2.87 37.80 11.93
N THR F 109 3.02 36.91 10.96
CA THR F 109 4.26 36.20 10.75
C THR F 109 5.19 37.00 9.85
N ARG F 110 6.47 36.62 9.87
CA ARG F 110 7.51 37.23 9.04
C ARG F 110 7.66 38.74 9.30
N ARG F 111 7.51 39.11 10.58
CA ARG F 111 7.68 40.50 11.00
C ARG F 111 8.69 40.66 12.12
N GLY F 112 9.47 39.62 12.43
CA GLY F 112 10.45 39.67 13.49
C GLY F 112 9.90 39.43 14.88
N ILE F 113 8.66 38.95 14.99
CA ILE F 113 8.05 38.80 16.31
C ILE F 113 8.65 37.63 17.06
N LEU F 114 8.85 36.50 16.39
CA LEU F 114 9.53 35.37 17.03
C LEU F 114 10.94 35.75 17.45
N THR F 115 11.67 36.46 16.59
CA THR F 115 13.01 36.90 16.95
C THR F 115 12.97 37.79 18.19
N ALA F 116 11.97 38.67 18.28
CA ALA F 116 11.81 39.50 19.47
C ALA F 116 11.47 38.66 20.69
N LEU F 117 10.63 37.63 20.51
CA LEU F 117 10.28 36.76 21.62
C LEU F 117 11.49 35.96 22.08
N VAL F 118 12.24 35.38 21.15
CA VAL F 118 13.38 34.54 21.51
C VAL F 118 14.50 35.37 22.15
N THR F 119 14.76 36.56 21.62
CA THR F 119 15.79 37.43 22.21
C THR F 119 15.44 37.79 23.64
N ARG F 120 14.19 38.20 23.88
CA ARG F 120 13.76 38.52 25.24
C ARG F 120 13.78 37.29 26.13
N GLN F 121 13.36 36.14 25.59
CA GLN F 121 13.31 34.92 26.41
C GLN F 121 14.71 34.47 26.84
N LEU F 122 15.65 34.43 25.89
CA LEU F 122 17.00 33.97 26.24
C LEU F 122 17.68 34.89 27.23
N THR F 123 17.53 36.21 27.06
CA THR F 123 18.09 37.14 28.04
C THR F 123 17.43 36.96 29.40
N ASP F 124 16.13 36.68 29.41
CA ASP F 124 15.46 36.41 30.68
C ASP F 124 15.94 35.09 31.28
N ILE F 125 16.13 34.06 30.45
CA ILE F 125 16.66 32.79 30.94
C ILE F 125 18.04 32.99 31.57
N ALA F 126 18.85 33.85 30.96
CA ALA F 126 20.17 34.13 31.52
C ALA F 126 20.06 34.77 32.90
N GLY F 127 19.13 35.72 33.06
CA GLY F 127 18.98 36.41 34.33
C GLY F 127 18.51 35.53 35.47
N ARG F 128 17.81 34.44 35.16
CA ARG F 128 17.36 33.51 36.18
C ARG F 128 18.46 32.59 36.70
N GLY F 129 19.67 32.67 36.15
CA GLY F 129 20.74 31.79 36.56
C GLY F 129 20.73 30.43 35.90
N GLU F 130 19.88 30.21 34.90
CA GLU F 130 19.81 28.94 34.20
C GLU F 130 20.83 28.92 33.07
N ILE F 131 21.47 27.78 32.85
CA ILE F 131 22.62 27.72 31.95
C ILE F 131 22.30 27.09 30.60
N VAL F 132 21.21 26.32 30.49
CA VAL F 132 20.82 25.72 29.23
C VAL F 132 19.34 25.94 29.02
N ALA F 133 18.93 25.94 27.75
CA ALA F 133 17.54 25.94 27.37
C ALA F 133 17.38 24.93 26.25
N SER F 134 16.28 24.19 26.26
CA SER F 134 16.04 23.17 25.26
C SER F 134 14.57 23.17 24.87
N LEU F 135 14.30 22.63 23.68
CA LEU F 135 12.93 22.54 23.17
C LEU F 135 12.82 21.35 22.23
N ARG F 136 11.59 21.08 21.81
CA ARG F 136 11.28 20.10 20.78
C ARG F 136 10.73 20.90 19.61
N ALA F 137 11.46 20.91 18.50
CA ALA F 137 11.12 21.78 17.37
C ALA F 137 10.02 21.17 16.50
N SER F 138 9.01 21.98 16.18
CA SER F 138 7.99 21.54 15.24
C SER F 138 8.51 21.53 13.81
N GLU F 139 9.41 22.46 13.49
CA GLU F 139 10.11 22.47 12.22
C GLU F 139 11.60 22.63 12.51
N ALA F 140 12.42 21.93 11.75
CA ALA F 140 13.85 21.93 12.01
C ALA F 140 14.57 23.12 11.40
N VAL F 141 13.83 24.10 10.89
CA VAL F 141 14.40 25.21 10.14
C VAL F 141 14.17 26.55 10.85
N ILE F 142 13.82 26.51 12.13
CA ILE F 142 13.40 27.70 12.87
C ILE F 142 14.49 28.19 13.81
N TYR F 143 15.01 27.30 14.67
CA TYR F 143 15.69 27.73 15.89
C TYR F 143 17.21 27.76 15.80
N ARG F 144 17.82 27.24 14.74
CA ARG F 144 19.28 27.24 14.72
C ARG F 144 19.83 28.66 14.61
N ARG F 145 19.11 29.56 13.96
CA ARG F 145 19.54 30.95 13.87
C ARG F 145 19.63 31.63 15.23
N PHE F 146 19.04 31.04 16.26
CA PHE F 146 19.05 31.59 17.60
C PHE F 146 20.03 30.89 18.54
N GLY F 147 20.87 30.01 18.01
CA GLY F 147 21.86 29.31 18.82
C GLY F 147 21.46 27.94 19.28
N TYR F 148 20.26 27.48 18.93
CA TYR F 148 19.81 26.14 19.31
C TYR F 148 20.46 25.11 18.40
N GLY F 149 20.99 24.05 18.99
CA GLY F 149 21.58 22.97 18.22
C GLY F 149 20.95 21.63 18.59
N ILE F 150 20.90 20.74 17.60
CA ILE F 150 20.36 19.41 17.83
C ILE F 150 21.36 18.64 18.69
N ALA F 151 21.00 18.38 19.94
CA ALA F 151 21.92 17.77 20.89
C ALA F 151 21.63 16.29 21.14
N THR F 152 20.38 15.87 21.00
CA THR F 152 20.03 14.46 21.15
C THR F 152 19.07 14.08 20.02
N SER F 153 19.06 12.78 19.71
CA SER F 153 18.10 12.21 18.78
C SER F 153 17.49 10.97 19.40
N SER F 154 16.32 10.59 18.89
CA SER F 154 15.59 9.44 19.40
C SER F 154 15.31 8.46 18.26
N ALA F 155 15.14 7.18 18.62
CA ALA F 155 14.91 6.13 17.65
C ALA F 155 13.65 5.36 18.03
N THR F 156 13.09 4.66 17.05
CA THR F 156 11.92 3.82 17.24
C THR F 156 12.28 2.41 16.79
N TYR F 157 12.12 1.44 17.69
CA TYR F 157 12.49 0.06 17.43
C TYR F 157 11.23 -0.78 17.31
N ARG F 158 11.23 -1.70 16.35
CA ARG F 158 10.19 -2.72 16.23
C ARG F 158 10.85 -4.07 16.42
N ILE F 159 10.41 -4.79 17.44
CA ILE F 159 10.98 -6.09 17.79
C ILE F 159 10.02 -7.17 17.34
N GLN F 160 10.53 -8.13 16.57
CA GLN F 160 9.74 -9.30 16.20
C GLN F 160 9.88 -10.30 17.34
N ARG F 161 8.87 -10.35 18.21
CA ARG F 161 9.02 -11.02 19.50
C ARG F 161 9.36 -12.49 19.35
N ARG F 162 8.81 -13.15 18.33
CA ARG F 162 9.07 -14.58 18.17
C ARG F 162 10.56 -14.86 17.99
N ARG F 163 11.29 -13.95 17.35
CA ARG F 163 12.71 -14.09 17.09
C ARG F 163 13.59 -13.53 18.20
N ALA F 164 13.01 -12.97 19.25
CA ALA F 164 13.78 -12.24 20.26
C ALA F 164 13.98 -13.06 21.53
N ALA F 165 14.64 -14.19 21.39
CA ALA F 165 15.04 -14.93 22.57
C ALA F 165 16.31 -14.32 23.15
N PRO F 166 16.42 -14.22 24.47
CA PRO F 166 17.57 -13.55 25.08
C PRO F 166 18.86 -14.29 24.82
N LEU F 167 19.92 -13.52 24.55
CA LEU F 167 21.25 -14.10 24.33
C LEU F 167 21.78 -14.75 25.60
N ARG F 168 21.64 -14.08 26.72
CA ARG F 168 21.95 -14.59 28.04
C ARG F 168 20.67 -14.67 28.85
N PRO F 169 20.58 -15.57 29.84
CA PRO F 169 19.35 -15.66 30.63
C PRO F 169 19.06 -14.33 31.32
N ILE F 170 17.78 -13.94 31.32
CA ILE F 170 17.35 -12.67 31.88
C ILE F 170 16.44 -12.96 33.08
N ASP F 171 16.81 -12.42 34.23
CA ASP F 171 15.98 -12.63 35.41
C ASP F 171 14.79 -11.69 35.36
N THR F 172 13.75 -12.03 36.14
CA THR F 172 12.50 -11.26 36.13
C THR F 172 11.66 -11.54 37.37
N GLY F 173 12.23 -12.09 38.43
CA GLY F 173 11.45 -12.34 39.63
C GLY F 173 10.98 -11.06 40.29
N ALA F 174 11.77 -9.99 40.16
CA ALA F 174 11.41 -8.68 40.70
C ALA F 174 10.39 -7.93 39.84
N ILE F 175 9.96 -8.51 38.70
CA ILE F 175 8.94 -7.86 37.89
C ILE F 175 7.60 -8.00 38.60
N ALA F 176 6.85 -6.91 38.69
CA ALA F 176 5.57 -6.89 39.34
C ALA F 176 4.56 -6.18 38.46
N LEU F 177 3.40 -6.79 38.27
CA LEU F 177 2.34 -6.15 37.50
C LEU F 177 1.62 -5.15 38.40
N LEU F 178 1.49 -3.91 37.92
CA LEU F 178 0.90 -2.80 38.67
C LEU F 178 -0.09 -2.01 37.83
N ASP F 179 -0.69 -2.66 36.83
CA ASP F 179 -1.40 -2.00 35.74
C ASP F 179 -2.32 -0.87 36.18
N ALA F 180 -3.42 -1.22 36.85
CA ALA F 180 -4.40 -0.23 37.25
C ALA F 180 -4.07 0.42 38.58
N ALA F 181 -3.20 -0.19 39.37
CA ALA F 181 -2.81 0.39 40.65
C ALA F 181 -1.76 1.48 40.50
N ALA F 182 -1.35 1.78 39.28
CA ALA F 182 -0.34 2.80 39.06
C ALA F 182 -0.94 4.18 39.29
N SER F 183 -0.13 5.07 39.85
CA SER F 183 -0.56 6.44 40.07
C SER F 183 0.40 7.40 39.40
N PRO F 184 -0.07 8.59 38.99
CA PRO F 184 0.88 9.59 38.51
C PRO F 184 1.89 9.98 39.56
N GLU F 185 1.49 9.98 40.84
CA GLU F 185 2.41 10.36 41.91
C GLU F 185 3.44 9.28 42.16
N GLY F 186 3.03 8.00 42.03
CA GLY F 186 3.97 6.91 42.26
C GLY F 186 4.97 6.76 41.14
N LEU F 187 4.52 6.91 39.89
CA LEU F 187 5.43 6.82 38.75
C LEU F 187 6.38 8.01 38.71
N ALA F 188 5.92 9.19 39.14
CA ALA F 188 6.80 10.35 39.20
C ALA F 188 7.93 10.14 40.20
N ALA F 189 7.67 9.41 41.29
CA ALA F 189 8.72 9.13 42.26
C ALA F 189 9.79 8.22 41.66
N ILE F 190 9.39 7.29 40.80
CA ILE F 190 10.37 6.41 40.16
C ILE F 190 11.20 7.19 39.16
N TYR F 191 10.56 8.07 38.38
CA TYR F 191 11.32 8.83 37.37
C TYR F 191 12.31 9.78 38.02
N GLU F 192 12.01 10.29 39.21
CA GLU F 192 12.84 11.32 39.84
C GLU F 192 14.30 10.91 39.95
N ARG F 193 14.57 9.60 40.03
CA ARG F 193 15.92 9.10 40.15
C ARG F 193 16.66 9.01 38.81
N ALA F 194 16.17 9.72 37.78
CA ALA F 194 16.77 9.66 36.46
C ALA F 194 18.17 10.26 36.47
N ALA F 195 19.14 9.49 35.96
CA ALA F 195 20.52 9.94 35.93
C ALA F 195 21.17 9.86 34.54
N TRP F 196 20.45 9.42 33.52
CA TRP F 196 21.05 9.31 32.21
C TRP F 196 21.17 10.68 31.56
N THR F 197 22.24 10.85 30.77
CA THR F 197 22.51 12.15 30.17
C THR F 197 21.45 12.51 29.14
N GLY F 198 20.95 13.75 29.23
CA GLY F 198 19.88 14.22 28.40
C GLY F 198 18.53 14.25 29.08
N SER F 199 18.39 13.55 30.21
CA SER F 199 17.13 13.51 30.94
C SER F 199 16.79 14.89 31.49
N VAL F 200 15.49 15.19 31.52
CA VAL F 200 14.98 16.47 31.99
C VAL F 200 13.93 16.24 33.06
N ALA F 201 13.72 17.26 33.87
CA ALA F 201 12.73 17.16 34.93
C ALA F 201 11.33 16.99 34.33
N ARG F 202 10.51 16.22 35.03
CA ARG F 202 9.08 16.09 34.69
C ARG F 202 8.27 16.78 35.78
N PRO F 203 7.96 18.06 35.63
CA PRO F 203 7.27 18.79 36.69
C PRO F 203 5.86 18.24 36.90
N PRO F 204 5.20 18.64 37.99
CA PRO F 204 3.80 18.20 38.16
C PRO F 204 2.91 18.58 36.99
N GLN F 205 3.15 19.75 36.38
CA GLN F 205 2.37 20.14 35.22
C GLN F 205 2.52 19.16 34.07
N TRP F 206 3.70 18.54 33.94
CA TRP F 206 3.89 17.54 32.90
C TRP F 206 3.05 16.31 33.16
N TRP F 207 2.98 15.87 34.42
CA TRP F 207 2.20 14.67 34.73
C TRP F 207 0.70 14.93 34.62
N ARG F 208 0.27 16.15 35.00
CA ARG F 208 -1.13 16.53 34.83
C ARG F 208 -1.51 16.52 33.36
N LEU F 209 -0.60 16.96 32.49
CA LEU F 209 -0.86 16.95 31.05
C LEU F 209 -0.98 15.52 30.54
N HIS F 210 -0.13 14.61 31.04
CA HIS F 210 -0.24 13.21 30.63
C HIS F 210 -1.37 12.48 31.34
N GLU F 211 -1.83 12.98 32.49
CA GLU F 211 -3.09 12.47 33.04
C GLU F 211 -4.22 12.70 32.06
N LEU F 212 -4.19 13.86 31.38
CA LEU F 212 -5.26 14.19 30.43
C LEU F 212 -5.18 13.31 29.19
N PHE F 213 -3.97 13.07 28.68
CA PHE F 213 -3.83 12.20 27.52
C PHE F 213 -4.30 10.78 27.82
N ASP F 214 -3.96 10.27 29.01
CA ASP F 214 -4.36 8.90 29.35
C ASP F 214 -5.86 8.78 29.52
N ALA F 215 -6.52 9.81 30.03
CA ALA F 215 -7.98 9.75 30.20
C ALA F 215 -8.69 9.78 28.86
N ALA F 216 -8.11 10.46 27.86
CA ALA F 216 -8.74 10.56 26.54
C ALA F 216 -8.67 9.25 25.78
N ASP F 217 -7.63 8.45 26.01
CA ASP F 217 -7.43 7.21 25.28
C ASP F 217 -8.23 6.09 25.94
N PRO F 218 -9.16 5.44 25.22
CA PRO F 218 -9.93 4.35 25.84
C PRO F 218 -9.06 3.15 26.20
N VAL F 219 -7.96 2.94 25.49
CA VAL F 219 -7.05 1.85 25.83
C VAL F 219 -6.18 2.33 26.98
N LYS F 220 -6.36 1.71 28.11
CA LYS F 220 -5.55 2.14 29.23
C LYS F 220 -4.20 1.40 29.21
N PRO F 221 -3.13 2.03 29.66
CA PRO F 221 -1.81 1.39 29.52
C PRO F 221 -1.52 0.44 30.66
N TYR F 222 -0.81 -0.62 30.32
CA TYR F 222 -0.25 -1.51 31.33
C TYR F 222 0.98 -0.86 31.94
N VAL F 223 1.15 -1.05 33.25
CA VAL F 223 2.30 -0.51 33.97
C VAL F 223 2.94 -1.67 34.71
N VAL F 224 4.15 -2.05 34.31
CA VAL F 224 4.91 -3.10 34.96
C VAL F 224 6.13 -2.46 35.61
N THR F 225 6.42 -2.85 36.84
CA THR F 225 7.42 -2.18 37.65
C THR F 225 8.58 -3.12 37.97
N HIS F 226 9.71 -2.52 38.30
CA HIS F 226 10.91 -3.14 38.85
C HIS F 226 11.38 -2.25 39.98
N PRO F 227 12.11 -2.81 40.96
CA PRO F 227 12.65 -1.95 42.04
C PRO F 227 13.40 -0.73 41.55
N ASP F 228 13.90 -0.75 40.30
CA ASP F 228 14.67 0.35 39.76
C ASP F 228 14.14 0.84 38.42
N GLY F 229 12.85 0.74 38.18
CA GLY F 229 12.28 1.28 36.96
C GLY F 229 10.87 0.79 36.71
N TYR F 230 10.34 1.21 35.56
CA TYR F 230 9.00 0.79 35.14
C TYR F 230 8.94 0.82 33.61
N VAL F 231 7.83 0.31 33.08
CA VAL F 231 7.59 0.32 31.64
C VAL F 231 6.09 0.40 31.41
N ARG F 232 5.67 1.31 30.53
CA ARG F 232 4.26 1.45 30.17
C ARG F 232 4.07 0.95 28.75
N TYR F 233 3.04 0.12 28.55
CA TYR F 233 2.76 -0.35 27.20
C TYR F 233 1.26 -0.51 27.00
N ARG F 234 0.84 -0.32 25.76
CA ARG F 234 -0.53 -0.32 25.32
C ARG F 234 -0.66 -1.20 24.09
N PRO F 235 -1.72 -2.00 24.00
CA PRO F 235 -1.93 -2.79 22.78
C PRO F 235 -2.42 -1.90 21.66
N GLN F 236 -1.93 -2.18 20.46
CA GLN F 236 -2.35 -1.46 19.27
C GLN F 236 -3.47 -2.21 18.57
N ASP F 237 -4.38 -1.45 17.96
CA ASP F 237 -5.58 -1.94 17.31
C ASP F 237 -6.27 -3.10 18.02
N THR F 238 -6.91 -2.80 19.15
CA THR F 238 -7.53 -3.84 19.96
C THR F 238 -8.76 -4.47 19.31
N ALA F 239 -9.41 -3.74 18.39
CA ALA F 239 -10.64 -4.24 17.79
C ALA F 239 -10.41 -5.52 16.99
N GLU F 240 -9.21 -5.74 16.47
CA GLU F 240 -8.92 -6.93 15.69
C GLU F 240 -7.75 -7.70 16.30
N TRP F 241 -7.74 -7.80 17.63
CA TRP F 241 -6.63 -8.44 18.33
C TRP F 241 -6.65 -9.95 18.19
N PHE F 242 -7.79 -10.58 18.49
CA PHE F 242 -7.86 -12.02 18.67
C PHE F 242 -7.73 -12.81 17.37
N SER F 243 -7.48 -12.14 16.25
CA SER F 243 -7.34 -12.84 14.97
C SER F 243 -6.92 -11.86 13.89
N SER F 244 -5.62 -11.63 13.76
CA SER F 244 -5.13 -10.73 12.73
C SER F 244 -3.74 -11.19 12.31
N SER F 245 -2.99 -10.30 11.68
CA SER F 245 -1.66 -10.65 11.20
C SER F 245 -0.59 -10.39 12.26
N ALA F 246 -0.60 -9.20 12.88
CA ALA F 246 0.48 -8.80 13.80
C ALA F 246 -0.11 -8.04 14.99
N ARG F 247 -0.34 -8.77 16.09
CA ARG F 247 -0.70 -8.12 17.34
C ARG F 247 0.52 -7.39 17.88
N THR F 248 0.45 -6.05 17.94
CA THR F 248 1.58 -5.24 18.37
C THR F 248 1.21 -4.42 19.60
N ILE F 249 2.15 -4.28 20.52
CA ILE F 249 2.03 -3.37 21.64
C ILE F 249 3.02 -2.23 21.47
N SER F 250 2.72 -1.10 22.10
CA SER F 250 3.53 0.11 21.98
C SER F 250 3.99 0.56 23.36
N VAL F 251 5.30 0.67 23.53
CA VAL F 251 5.90 1.14 24.78
C VAL F 251 6.20 2.62 24.61
N ASP F 252 5.49 3.46 25.36
CA ASP F 252 5.69 4.90 25.28
C ASP F 252 6.69 5.41 26.30
N ASP F 253 6.98 4.64 27.36
CA ASP F 253 7.93 5.09 28.37
C ASP F 253 8.59 3.88 29.00
N LEU F 254 9.93 3.87 28.97
CA LEU F 254 10.75 2.87 29.62
C LEU F 254 11.77 3.62 30.46
N VAL F 255 11.59 3.62 31.78
CA VAL F 255 12.50 4.27 32.71
C VAL F 255 13.22 3.16 33.46
N ALA F 256 14.54 3.12 33.35
CA ALA F 256 15.36 2.10 34.00
C ALA F 256 16.63 2.73 34.53
N HIS F 257 16.79 2.73 35.86
CA HIS F 257 17.93 3.37 36.49
C HIS F 257 19.10 2.43 36.74
N SER F 258 19.01 1.19 36.27
CA SER F 258 20.07 0.22 36.49
C SER F 258 20.07 -0.78 35.34
N ASP F 259 21.23 -1.38 35.10
CA ASP F 259 21.35 -2.39 34.06
C ASP F 259 20.39 -3.55 34.33
N GLU F 260 20.28 -3.95 35.61
CA GLU F 260 19.40 -5.05 35.97
C GLU F 260 17.94 -4.70 35.72
N ALA F 261 17.53 -3.47 36.05
CA ALA F 261 16.17 -3.06 35.79
C ALA F 261 15.88 -3.01 34.29
N TYR F 262 16.85 -2.53 33.51
CA TYR F 262 16.67 -2.46 32.07
C TYR F 262 16.44 -3.83 31.47
N ARG F 263 17.32 -4.80 31.79
CA ARG F 263 17.16 -6.14 31.22
C ARG F 263 15.88 -6.80 31.71
N ALA F 264 15.55 -6.62 32.99
CA ALA F 264 14.34 -7.23 33.52
C ALA F 264 13.09 -6.67 32.86
N LEU F 265 13.03 -5.35 32.65
CA LEU F 265 11.86 -4.76 32.02
C LEU F 265 11.76 -5.18 30.56
N VAL F 266 12.87 -5.13 29.82
CA VAL F 266 12.84 -5.58 28.43
C VAL F 266 12.54 -7.07 28.36
N GLY F 267 13.13 -7.85 29.25
CA GLY F 267 12.84 -9.28 29.28
C GLY F 267 11.37 -9.57 29.54
N HIS F 268 10.71 -8.72 30.34
CA HIS F 268 9.28 -8.86 30.55
C HIS F 268 8.52 -8.70 29.23
N LEU F 269 8.91 -7.71 28.43
CA LEU F 269 8.24 -7.48 27.16
C LEU F 269 8.46 -8.64 26.20
N LEU F 270 9.69 -9.17 26.15
CA LEU F 270 9.99 -10.27 25.25
C LEU F 270 9.25 -11.55 25.61
N ASP F 271 8.75 -11.67 26.84
CA ASP F 271 8.13 -12.90 27.30
C ASP F 271 6.60 -12.82 27.39
N LEU F 272 6.00 -11.75 26.86
CA LEU F 272 4.55 -11.59 26.86
C LEU F 272 3.97 -12.51 25.79
N ASP F 273 3.06 -13.41 26.19
CA ASP F 273 2.72 -14.57 25.36
C ASP F 273 1.94 -14.23 24.09
N LEU F 274 1.04 -13.25 24.12
CA LEU F 274 0.21 -12.99 22.95
C LEU F 274 0.78 -11.94 21.99
N VAL F 275 1.90 -11.32 22.33
CA VAL F 275 2.43 -10.22 21.52
C VAL F 275 3.35 -10.76 20.43
N ASP F 276 3.14 -10.28 19.21
CA ASP F 276 3.94 -10.64 18.05
C ASP F 276 5.01 -9.61 17.76
N VAL F 277 4.68 -8.32 17.87
CA VAL F 277 5.59 -7.22 17.58
C VAL F 277 5.57 -6.27 18.76
N ILE F 278 6.75 -5.86 19.21
CA ILE F 278 6.91 -4.89 20.29
C ILE F 278 7.51 -3.64 19.68
N GLU F 279 6.84 -2.51 19.84
CA GLU F 279 7.30 -1.24 19.27
C GLU F 279 7.73 -0.33 20.41
N LEU F 280 9.02 0.02 20.42
CA LEU F 280 9.59 0.90 21.42
C LEU F 280 9.88 2.24 20.77
N GLY F 281 9.44 3.32 21.40
CA GLY F 281 9.70 4.65 20.89
C GLY F 281 9.07 5.74 21.74
N PRO F 282 9.79 6.85 21.94
CA PRO F 282 11.17 7.07 21.52
C PRO F 282 12.17 6.41 22.47
N ARG F 283 13.29 5.95 21.95
CA ARG F 283 14.35 5.31 22.72
C ARG F 283 15.70 5.88 22.30
N PRO F 284 16.75 5.67 23.10
CA PRO F 284 18.09 6.13 22.70
C PRO F 284 18.53 5.48 21.40
N ILE F 285 19.30 6.24 20.60
CA ILE F 285 19.76 5.72 19.32
C ILE F 285 20.77 4.60 19.49
N ASP F 286 21.35 4.46 20.68
CA ASP F 286 22.29 3.37 20.96
C ASP F 286 21.74 2.38 21.99
N ASP F 287 20.42 2.21 22.01
CA ASP F 287 19.81 1.28 22.94
C ASP F 287 20.32 -0.13 22.66
N PRO F 288 20.89 -0.81 23.66
CA PRO F 288 21.53 -2.11 23.38
C PRO F 288 20.54 -3.25 23.23
N LEU F 289 19.35 -2.95 22.72
CA LEU F 289 18.38 -4.01 22.42
C LEU F 289 18.97 -5.07 21.49
N PRO F 290 19.62 -4.73 20.37
CA PRO F 290 20.18 -5.78 19.50
C PRO F 290 21.17 -6.70 20.19
N HIS F 291 21.81 -6.25 21.27
CA HIS F 291 22.78 -7.09 21.97
C HIS F 291 22.14 -7.96 23.05
N LEU F 292 20.83 -7.82 23.30
CA LEU F 292 20.13 -8.65 24.27
C LEU F 292 19.61 -9.95 23.67
N VAL F 293 19.55 -10.06 22.35
CA VAL F 293 18.91 -11.18 21.70
C VAL F 293 19.92 -11.92 20.84
N THR F 294 19.69 -13.23 20.68
CA THR F 294 20.55 -14.03 19.83
C THR F 294 20.43 -13.62 18.36
N ASP F 295 19.29 -13.03 17.98
CA ASP F 295 19.02 -12.60 16.61
C ASP F 295 18.95 -11.09 16.60
N PRO F 296 20.07 -10.39 16.39
CA PRO F 296 20.04 -8.92 16.36
C PRO F 296 19.07 -8.35 15.33
N ARG F 297 18.80 -9.07 14.25
CA ARG F 297 17.89 -8.59 13.23
C ARG F 297 16.42 -8.69 13.61
N ALA F 298 16.10 -9.31 14.75
CA ALA F 298 14.77 -9.22 15.31
C ALA F 298 14.45 -7.80 15.78
N VAL F 299 15.46 -6.97 15.93
CA VAL F 299 15.30 -5.59 16.36
C VAL F 299 15.66 -4.71 15.16
N ALA F 300 14.67 -3.99 14.66
CA ALA F 300 14.83 -3.13 13.49
C ALA F 300 14.60 -1.69 13.89
N VAL F 301 15.42 -0.78 13.37
CA VAL F 301 15.24 0.65 13.60
C VAL F 301 14.16 1.14 12.63
N ALA F 302 12.99 1.50 13.17
CA ALA F 302 11.87 1.96 12.37
C ALA F 302 11.90 3.46 12.09
N GLY F 303 12.88 4.18 12.62
CA GLY F 303 12.97 5.60 12.38
C GLY F 303 13.91 6.32 13.32
N ILE F 304 14.44 7.45 12.88
CA ILE F 304 15.32 8.28 13.70
C ILE F 304 14.92 9.73 13.48
N ARG F 305 14.76 10.47 14.58
CA ARG F 305 14.29 11.85 14.52
C ARG F 305 15.09 12.69 15.50
N ASP F 306 15.26 13.98 15.17
CA ASP F 306 15.90 14.89 16.10
C ASP F 306 15.04 15.06 17.33
N GLU F 307 15.70 15.22 18.48
CA GLU F 307 14.97 15.34 19.74
C GLU F 307 15.28 16.65 20.45
N THR F 308 16.41 16.71 21.14
CA THR F 308 16.74 17.87 21.96
C THR F 308 17.38 18.96 21.11
N TRP F 309 16.73 20.11 21.04
CA TRP F 309 17.31 21.32 20.48
C TRP F 309 17.87 22.13 21.64
N LEU F 310 19.18 22.04 21.83
CA LEU F 310 19.85 22.60 22.99
C LEU F 310 20.44 23.97 22.65
N ARG F 311 20.23 24.93 23.55
CA ARG F 311 20.75 26.27 23.42
C ARG F 311 21.57 26.56 24.68
N LEU F 312 22.87 26.75 24.51
CA LEU F 312 23.73 27.07 25.65
C LEU F 312 23.53 28.54 25.99
N VAL F 313 22.95 28.80 27.17
CA VAL F 313 22.73 30.18 27.59
C VAL F 313 23.97 30.75 28.27
N ASP F 314 24.60 29.98 29.15
CA ASP F 314 25.88 30.33 29.76
C ASP F 314 26.90 29.26 29.37
N VAL F 315 27.70 29.53 28.34
CA VAL F 315 28.62 28.54 27.81
C VAL F 315 29.66 28.13 28.85
N GLU F 316 30.24 29.12 29.55
CA GLU F 316 31.29 28.79 30.52
C GLU F 316 30.75 27.90 31.63
N ALA F 317 29.60 28.25 32.19
CA ALA F 317 29.04 27.46 33.28
C ALA F 317 28.60 26.08 32.81
N ALA F 318 28.13 25.98 31.56
CA ALA F 318 27.79 24.67 31.00
C ALA F 318 29.03 23.82 30.83
N LEU F 319 30.09 24.40 30.26
CA LEU F 319 31.34 23.65 30.10
C LEU F 319 31.90 23.21 31.44
N ALA F 320 31.63 23.96 32.50
CA ALA F 320 32.16 23.61 33.82
C ALA F 320 31.32 22.55 34.53
N ALA F 321 30.03 22.47 34.21
CA ALA F 321 29.15 21.52 34.89
C ALA F 321 29.32 20.09 34.40
N ARG F 322 29.91 19.91 33.22
CA ARG F 322 30.13 18.62 32.61
C ARG F 322 31.51 18.09 32.98
N THR F 323 31.68 16.77 32.86
CA THR F 323 32.96 16.14 33.13
C THR F 323 33.68 15.82 31.82
N TYR F 324 35.00 15.66 31.92
CA TYR F 324 35.85 15.37 30.78
C TYR F 324 36.85 14.29 31.17
N THR F 325 37.60 13.80 30.20
CA THR F 325 38.62 12.81 30.45
C THR F 325 39.94 13.49 30.81
N ASP F 326 40.89 12.67 31.30
CA ASP F 326 42.19 13.19 31.73
C ASP F 326 43.06 13.50 30.51
N GLY F 327 42.67 14.56 29.80
CA GLY F 327 43.40 15.02 28.63
C GLY F 327 44.04 16.38 28.84
N ALA F 328 44.76 16.82 27.80
CA ALA F 328 45.40 18.12 27.79
C ALA F 328 44.38 19.20 27.44
N PRO F 329 44.54 20.40 27.99
CA PRO F 329 43.53 21.45 27.76
C PRO F 329 43.44 21.85 26.29
N VAL F 330 42.22 22.18 25.88
CA VAL F 330 41.94 22.72 24.55
C VAL F 330 41.22 24.05 24.72
N VAL F 331 41.57 25.01 23.87
CA VAL F 331 40.96 26.34 23.89
C VAL F 331 39.93 26.39 22.78
N ILE F 332 38.67 26.67 23.14
CA ILE F 332 37.56 26.70 22.20
C ILE F 332 37.08 28.14 22.08
N GLU F 333 37.08 28.69 20.87
CA GLU F 333 36.54 30.00 20.60
C GLU F 333 35.09 29.86 20.17
N VAL F 334 34.17 30.47 20.93
CA VAL F 334 32.75 30.35 20.68
C VAL F 334 32.21 31.64 20.09
N GLN F 335 31.39 31.50 19.05
CA GLN F 335 30.70 32.63 18.42
C GLN F 335 29.23 32.61 18.84
N ASP F 336 28.76 33.74 19.36
CA ASP F 336 27.37 33.85 19.82
C ASP F 336 26.89 35.27 19.54
N THR F 337 25.92 35.42 18.64
CA THR F 337 25.44 36.76 18.31
C THR F 337 24.38 37.25 19.30
N LEU F 338 23.42 36.40 19.66
CA LEU F 338 22.35 36.83 20.57
C LEU F 338 22.86 37.09 21.98
N LEU F 339 23.76 36.24 22.47
CA LEU F 339 24.30 36.36 23.82
C LEU F 339 25.81 36.58 23.75
N PRO F 340 26.26 37.83 23.63
CA PRO F 340 27.70 38.09 23.52
C PRO F 340 28.50 37.66 24.73
N HIS F 341 27.86 37.36 25.86
CA HIS F 341 28.59 36.86 27.02
C HIS F 341 29.31 35.56 26.71
N ASN F 342 28.77 34.78 25.78
CA ASN F 342 29.39 33.52 25.39
C ASN F 342 30.44 33.70 24.30
N ALA F 343 30.45 34.85 23.64
CA ALA F 343 31.46 35.10 22.61
C ALA F 343 32.80 35.34 23.29
N ALA F 344 33.57 34.28 23.47
CA ALA F 344 34.86 34.35 24.14
C ALA F 344 35.67 33.10 23.80
N ARG F 345 36.84 32.98 24.41
CA ARG F 345 37.69 31.81 24.26
C ARG F 345 37.77 31.09 25.61
N PHE F 346 37.54 29.78 25.60
CA PHE F 346 37.46 29.00 26.83
C PHE F 346 38.48 27.87 26.80
N SER F 347 39.28 27.79 27.86
CA SER F 347 40.20 26.68 28.06
C SER F 347 39.46 25.58 28.80
N VAL F 348 39.22 24.47 28.14
CA VAL F 348 38.44 23.36 28.69
C VAL F 348 39.40 22.24 29.07
N SER F 349 39.29 21.76 30.30
CA SER F 349 40.09 20.65 30.78
C SER F 349 39.35 19.95 31.90
N SER F 350 39.78 18.74 32.20
CA SER F 350 39.17 17.97 33.28
C SER F 350 39.36 18.65 34.63
N ASP F 351 40.33 19.55 34.76
CA ASP F 351 40.60 20.20 36.03
C ASP F 351 39.95 21.57 36.16
N LYS F 352 39.88 22.32 35.08
CA LYS F 352 39.44 23.70 35.15
C LYS F 352 38.89 24.13 33.80
N VAL F 353 37.87 24.98 33.85
CA VAL F 353 37.32 25.64 32.68
C VAL F 353 37.28 27.12 32.98
N ARG F 354 38.09 27.91 32.27
CA ARG F 354 38.14 29.35 32.51
C ARG F 354 38.24 30.07 31.17
N ARG F 355 37.90 31.34 31.18
CA ARG F 355 38.14 32.19 30.02
C ARG F 355 39.62 32.51 29.89
N THR F 356 40.11 32.52 28.65
CA THR F 356 41.50 32.77 28.33
C THR F 356 41.55 33.68 27.11
N GLN F 357 42.70 34.35 26.94
CA GLN F 357 42.98 35.10 25.72
C GLN F 357 44.00 34.42 24.84
N HIS F 358 44.46 33.22 25.20
CA HIS F 358 45.35 32.45 24.35
C HIS F 358 44.67 32.17 23.01
N THR F 359 45.49 32.01 21.97
CA THR F 359 44.98 31.71 20.65
C THR F 359 44.22 30.40 20.67
N PRO F 360 43.03 30.33 20.06
CA PRO F 360 42.20 29.13 20.19
C PRO F 360 42.73 27.97 19.37
N ASP F 361 42.39 26.76 19.82
CA ASP F 361 42.62 25.55 19.05
C ASP F 361 41.43 25.19 18.16
N ILE F 362 40.23 25.65 18.51
CA ILE F 362 39.00 25.30 17.80
C ILE F 362 38.06 26.50 17.85
N SER F 363 37.38 26.74 16.72
CA SER F 363 36.38 27.80 16.62
C SER F 363 35.03 27.19 16.21
N VAL F 364 33.97 27.58 16.92
CA VAL F 364 32.63 27.05 16.68
C VAL F 364 31.61 28.12 17.06
N ASP F 365 30.45 28.10 16.40
CA ASP F 365 29.33 28.90 16.85
C ASP F 365 28.59 28.17 17.96
N VAL F 366 27.84 28.93 18.76
CA VAL F 366 27.23 28.36 19.96
C VAL F 366 26.24 27.24 19.62
N ALA F 367 25.62 27.30 18.44
CA ALA F 367 24.67 26.26 18.07
C ALA F 367 25.36 24.91 17.92
N ALA F 368 26.48 24.87 17.19
CA ALA F 368 27.19 23.61 16.99
C ALA F 368 27.86 23.13 18.28
N LEU F 369 28.31 24.06 19.13
CA LEU F 369 28.83 23.64 20.42
C LEU F 369 27.76 22.94 21.25
N GLY F 370 26.52 23.41 21.16
CA GLY F 370 25.42 22.74 21.83
C GLY F 370 25.19 21.33 21.33
N SER F 371 25.41 21.09 20.04
CA SER F 371 25.24 19.76 19.46
C SER F 371 26.22 18.77 20.10
N VAL F 372 27.45 19.21 20.38
CA VAL F 372 28.44 18.33 20.97
C VAL F 372 28.27 18.23 22.48
N TYR F 373 27.64 19.22 23.10
CA TYR F 373 27.73 19.37 24.56
C TYR F 373 27.24 18.14 25.31
N LEU F 374 26.20 17.48 24.80
CA LEU F 374 25.64 16.31 25.48
C LEU F 374 26.26 15.01 25.01
N GLY F 375 27.22 15.05 24.09
CA GLY F 375 27.81 13.84 23.56
C GLY F 375 27.10 13.26 22.36
N GLY F 376 26.07 13.93 21.86
CA GLY F 376 25.35 13.43 20.71
C GLY F 376 26.04 13.66 19.39
N ASN F 377 27.15 14.37 19.40
CA ASN F 377 27.95 14.61 18.20
C ASN F 377 29.40 14.74 18.62
N THR F 378 30.29 14.51 17.67
CA THR F 378 31.73 14.61 17.90
C THR F 378 32.30 15.79 17.13
N TRP F 379 33.51 16.18 17.50
CA TRP F 379 34.16 17.30 16.83
C TRP F 379 34.54 16.95 15.40
N THR F 380 34.90 15.68 15.13
CA THR F 380 35.29 15.30 13.78
C THR F 380 34.12 15.41 12.82
N ARG F 381 32.94 14.93 13.23
CA ARG F 381 31.80 14.90 12.31
C ARG F 381 31.26 16.30 12.03
N LEU F 382 31.24 17.17 13.04
CA LEU F 382 30.80 18.53 12.79
C LEU F 382 31.81 19.31 11.97
N GLU F 383 33.11 19.08 12.18
CA GLU F 383 34.11 19.67 11.31
C GLU F 383 33.95 19.17 9.88
N ARG F 384 33.62 17.90 9.72
CA ARG F 384 33.42 17.35 8.38
C ARG F 384 32.24 18.01 7.69
N ALA F 385 31.21 18.37 8.45
CA ALA F 385 30.06 19.10 7.93
C ALA F 385 30.35 20.59 7.74
N GLY F 386 31.54 21.05 8.11
CA GLY F 386 31.91 22.43 7.92
C GLY F 386 31.48 23.37 9.02
N LEU F 387 31.20 22.86 10.22
CA LEU F 387 30.75 23.66 11.34
C LEU F 387 31.82 23.86 12.41
N VAL F 388 33.02 23.32 12.21
CA VAL F 388 34.13 23.48 13.15
C VAL F 388 35.41 23.74 12.37
N SER F 389 36.16 24.76 12.78
CA SER F 389 37.43 25.10 12.16
C SER F 389 38.54 24.84 13.17
N ALA F 390 39.55 24.07 12.75
CA ALA F 390 40.65 23.69 13.62
C ALA F 390 41.92 24.48 13.29
N GLN F 391 42.66 24.83 14.33
CA GLN F 391 43.93 25.55 14.20
C GLN F 391 45.15 24.66 14.40
N SER F 392 44.96 23.42 14.86
CA SER F 392 46.02 22.44 15.04
C SER F 392 45.57 21.12 14.45
N PRO F 393 46.51 20.29 13.97
CA PRO F 393 46.10 18.97 13.46
C PRO F 393 45.41 18.08 14.49
N GLY F 394 46.00 17.96 15.67
CA GLY F 394 45.44 17.16 16.75
C GLY F 394 44.39 17.83 17.59
N ALA F 395 44.09 19.11 17.33
CA ALA F 395 43.08 19.82 18.12
C ALA F 395 41.72 19.14 18.05
N ILE F 396 41.33 18.67 16.86
CA ILE F 396 40.08 17.93 16.74
C ILE F 396 40.16 16.61 17.49
N ARG F 397 41.28 15.90 17.33
CA ARG F 397 41.45 14.61 18.00
C ARG F 397 41.57 14.79 19.51
N ALA F 398 42.28 15.82 19.97
CA ALA F 398 42.37 16.09 21.40
C ALA F 398 41.02 16.46 21.98
N ALA F 399 40.23 17.27 21.25
CA ALA F 399 38.93 17.68 21.75
C ALA F 399 37.99 16.48 21.87
N ASP F 400 38.01 15.59 20.88
CA ASP F 400 37.20 14.38 20.98
C ASP F 400 37.66 13.48 22.13
N ALA F 401 38.96 13.48 22.42
CA ALA F 401 39.44 12.71 23.57
C ALA F 401 38.86 13.23 24.87
N LEU F 402 38.73 14.55 25.00
CA LEU F 402 38.17 15.13 26.21
C LEU F 402 36.67 14.92 26.27
N PHE F 403 35.96 15.20 25.18
CA PHE F 403 34.52 15.26 25.18
C PHE F 403 33.84 13.89 25.01
N SER F 404 34.59 12.84 24.70
CA SER F 404 33.97 11.56 24.39
C SER F 404 33.17 11.05 25.58
N THR F 405 32.02 10.44 25.29
CA THR F 405 31.17 9.83 26.29
C THR F 405 30.80 8.42 25.81
N GLY F 406 30.41 7.59 26.77
CA GLY F 406 30.10 6.20 26.48
C GLY F 406 28.68 5.97 26.03
N THR F 407 27.78 6.90 26.36
CA THR F 407 26.37 6.77 26.03
C THR F 407 25.90 7.96 25.21
N GLN F 408 25.04 7.70 24.24
CA GLN F 408 24.41 8.76 23.50
C GLN F 408 23.39 9.46 24.40
N PRO F 409 23.33 10.79 24.40
CA PRO F 409 22.35 11.47 25.24
C PRO F 409 20.95 11.24 24.71
N PHE F 410 19.97 11.33 25.61
CA PHE F 410 18.60 10.99 25.29
C PHE F 410 17.69 11.59 26.34
N ALA F 411 16.63 12.26 25.89
CA ALA F 411 15.63 12.86 26.78
C ALA F 411 14.33 12.08 26.59
N GLY F 412 14.09 11.10 27.44
CA GLY F 412 12.88 10.31 27.30
C GLY F 412 11.57 11.06 27.47
N THR F 413 11.63 12.40 27.41
CA THR F 413 10.52 13.27 27.73
C THR F 413 10.39 14.36 26.68
N ASN F 414 9.15 14.69 26.33
CA ASN F 414 8.85 15.79 25.44
C ASN F 414 7.99 16.82 26.16
N PHE F 415 8.08 18.07 25.71
CA PHE F 415 7.33 19.15 26.33
C PHE F 415 7.15 20.29 25.33
N1A ACO G . 3.13 -20.83 23.14
C2A ACO G . 3.87 -21.95 23.07
N3A ACO G . 3.93 -22.94 23.96
C4A ACO G . 3.18 -22.85 25.07
C5A ACO G . 2.37 -21.72 25.27
C6A ACO G . 2.36 -20.67 24.23
N6A ACO G . 1.58 -19.57 24.38
N7A ACO G . 1.73 -21.87 26.44
C8A ACO G . 2.12 -23.05 26.96
N9A ACO G . 3.02 -23.63 26.15
C1B ACO G . 3.65 -24.95 26.39
C2B ACO G . 4.71 -24.85 27.49
O2B ACO G . 6.00 -24.63 26.92
C3B ACO G . 4.64 -26.28 28.03
O3B ACO G . 5.41 -27.11 27.17
P3B ACO G . 6.39 -28.22 27.79
O7A ACO G . 7.40 -27.55 28.69
O8A ACO G . 5.57 -29.24 28.56
O9A ACO G . 7.10 -28.91 26.65
C4B ACO G . 3.17 -26.66 27.87
O4B ACO G . 2.64 -25.85 26.83
C5B ACO G . 2.37 -26.48 29.15
O5B ACO G . 2.61 -25.15 29.60
P1A ACO G . 2.00 -24.57 30.97
O1A ACO G . 3.12 -24.25 31.91
O2A ACO G . 1.05 -25.60 31.54
O3A ACO G . 1.17 -23.24 30.62
P2A ACO G . 1.21 -21.74 31.21
O4A ACO G . 1.09 -21.80 32.72
O5A ACO G . 2.51 -21.07 30.81
O6A ACO G . -0.03 -20.94 30.57
CBP ACO G . -1.11 -19.91 28.66
CCP ACO G . -0.22 -21.04 29.16
CDP ACO G . -2.40 -19.88 29.47
CEP ACO G . -1.43 -20.14 27.19
CAP ACO G . -0.31 -18.63 28.86
OAP ACO G . 0.87 -18.71 28.05
C9P ACO G . -1.08 -17.38 28.52
O9P ACO G . -1.73 -16.79 29.37
N8P ACO G . -0.98 -16.96 27.25
C7P ACO G . -1.63 -15.75 26.75
C6P ACO G . -3.15 -15.76 26.89
C5P ACO G . -3.76 -16.86 26.05
O5P ACO G . -3.31 -17.15 24.95
N4P ACO G . -4.81 -17.49 26.60
C3P ACO G . -5.51 -18.53 25.88
C2P ACO G . -6.86 -18.02 25.38
S1P ACO G . -7.68 -19.32 24.54
C ACO G . -9.15 -19.27 25.34
O ACO G . -9.48 -18.24 25.90
CH3 ACO G . -10.02 -20.50 25.37
S SO4 H . -12.79 -27.45 44.52
O1 SO4 H . -13.86 -28.43 44.28
O2 SO4 H . -13.15 -26.19 43.88
O3 SO4 H . -12.63 -27.23 45.96
O4 SO4 H . -11.54 -27.94 43.96
S SO4 I . -26.66 -22.53 -17.43
O1 SO4 I . -27.58 -22.64 -18.56
O2 SO4 I . -27.43 -22.31 -16.21
O3 SO4 I . -25.74 -21.42 -17.62
O4 SO4 I . -25.89 -23.77 -17.28
S SO4 J . -24.59 -34.20 6.10
O1 SO4 J . -25.34 -33.19 6.85
O2 SO4 J . -24.76 -33.97 4.68
O3 SO4 J . -25.08 -35.53 6.45
O4 SO4 J . -23.18 -34.10 6.46
S SO4 K . 0.90 -33.33 20.30
O1 SO4 K . 0.01 -34.39 19.87
O2 SO4 K . 0.45 -32.05 19.74
O3 SO4 K . 0.92 -33.26 21.76
O4 SO4 K . 2.25 -33.62 19.81
S SO4 L . -11.49 -12.62 -12.36
O1 SO4 L . -12.16 -13.37 -13.43
O2 SO4 L . -11.06 -11.33 -12.88
O3 SO4 L . -12.39 -12.41 -11.24
O4 SO4 L . -10.32 -13.37 -11.91
N1A ACO M . -28.97 0.87 -10.77
C2A ACO M . -29.33 0.59 -12.03
N3A ACO M . -30.52 0.77 -12.61
C4A ACO M . -31.52 1.30 -11.87
C5A ACO M . -31.27 1.63 -10.53
C6A ACO M . -29.92 1.41 -9.96
N6A ACO M . -29.66 1.72 -8.66
N7A ACO M . -32.41 2.13 -10.00
C8A ACO M . -33.34 2.10 -10.99
N9A ACO M . -32.81 1.61 -12.11
C1B ACO M . -33.53 1.44 -13.39
C2B ACO M . -34.46 0.24 -13.35
O2B ACO M . -33.79 -0.94 -13.79
C3B ACO M . -35.50 0.69 -14.39
O3B ACO M . -34.97 0.42 -15.68
P3B ACO M . -35.92 -0.24 -16.80
O7A ACO M . -36.38 -1.58 -16.28
O8A ACO M . -37.10 0.67 -17.02
O9A ACO M . -35.12 -0.40 -18.07
C4B ACO M . -35.57 2.19 -14.22
O4B ACO M . -34.33 2.60 -13.64
C5B ACO M . -36.77 2.61 -13.37
O5B ACO M . -36.75 1.84 -12.19
P1A ACO M . -37.85 1.92 -11.04
O1A ACO M . -38.54 0.57 -10.89
O2A ACO M . -38.84 3.02 -11.35
O3A ACO M . -37.04 2.28 -9.69
P2A ACO M . -36.98 1.64 -8.23
O4A ACO M . -38.37 1.48 -7.64
O5A ACO M . -36.28 0.30 -8.32
O6A ACO M . -36.09 2.64 -7.32
CBP ACO M . -34.02 3.64 -6.64
CCP ACO M . -34.83 3.08 -7.80
CDP ACO M . -34.83 4.67 -5.89
CEP ACO M . -32.74 4.27 -7.17
CAP ACO M . -33.72 2.45 -5.72
OAP ACO M . -32.93 1.49 -6.43
C9P ACO M . -32.99 2.85 -4.46
O9P ACO M . -33.61 3.14 -3.45
N8P ACO M . -31.66 2.83 -4.53
C7P ACO M . -30.79 3.15 -3.42
C6P ACO M . -30.97 4.57 -2.89
C5P ACO M . -30.58 5.62 -3.89
O5P ACO M . -29.63 5.44 -4.63
N4P ACO M . -31.32 6.72 -3.92
C3P ACO M . -30.99 7.80 -4.83
C2P ACO M . -30.34 8.97 -4.09
S1P ACO M . -29.97 10.27 -5.22
C ACO M . -30.71 11.54 -4.41
O ACO M . -30.91 11.47 -3.21
CH3 ACO M . -31.12 12.77 -5.18
S SO4 N . -31.42 7.52 -21.95
O1 SO4 N . -32.49 6.67 -21.45
O2 SO4 N . -31.98 8.46 -22.94
O3 SO4 N . -30.82 8.27 -20.85
O4 SO4 N . -30.39 6.71 -22.58
S SO4 O . -18.85 33.89 -17.45
O1 SO4 O . -18.16 33.88 -18.74
O2 SO4 O . -20.05 34.71 -17.55
O3 SO4 O . -17.97 34.43 -16.42
O4 SO4 O . -19.22 32.52 -17.10
S SO4 P . -51.67 14.54 -3.59
O1 SO4 P . -52.91 13.80 -3.40
O2 SO4 P . -51.88 15.69 -4.47
O3 SO4 P . -51.18 15.02 -2.30
O4 SO4 P . -50.70 13.63 -4.21
S SO4 Q . -42.88 30.21 -37.09
O1 SO4 Q . -42.72 28.85 -37.61
O2 SO4 Q . -43.60 31.02 -38.08
O3 SO4 Q . -43.64 30.15 -35.85
O4 SO4 Q . -41.57 30.81 -36.84
S SO4 R . -18.34 4.78 -7.88
O1 SO4 R . -19.69 4.52 -8.39
O2 SO4 R . -18.01 6.18 -8.07
O3 SO4 R . -18.30 4.46 -6.45
O4 SO4 R . -17.35 3.98 -8.61
S SO4 S . 6.89 17.10 -10.71
O1 SO4 S . 5.49 17.26 -10.30
O2 SO4 S . 6.98 16.12 -11.79
O3 SO4 S . 7.66 16.64 -9.57
O4 SO4 S . 7.43 18.37 -11.18
N1A ACO T . 20.07 -20.49 12.09
C2A ACO T . 20.17 -20.86 13.37
N3A ACO T . 21.11 -21.62 13.92
C4A ACO T . 22.10 -22.10 13.11
C5A ACO T . 22.10 -21.77 11.76
C6A ACO T . 21.00 -20.92 11.23
N6A ACO T . 20.98 -20.58 9.91
N7A ACO T . 23.16 -22.37 11.18
C8A ACO T . 23.82 -23.04 12.16
N9A ACO T . 23.17 -22.87 13.32
C1B ACO T . 23.56 -23.45 14.63
C2B ACO T . 23.20 -24.93 14.65
O2B ACO T . 21.88 -25.14 15.18
C3B ACO T . 24.24 -25.43 15.65
O3B ACO T . 23.76 -25.11 16.96
P3B ACO T . 23.84 -26.20 18.13
O7A ACO T . 23.02 -27.40 17.72
O8A ACO T . 25.29 -26.58 18.32
O9A ACO T . 23.27 -25.57 19.38
C4B ACO T . 25.45 -24.56 15.38
O4B ACO T . 24.97 -23.36 14.78
C5B ACO T . 26.46 -25.24 14.45
O5B ACO T . 25.79 -25.75 13.31
P1A ACO T . 26.57 -26.54 12.17
O1A ACO T . 26.01 -27.95 12.12
O2A ACO T . 28.05 -26.53 12.49
O3A ACO T . 26.30 -25.80 10.76
P2A ACO T . 25.82 -26.30 9.30
O4A ACO T . 26.70 -27.43 8.82
O5A ACO T . 24.37 -26.77 9.37
O6A ACO T . 25.90 -25.07 8.27
CBP ACO T . 25.07 -22.96 7.39
CCP ACO T . 25.28 -23.84 8.63
CDP ACO T . 26.41 -22.75 6.67
CEP ACO T . 24.49 -21.63 7.84
CAP ACO T . 24.07 -23.68 6.48
OAP ACO T . 22.82 -23.77 7.17
C9P ACO T . 23.87 -22.97 5.18
O9P ACO T . 24.56 -23.26 4.21
N8P ACO T . 22.90 -22.05 5.13
C7P ACO T . 22.54 -21.29 3.95
C6P ACO T . 23.68 -20.45 3.39
C5P ACO T . 24.17 -19.37 4.34
O5P ACO T . 23.38 -18.74 5.03
N4P ACO T . 25.48 -19.18 4.35
C3P ACO T . 26.14 -18.16 5.15
C2P ACO T . 26.61 -16.99 4.28
S1P ACO T . 27.42 -15.80 5.27
C ACO T . 28.85 -15.61 4.42
O ACO T . 28.89 -15.89 3.23
CH3 ACO T . 30.07 -15.10 5.12
S SO4 U . 38.75 9.08 14.93
O1 SO4 U . 37.86 7.94 14.73
O2 SO4 U . 38.44 10.14 13.97
O3 SO4 U . 38.58 9.60 16.29
O4 SO4 U . 40.13 8.64 14.76
S SO4 V . 27.32 -16.88 22.13
O1 SO4 V . 25.99 -16.86 21.53
O2 SO4 V . 28.11 -15.78 21.60
O3 SO4 V . 27.22 -16.74 23.58
O4 SO4 V . 27.99 -18.14 21.81
S SO4 W . 45.05 -29.36 3.94
O1 SO4 W . 43.81 -30.00 4.42
O2 SO4 W . 44.98 -29.17 2.49
O3 SO4 W . 46.19 -30.20 4.27
O4 SO4 W . 45.21 -28.06 4.58
S SO4 X . 52.66 -9.43 35.32
O1 SO4 X . 51.85 -10.30 34.46
O2 SO4 X . 52.32 -8.03 35.09
O3 SO4 X . 52.38 -9.77 36.71
O4 SO4 X . 54.07 -9.65 35.03
S SO4 Y . 22.90 29.63 11.30
O1 SO4 Y . 22.31 28.30 11.43
O2 SO4 Y . 21.88 30.57 10.84
O3 SO4 Y . 23.40 30.07 12.61
O4 SO4 Y . 24.02 29.60 10.36
N1A ACO Z . -18.03 -13.25 -21.39
C2A ACO Z . -19.36 -13.34 -21.18
N3A ACO Z . -20.27 -13.98 -21.91
C4A ACO Z . -19.84 -14.64 -23.02
C5A ACO Z . -18.48 -14.63 -23.34
C6A ACO Z . -17.54 -13.89 -22.46
N6A ACO Z . -16.20 -13.85 -22.74
N7A ACO Z . -18.32 -15.35 -24.47
C8A ACO Z . -19.54 -15.79 -24.84
N9A ACO Z . -20.46 -15.37 -23.96
C1B ACO Z . -21.91 -15.68 -24.05
C2B ACO Z . -22.56 -14.82 -25.13
O2B ACO Z . -23.15 -13.65 -24.56
C3B ACO Z . -23.67 -15.77 -25.58
O3B ACO Z . -24.74 -15.70 -24.65
P3B ACO Z . -26.27 -15.60 -25.16
O7A ACO Z . -26.42 -14.36 -26.00
O8A ACO Z . -26.58 -16.83 -25.98
O9A ACO Z . -27.16 -15.54 -23.94
C4B ACO Z . -23.04 -17.15 -25.45
O4B ACO Z . -22.00 -17.03 -24.47
C5B ACO Z . -22.45 -17.70 -26.75
O5B ACO Z . -21.58 -16.72 -27.33
P1A ACO Z . -20.80 -16.93 -28.72
O1A ACO Z . -21.28 -15.90 -29.72
O2A ACO Z . -21.07 -18.33 -29.23
O3A ACO Z . -19.24 -16.73 -28.41
P2A ACO Z . -18.07 -15.85 -29.08
O4A ACO Z . -18.00 -16.17 -30.55
O5A ACO Z . -18.32 -14.37 -28.86
O6A ACO Z . -16.67 -16.24 -28.38
CBP ACO Z . -15.06 -16.21 -26.59
CCP ACO Z . -16.53 -16.27 -26.97
CDP ACO Z . -14.30 -17.31 -27.31
CEP ACO Z . -14.91 -16.40 -25.08
CAP ACO Z . -14.53 -14.84 -27.01
OAP ACO Z . -15.23 -13.83 -26.28
C9P ACO Z . -13.05 -14.66 -26.78
O9P ACO Z . -12.27 -14.95 -27.68
N8P ACO Z . -12.66 -14.16 -25.61
C7P ACO Z . -11.28 -13.88 -25.26
C6P ACO Z . -10.39 -15.11 -25.29
C5P ACO Z . -10.81 -16.10 -24.23
O5P ACO Z . -11.14 -15.71 -23.12
N4P ACO Z . -10.78 -17.37 -24.60
C3P ACO Z . -11.11 -18.46 -23.70
C2P ACO Z . -9.85 -19.18 -23.25
S1P ACO Z . -10.23 -20.53 -22.19
C ACO Z . -9.37 -21.71 -23.01
O ACO Z . -8.45 -21.38 -23.76
CH3 ACO Z . -9.74 -23.15 -22.83
S SO4 AA . -10.23 -41.50 -2.18
O1 SO4 AA . -11.54 -41.84 -2.74
O2 SO4 AA . -10.09 -40.05 -2.14
O3 SO4 AA . -10.11 -42.03 -0.83
O4 SO4 AA . -9.17 -42.07 -3.00
S SO4 BA . -14.21 -31.50 -41.37
O1 SO4 BA . -14.93 -32.77 -41.42
O2 SO4 BA . -14.92 -30.50 -42.15
O3 SO4 BA . -14.12 -31.06 -39.98
O4 SO4 BA . -12.86 -31.68 -41.89
N1A ACO CA . 14.43 25.27 -11.36
C2A ACO CA . 14.18 26.49 -10.86
N3A ACO CA . 14.62 27.68 -11.32
C4A ACO CA . 15.40 27.68 -12.42
C5A ACO CA . 15.72 26.47 -13.04
C6A ACO CA . 15.20 25.20 -12.47
N6A ACO CA . 15.49 24.00 -13.03
N7A ACO CA . 16.50 26.74 -14.11
C8A ACO CA . 16.65 28.09 -14.15
N9A ACO CA . 16.00 28.65 -13.13
C1B ACO CA . 15.93 30.11 -12.87
C2B ACO CA . 17.26 30.58 -12.27
O2B ACO CA . 17.18 30.62 -10.84
C3B ACO CA . 17.29 32.01 -12.81
O3B ACO CA . 16.46 32.81 -11.99
P3B ACO CA . 16.99 34.26 -11.56
O7A ACO CA . 18.27 34.08 -10.79
O8A ACO CA . 17.22 35.07 -12.81
O9A ACO CA . 15.94 34.92 -10.69
C4B ACO CA . 16.61 31.91 -14.17
O4B ACO CA . 15.77 30.75 -14.12
C5B ACO CA . 17.61 31.79 -15.32
O5B ACO CA . 18.53 30.75 -15.02
P1A ACO CA . 19.75 30.37 -16.00
O1A ACO CA . 21.07 30.63 -15.30
O2A ACO CA . 19.64 31.19 -17.28
O3A ACO CA . 19.60 28.81 -16.36
P2A ACO CA . 20.63 27.57 -16.31
O4A ACO CA . 21.90 27.96 -17.02
O5A ACO CA . 20.91 27.21 -14.87
O6A ACO CA . 19.91 26.30 -17.02
CBP ACO CA . 18.35 24.46 -17.13
CCP ACO CA . 18.61 25.88 -16.64
CDP ACO CA . 18.61 24.42 -18.64
CEP ACO CA . 16.93 24.03 -16.83
CAP ACO CA . 19.35 23.56 -16.41
OAP ACO CA . 19.10 23.65 -15.01
C9P ACO CA . 19.29 22.13 -16.84
O9P ACO CA . 19.96 21.77 -17.80
N8P ACO CA . 18.50 21.32 -16.14
C7P ACO CA . 18.34 19.89 -16.37
C6P ACO CA . 17.83 19.57 -17.77
C5P ACO CA . 16.43 20.08 -17.99
O5P ACO CA . 15.59 20.02 -17.10
N4P ACO CA . 16.18 20.58 -19.19
C3P ACO CA . 14.88 21.07 -19.59
C2P ACO CA . 14.25 20.06 -20.54
S1P ACO CA . 12.70 20.65 -21.12
C ACO CA . 12.95 20.46 -22.76
O ACO CA . 13.77 19.67 -23.17
CH3 ACO CA . 12.15 21.30 -23.72
S SO4 DA . -13.94 24.11 -32.04
O1 SO4 DA . -13.61 23.86 -33.44
O2 SO4 DA . -14.57 25.42 -31.90
O3 SO4 DA . -12.72 24.08 -31.25
O4 SO4 DA . -14.85 23.07 -31.57
S SO4 EA . 26.03 31.89 -35.26
O1 SO4 EA . 25.01 32.35 -36.20
O2 SO4 EA . 26.62 30.64 -35.74
O3 SO4 EA . 25.41 31.67 -33.95
O4 SO4 EA . 27.07 32.90 -35.13
S SO4 FA . 7.10 35.57 -14.86
O1 SO4 FA . 6.82 34.16 -14.57
O2 SO4 FA . 6.44 35.93 -16.11
O3 SO4 FA . 6.60 36.40 -13.78
O4 SO4 FA . 8.55 35.77 -15.00
N1A ACO GA . 10.05 28.18 8.32
C2A ACO GA . 11.10 28.77 7.75
N3A ACO GA . 11.72 29.89 8.15
C4A ACO GA . 11.24 30.53 9.24
C5A ACO GA . 10.12 30.02 9.91
C6A ACO GA . 9.51 28.76 9.41
N6A ACO GA . 8.43 28.23 10.03
N7A ACO GA . 9.85 30.83 10.95
C8A ACO GA . 10.76 31.83 10.93
N9A ACO GA . 11.60 31.65 9.88
C1B ACO GA . 12.73 32.54 9.54
C2B ACO GA . 12.17 33.80 8.87
O2B ACO GA . 12.16 33.64 7.44
C3B ACO GA . 13.25 34.79 9.28
O3B ACO GA . 14.37 34.63 8.42
P3B ACO GA . 15.11 35.91 7.79
O7A ACO GA . 14.11 36.71 6.98
O8A ACO GA . 15.68 36.76 8.91
O9A ACO GA . 16.22 35.40 6.90
C4B ACO GA . 13.65 34.33 10.68
O4B ACO GA . 13.35 32.94 10.75
C5B ACO GA . 12.93 35.08 11.80
O5B ACO GA . 11.53 35.05 11.55
P1A ACO GA . 10.42 35.78 12.46
O1A ACO GA . 9.71 36.82 11.64
O2A ACO GA . 11.07 36.39 13.68
O3A ACO GA . 9.35 34.68 12.93
P2A ACO GA . 7.74 34.64 12.87
O4A ACO GA . 7.18 35.89 13.49
O5A ACO GA . 7.31 34.52 11.43
O6A ACO GA . 7.25 33.34 13.68
CBP ACO GA . 6.97 30.95 13.89
CCP ACO GA . 7.85 32.08 13.39
CDP ACO GA . 6.65 31.17 15.38
CEP ACO GA . 7.72 29.64 13.70
CAP ACO GA . 5.67 30.95 13.09
OAP ACO GA . 6.00 30.64 11.73
C9P ACO GA . 4.69 29.94 13.58
O9P ACO GA . 3.85 30.26 14.41
N8P ACO GA . 4.75 28.72 13.03
C7P ACO GA . 3.84 27.65 13.39
C6P ACO GA . 3.89 27.26 14.86
C5P ACO GA . 5.21 26.63 15.26
O5P ACO GA . 5.78 25.88 14.50
N4P ACO GA . 5.70 26.96 16.45
C3P ACO GA . 6.93 26.37 16.95
C2P ACO GA . 6.68 25.37 18.06
S1P ACO GA . 8.18 24.67 18.65
C ACO GA . 8.04 24.98 20.30
O ACO GA . 6.95 25.20 20.81
CH3 ACO GA . 9.28 25.00 21.14
S SO4 HA . 28.78 7.90 30.08
O1 SO4 HA . 28.10 7.06 31.07
O2 SO4 HA . 27.87 8.24 29.00
O3 SO4 HA . 29.24 9.13 30.72
O4 SO4 HA . 29.93 7.18 29.53
S SO4 IA . 8.22 43.03 31.29
O1 SO4 IA . 8.02 41.78 30.56
O2 SO4 IA . 8.06 44.15 30.36
O3 SO4 IA . 7.23 43.10 32.36
O4 SO4 IA . 9.56 43.08 31.87
#